data_8WZ3
#
_entry.id   8WZ3
#
loop_
_entity.id
_entity.type
_entity.pdbx_description
1 polymer '5B11 Fab Heavy Chain'
2 polymer '5B11 Fab Light Chain'
3 polymer 'RSV Fusion glycoprotein'
4 non-polymer 2-acetamido-2-deoxy-beta-D-glucopyranose
#
loop_
_entity_poly.entity_id
_entity_poly.type
_entity_poly.pdbx_seq_one_letter_code
_entity_poly.pdbx_strand_id
1 'polypeptide(L)'
;QIQLVQSGPELKKPGETVKISCKASGYTFTDYSMHWLKQAPGKGLKWMGWITTETGEPTYADDFKGRFAFSLETSASTAY
LQINNLKNEDTGIYFCARYYYGPFYWGQGTLVTVST
;
D,E,G
2 'polypeptide(L)'
;DIQMTQSPASLSASVGETVTITCRSSGNIHNFLTWYQQKQGKSPQFLVYNAKTLADGVSSRFSGSGSGTQFSLKINSLQP
EDFGIYYCQHFWTTPYTFGGGTKLEIK
;
F,H,K
3 'polypeptide(L)'
;QNITEEFYQSTCSAVSKGYLSALRTGWYTSVITIELSNIKENKCNGTDAKVKLIKQELDKYKNAVTELQLLMQSTPATNN
RARRELPRFMNYTLNNAKKTNVTLSKKRKRRFLGFLLGVGSAIASGVAVCKVLHLEGEVNKIKSALLSTNKAVVSLSNGV
SVLTFKVLDLKNYIDKQLLPILNKQSCSISNIETVIEFQQKNNRLLEITREFSVNAGVTTPVSTYMLTNSELLSLINDMP
ITNDQKKLMSNNVQIVRQQSYSIMCIIKEEVLAYVVQLPLYGVIDTPCWKLHTSPLCTTNTKEGSNICLTRTDRGWYCDN
AGSVSFFPQAETCKVQSNRVFCDTMNSLTLPSEVNLCNVDIFNPKYDCKIMTSKTDVSSSVITSLGAIVSCYGKTKCTAS
NKNRGIIKTFSNGCDYVSNKGVDTVSVGNTLYYVNKQEGKSLYVKGEPIINFYDPLVFPSDEFDASISQVNEKINQSLAF
IRKSDEL
;
A,B,C
#
# COMPACT_ATOMS: atom_id res chain seq x y z
N GLN A 1 34.07 18.81 22.83
CA GLN A 1 34.88 19.31 21.73
C GLN A 1 34.17 20.44 21.01
N ILE A 2 32.99 20.81 21.50
CA ILE A 2 32.21 21.91 20.93
C ILE A 2 32.83 23.22 21.39
N GLN A 3 33.30 24.02 20.45
CA GLN A 3 33.98 25.27 20.73
C GLN A 3 33.21 26.44 20.12
N LEU A 4 33.22 27.58 20.81
CA LEU A 4 32.67 28.83 20.28
C LEU A 4 33.68 29.93 20.64
N VAL A 5 34.63 30.15 19.74
CA VAL A 5 35.68 31.14 19.94
C VAL A 5 35.13 32.51 19.56
N GLN A 6 35.47 33.52 20.36
CA GLN A 6 34.91 34.85 20.22
C GLN A 6 36.03 35.85 19.98
N SER A 7 35.64 37.08 19.62
CA SER A 7 36.58 38.12 19.24
C SER A 7 37.40 38.57 20.45
N GLY A 8 38.27 39.54 20.22
CA GLY A 8 39.14 40.06 21.26
C GLY A 8 38.58 41.30 21.93
N PRO A 9 39.30 41.83 22.92
CA PRO A 9 38.84 43.03 23.62
C PRO A 9 38.77 44.23 22.69
N GLU A 10 38.07 45.26 23.14
CA GLU A 10 37.84 46.43 22.32
C GLU A 10 37.73 47.67 23.21
N LEU A 11 37.99 48.82 22.59
CA LEU A 11 37.85 50.11 23.27
C LEU A 11 37.34 51.11 22.22
N LYS A 12 36.20 51.72 22.51
CA LYS A 12 35.55 52.62 21.55
C LYS A 12 35.11 53.88 22.28
N LYS A 13 34.47 54.78 21.54
CA LYS A 13 33.96 56.04 22.04
C LYS A 13 32.45 56.10 21.84
N PRO A 14 31.74 56.76 22.75
CA PRO A 14 30.27 56.86 22.61
C PRO A 14 29.88 57.46 21.27
N GLY A 15 28.97 56.78 20.58
CA GLY A 15 28.50 57.20 19.27
C GLY A 15 29.15 56.48 18.11
N GLU A 16 30.00 55.50 18.36
CA GLU A 16 30.64 54.74 17.29
C GLU A 16 29.80 53.50 16.97
N THR A 17 30.37 52.61 16.15
CA THR A 17 29.74 51.35 15.79
C THR A 17 30.76 50.24 15.98
N VAL A 18 30.30 49.10 16.49
CA VAL A 18 31.19 48.00 16.85
C VAL A 18 30.58 46.69 16.36
N LYS A 19 31.45 45.74 16.02
CA LYS A 19 31.04 44.44 15.50
C LYS A 19 31.82 43.35 16.21
N ILE A 20 31.13 42.56 17.03
CA ILE A 20 31.73 41.44 17.76
C ILE A 20 31.38 40.16 17.02
N SER A 21 32.38 39.30 16.82
CA SER A 21 32.20 38.07 16.05
C SER A 21 32.42 36.85 16.92
N CYS A 22 31.72 35.77 16.58
CA CYS A 22 31.79 34.51 17.32
C CYS A 22 31.94 33.37 16.32
N LYS A 23 33.08 32.68 16.38
CA LYS A 23 33.33 31.52 15.53
C LYS A 23 32.90 30.25 16.24
N ALA A 24 32.30 29.33 15.49
CA ALA A 24 31.68 28.14 16.06
C ALA A 24 32.18 26.91 15.34
N SER A 25 33.03 26.12 16.01
CA SER A 25 33.54 24.88 15.47
C SER A 25 33.15 23.72 16.37
N GLY A 26 33.16 22.51 15.81
CA GLY A 26 32.87 21.31 16.56
C GLY A 26 31.53 20.68 16.26
N TYR A 27 30.72 21.28 15.40
CA TYR A 27 29.41 20.75 15.08
C TYR A 27 28.95 21.37 13.77
N THR A 28 27.89 20.81 13.21
CA THR A 28 27.27 21.39 12.02
C THR A 28 26.64 22.72 12.41
N PHE A 29 27.24 23.82 11.93
CA PHE A 29 26.83 25.16 12.34
C PHE A 29 25.34 25.41 12.09
N THR A 30 24.75 24.70 11.13
CA THR A 30 23.37 24.95 10.73
C THR A 30 22.36 24.21 11.59
N ASP A 31 22.81 23.46 12.59
CA ASP A 31 21.89 22.74 13.47
C ASP A 31 21.27 23.67 14.51
N TYR A 32 22.11 24.29 15.33
CA TYR A 32 21.67 25.07 16.48
C TYR A 32 21.72 26.55 16.16
N SER A 33 20.60 27.24 16.37
CA SER A 33 20.60 28.69 16.32
C SER A 33 21.42 29.25 17.49
N MET A 34 22.18 30.31 17.22
CA MET A 34 23.09 30.86 18.20
C MET A 34 22.42 31.98 18.99
N HIS A 35 22.65 31.98 20.30
CA HIS A 35 22.06 32.93 21.21
C HIS A 35 23.13 33.89 21.73
N TRP A 36 22.70 35.11 22.06
CA TRP A 36 23.60 36.15 22.53
C TRP A 36 23.17 36.61 23.91
N LEU A 37 24.12 36.65 24.84
CA LEU A 37 23.85 36.98 26.23
C LEU A 37 24.81 38.07 26.70
N LYS A 38 24.27 39.15 27.24
CA LYS A 38 25.08 40.26 27.72
C LYS A 38 25.25 40.18 29.23
N GLN A 39 26.48 40.35 29.70
CA GLN A 39 26.75 40.55 31.11
C GLN A 39 26.99 42.03 31.38
N ALA A 40 27.19 42.37 32.65
CA ALA A 40 27.41 43.75 33.04
C ALA A 40 28.21 43.78 34.33
N PRO A 41 29.02 44.83 34.54
CA PRO A 41 29.80 44.90 35.78
C PRO A 41 28.90 45.16 37.00
N GLY A 42 28.82 44.18 37.89
CA GLY A 42 28.02 44.28 39.09
C GLY A 42 26.58 43.84 38.91
N LYS A 43 26.02 44.00 37.72
CA LYS A 43 24.66 43.57 37.45
C LYS A 43 24.63 42.08 37.13
N GLY A 44 23.43 41.56 36.85
CA GLY A 44 23.29 40.16 36.51
C GLY A 44 23.36 39.92 35.02
N LEU A 45 23.33 38.64 34.65
CA LEU A 45 23.41 38.27 33.24
C LEU A 45 22.10 38.53 32.53
N LYS A 46 22.19 38.87 31.25
CA LYS A 46 21.04 39.28 30.46
C LYS A 46 21.06 38.58 29.11
N TRP A 47 19.98 37.87 28.81
CA TRP A 47 19.82 37.21 27.52
C TRP A 47 19.08 38.14 26.58
N MET A 48 19.66 38.40 25.41
CA MET A 48 19.16 39.43 24.51
C MET A 48 18.45 38.90 23.26
N GLY A 49 18.81 37.74 22.77
CA GLY A 49 18.12 37.19 21.61
C GLY A 49 18.93 36.11 20.94
N TRP A 50 18.38 35.65 19.81
CA TRP A 50 19.00 34.60 19.02
C TRP A 50 18.83 34.91 17.55
N ILE A 51 19.51 34.13 16.72
CA ILE A 51 19.45 34.27 15.27
C ILE A 51 19.50 32.88 14.65
N THR A 52 18.46 32.51 13.91
CA THR A 52 18.43 31.20 13.27
C THR A 52 19.57 31.09 12.27
N THR A 53 20.27 29.95 12.29
CA THR A 53 21.41 29.73 11.43
C THR A 53 21.01 29.09 10.09
N GLU A 54 19.73 29.13 9.73
CA GLU A 54 19.26 28.67 8.43
C GLU A 54 18.77 29.83 7.58
N THR A 55 17.80 30.60 8.08
CA THR A 55 17.27 31.75 7.38
C THR A 55 17.93 33.06 7.78
N GLY A 56 18.66 33.09 8.89
CA GLY A 56 19.24 34.31 9.41
C GLY A 56 18.27 35.19 10.16
N GLU A 57 17.00 34.84 10.22
CA GLU A 57 15.98 35.68 10.86
C GLU A 57 16.29 35.87 12.34
N PRO A 58 16.57 37.09 12.78
CA PRO A 58 16.85 37.33 14.19
C PRO A 58 15.62 37.72 14.99
N THR A 59 15.73 37.53 16.30
CA THR A 59 14.71 37.96 17.25
C THR A 59 15.41 38.50 18.50
N TYR A 60 14.85 39.58 19.05
CA TYR A 60 15.51 40.35 20.10
C TYR A 60 14.65 40.40 21.35
N ALA A 61 15.31 40.54 22.49
CA ALA A 61 14.62 40.78 23.75
C ALA A 61 14.23 42.25 23.86
N ASP A 62 13.13 42.50 24.56
CA ASP A 62 12.55 43.84 24.61
C ASP A 62 13.53 44.88 25.14
N ASP A 63 14.51 44.47 25.93
CA ASP A 63 15.52 45.40 26.43
C ASP A 63 16.61 45.71 25.40
N PHE A 64 16.71 44.92 24.33
CA PHE A 64 17.79 45.04 23.36
C PHE A 64 17.25 45.20 21.94
N LYS A 65 16.26 46.07 21.78
CA LYS A 65 15.65 46.32 20.48
C LYS A 65 15.98 47.73 20.01
N GLY A 66 16.20 47.86 18.70
CA GLY A 66 16.39 49.17 18.10
C GLY A 66 17.75 49.39 17.48
N ARG A 67 18.80 48.93 18.15
CA ARG A 67 20.16 49.15 17.66
C ARG A 67 20.93 47.85 17.44
N PHE A 68 20.83 46.89 18.34
CA PHE A 68 21.56 45.63 18.21
C PHE A 68 21.08 44.87 16.98
N ALA A 69 22.04 44.35 16.21
CA ALA A 69 21.74 43.65 14.97
C ALA A 69 22.60 42.40 14.87
N PHE A 70 21.96 41.27 14.61
CA PHE A 70 22.62 39.98 14.52
C PHE A 70 22.83 39.60 13.05
N SER A 71 23.93 38.92 12.78
CA SER A 71 24.25 38.51 11.42
C SER A 71 25.26 37.36 11.47
N LEU A 72 25.36 36.64 10.35
CA LEU A 72 26.21 35.46 10.30
C LEU A 72 26.62 35.19 8.85
N GLU A 73 27.66 34.38 8.70
CA GLU A 73 28.10 33.87 7.40
C GLU A 73 28.06 32.35 7.48
N THR A 74 27.05 31.75 6.85
CA THR A 74 26.90 30.29 6.91
C THR A 74 28.14 29.58 6.40
N SER A 75 28.72 30.07 5.31
CA SER A 75 29.90 29.42 4.73
C SER A 75 31.07 29.43 5.70
N ALA A 76 31.37 30.60 6.28
CA ALA A 76 32.49 30.72 7.20
C ALA A 76 32.24 30.03 8.53
N SER A 77 31.00 29.64 8.82
CA SER A 77 30.62 29.04 10.09
C SER A 77 30.96 29.96 11.26
N THR A 78 30.39 31.16 11.21
CA THR A 78 30.59 32.14 12.26
C THR A 78 29.45 33.15 12.23
N ALA A 79 29.08 33.62 13.41
CA ALA A 79 28.02 34.61 13.58
C ALA A 79 28.57 35.79 14.34
N TYR A 80 28.05 36.98 14.03
CA TYR A 80 28.56 38.20 14.65
C TYR A 80 27.41 39.13 15.00
N LEU A 81 27.69 40.04 15.93
CA LEU A 81 26.75 41.03 16.42
C LEU A 81 27.27 42.42 16.11
N GLN A 82 26.36 43.38 15.99
CA GLN A 82 26.72 44.76 15.69
C GLN A 82 25.92 45.68 16.59
N ILE A 83 26.63 46.52 17.34
CA ILE A 83 25.99 47.45 18.28
C ILE A 83 26.18 48.87 17.79
N ASN A 84 25.19 49.37 17.05
CA ASN A 84 25.28 50.74 16.55
C ASN A 84 25.10 51.75 17.68
N ASN A 85 25.66 52.94 17.47
CA ASN A 85 25.54 54.06 18.40
C ASN A 85 25.89 53.64 19.83
N LEU A 86 27.15 53.26 20.01
CA LEU A 86 27.63 52.84 21.32
C LEU A 86 27.40 53.94 22.35
N LYS A 87 27.09 53.53 23.58
CA LYS A 87 26.82 54.44 24.68
C LYS A 87 27.59 53.97 25.92
N ASN A 88 27.69 54.87 26.89
CA ASN A 88 28.40 54.56 28.13
C ASN A 88 27.77 53.39 28.87
N GLU A 89 26.50 53.09 28.61
CA GLU A 89 25.81 51.99 29.27
C GLU A 89 26.01 50.66 28.57
N ASP A 90 26.44 50.67 27.30
CA ASP A 90 26.66 49.43 26.55
C ASP A 90 27.94 48.72 26.96
N THR A 91 28.63 49.19 27.99
CA THR A 91 29.88 48.57 28.41
C THR A 91 29.62 47.30 29.19
N GLY A 92 30.47 46.30 28.99
CA GLY A 92 30.33 45.04 29.70
C GLY A 92 31.02 43.91 28.94
N ILE A 93 30.41 42.74 29.03
CA ILE A 93 30.92 41.52 28.40
C ILE A 93 29.76 40.88 27.64
N TYR A 94 29.99 40.58 26.37
CA TYR A 94 28.96 40.04 25.49
C TYR A 94 29.29 38.59 25.13
N PHE A 95 28.32 37.70 25.32
CA PHE A 95 28.53 36.27 25.18
C PHE A 95 27.72 35.73 24.00
N CYS A 96 28.30 34.76 23.31
CA CYS A 96 27.60 34.00 22.27
C CYS A 96 27.42 32.57 22.75
N ALA A 97 26.20 32.04 22.60
CA ALA A 97 25.89 30.74 23.18
C ALA A 97 24.89 30.02 22.29
N ARG A 98 24.83 28.70 22.48
CA ARG A 98 23.88 27.85 21.77
C ARG A 98 23.30 26.85 22.76
N TYR A 99 22.25 26.15 22.32
CA TYR A 99 21.56 25.21 23.19
C TYR A 99 22.38 23.95 23.34
N TYR A 100 22.86 23.67 24.56
CA TYR A 100 23.30 22.34 24.88
C TYR A 100 22.06 21.52 25.24
N TYR A 101 22.24 20.36 25.89
CA TYR A 101 21.08 19.53 26.20
C TYR A 101 20.06 20.30 27.01
N GLY A 102 20.41 20.68 28.24
CA GLY A 102 19.59 21.61 28.98
C GLY A 102 20.12 23.03 28.98
N PRO A 103 21.36 23.23 29.45
CA PRO A 103 21.90 24.59 29.60
C PRO A 103 22.55 25.13 28.32
N PHE A 104 23.20 26.28 28.44
CA PHE A 104 23.89 26.90 27.33
C PHE A 104 25.33 26.43 27.27
N TYR A 105 26.03 26.85 26.22
CA TYR A 105 27.47 26.71 26.12
C TYR A 105 28.05 28.08 25.80
N TRP A 106 28.90 28.58 26.69
CA TRP A 106 29.42 29.95 26.60
C TRP A 106 30.83 29.93 26.06
N GLY A 107 31.10 30.84 25.11
CA GLY A 107 32.46 31.12 24.72
C GLY A 107 33.04 32.28 25.51
N GLN A 108 34.36 32.41 25.49
CA GLN A 108 35.01 33.49 26.23
C GLN A 108 34.46 34.84 25.80
N GLY A 109 34.42 35.78 26.75
CA GLY A 109 33.77 37.05 26.51
C GLY A 109 34.63 38.04 25.76
N THR A 110 33.99 39.15 25.38
CA THR A 110 34.66 40.27 24.71
C THR A 110 34.33 41.53 25.50
N LEU A 111 35.26 41.93 26.38
CA LEU A 111 35.04 43.12 27.19
C LEU A 111 35.05 44.35 26.30
N VAL A 112 33.88 44.92 26.07
CA VAL A 112 33.72 46.07 25.19
C VAL A 112 33.39 47.28 26.06
N THR A 113 34.39 48.10 26.34
CA THR A 113 34.21 49.31 27.14
C THR A 113 33.99 50.50 26.23
N VAL A 114 33.13 51.42 26.66
CA VAL A 114 32.78 52.60 25.88
C VAL A 114 33.08 53.81 26.76
N SER A 115 34.25 54.41 26.56
CA SER A 115 34.68 55.59 27.28
C SER A 115 35.06 56.68 26.29
N THR A 116 35.31 57.87 26.81
CA THR A 116 35.67 59.01 25.97
C THR A 116 37.12 59.40 26.16
N ASP B 1 7.45 36.38 30.92
CA ASP B 1 8.43 37.16 31.66
C ASP B 1 8.62 36.58 33.05
N ILE B 2 8.96 35.29 33.11
CA ILE B 2 9.18 34.62 34.39
C ILE B 2 10.49 35.13 34.98
N GLN B 3 10.41 35.83 36.10
CA GLN B 3 11.56 36.38 36.78
C GLN B 3 11.90 35.55 38.00
N MET B 4 13.18 35.21 38.15
CA MET B 4 13.64 34.34 39.21
C MET B 4 14.49 35.12 40.21
N THR B 5 14.44 34.69 41.48
CA THR B 5 15.15 35.35 42.55
C THR B 5 15.79 34.30 43.45
N GLN B 6 17.02 34.57 43.89
CA GLN B 6 17.74 33.68 44.78
C GLN B 6 17.73 34.24 46.19
N SER B 7 17.55 33.35 47.18
CA SER B 7 17.46 33.82 48.56
C SER B 7 18.80 34.22 49.14
N PRO B 8 19.90 33.44 49.01
CA PRO B 8 21.15 33.89 49.65
C PRO B 8 21.99 34.77 48.73
N ALA B 9 21.58 36.05 48.62
CA ALA B 9 22.33 36.99 47.78
C ALA B 9 23.79 37.08 48.18
N SER B 10 24.10 36.81 49.45
CA SER B 10 25.47 36.66 49.92
C SER B 10 25.62 35.28 50.56
N LEU B 11 26.86 34.90 50.82
CA LEU B 11 27.12 33.57 51.36
C LEU B 11 28.54 33.52 51.88
N SER B 12 28.76 32.60 52.81
CA SER B 12 30.09 32.38 53.40
C SER B 12 30.07 31.03 54.09
N ALA B 13 31.08 30.21 53.84
CA ALA B 13 31.10 28.85 54.35
C ALA B 13 32.53 28.41 54.60
N SER B 14 32.66 27.27 55.28
CA SER B 14 33.94 26.67 55.60
C SER B 14 34.40 25.78 54.45
N VAL B 15 35.43 24.97 54.70
CA VAL B 15 35.97 24.06 53.69
C VAL B 15 35.46 22.64 53.88
N GLY B 16 34.45 22.46 54.75
CA GLY B 16 33.90 21.13 54.95
C GLY B 16 32.39 21.09 55.13
N GLU B 17 31.74 22.24 55.05
CA GLU B 17 30.32 22.34 55.32
C GLU B 17 29.50 21.96 54.07
N THR B 18 28.22 21.67 54.28
CA THR B 18 27.27 21.44 53.19
C THR B 18 26.33 22.63 53.11
N VAL B 19 26.39 23.35 51.99
CA VAL B 19 25.62 24.58 51.81
C VAL B 19 24.57 24.34 50.74
N THR B 20 23.46 25.07 50.84
CA THR B 20 22.32 24.90 49.95
C THR B 20 21.87 26.26 49.43
N ILE B 21 21.66 26.35 48.12
CA ILE B 21 21.16 27.56 47.47
C ILE B 21 19.79 27.27 46.88
N THR B 22 18.93 28.29 46.89
CA THR B 22 17.55 28.13 46.43
C THR B 22 17.22 29.21 45.40
N CYS B 23 16.33 28.86 44.48
CA CYS B 23 15.78 29.80 43.51
C CYS B 23 14.27 29.68 43.50
N ARG B 24 13.59 30.82 43.46
CA ARG B 24 12.13 30.87 43.47
C ARG B 24 11.66 31.45 42.14
N SER B 25 10.93 30.65 41.38
CA SER B 25 10.41 31.08 40.09
C SER B 25 9.10 31.84 40.25
N SER B 26 8.92 32.87 39.43
CA SER B 26 7.67 33.61 39.38
C SER B 26 6.61 32.93 38.52
N GLY B 27 6.86 31.69 38.12
CA GLY B 27 5.91 30.94 37.32
C GLY B 27 6.22 29.47 37.42
N ASN B 28 5.36 28.66 36.81
CA ASN B 28 5.48 27.20 36.90
C ASN B 28 6.39 26.72 35.78
N ILE B 29 7.70 26.83 35.99
CA ILE B 29 8.68 26.19 35.12
C ILE B 29 8.78 24.75 35.62
N HIS B 30 8.00 23.86 34.98
CA HIS B 30 7.73 22.53 35.50
C HIS B 30 8.95 21.84 36.08
N ASN B 31 10.00 21.69 35.27
CA ASN B 31 11.19 21.00 35.71
C ASN B 31 12.47 21.69 35.25
N PHE B 32 12.39 22.60 34.29
CA PHE B 32 13.55 23.05 33.52
C PHE B 32 14.30 24.13 34.28
N LEU B 33 15.51 23.78 34.73
CA LEU B 33 16.37 24.72 35.44
C LEU B 33 17.81 24.29 35.20
N THR B 34 18.75 25.20 35.47
CA THR B 34 20.16 24.89 35.40
C THR B 34 20.93 25.85 36.27
N TRP B 35 22.10 25.41 36.75
CA TRP B 35 22.91 26.15 37.69
C TRP B 35 24.31 26.31 37.11
N TYR B 36 24.64 27.51 36.67
CA TYR B 36 25.98 27.83 36.24
C TYR B 36 26.82 28.31 37.41
N GLN B 37 28.13 28.22 37.26
CA GLN B 37 29.07 28.80 38.22
C GLN B 37 30.18 29.49 37.46
N GLN B 38 30.46 30.73 37.84
CA GLN B 38 31.43 31.56 37.14
C GLN B 38 32.65 31.76 38.04
N LYS B 39 33.81 31.35 37.55
CA LYS B 39 35.05 31.51 38.28
C LYS B 39 35.53 32.97 38.15
N GLN B 40 36.76 33.23 38.59
CA GLN B 40 37.29 34.60 38.64
C GLN B 40 37.59 35.08 37.23
N GLY B 41 36.54 35.49 36.53
CA GLY B 41 36.69 36.06 35.21
C GLY B 41 36.65 35.05 34.08
N LYS B 42 35.75 34.08 34.18
CA LYS B 42 35.56 33.07 33.15
C LYS B 42 34.12 33.15 32.63
N SER B 43 33.78 32.20 31.75
CA SER B 43 32.43 32.04 31.22
C SER B 43 31.64 31.08 32.11
N PRO B 44 30.35 31.35 32.33
CA PRO B 44 29.58 30.53 33.27
C PRO B 44 29.45 29.09 32.80
N GLN B 45 30.11 28.17 33.51
CA GLN B 45 30.01 26.74 33.19
C GLN B 45 28.86 26.13 33.96
N PHE B 46 28.03 25.35 33.26
CA PHE B 46 26.85 24.78 33.87
C PHE B 46 27.21 23.56 34.70
N LEU B 47 26.41 23.31 35.74
CA LEU B 47 26.60 22.18 36.64
C LEU B 47 25.58 21.07 36.46
N VAL B 48 24.35 21.40 36.08
CA VAL B 48 23.29 20.41 35.93
C VAL B 48 22.60 20.64 34.59
N TYR B 49 22.21 19.54 33.94
CA TYR B 49 21.39 19.64 32.73
C TYR B 49 19.95 19.98 33.04
N ASN B 50 19.49 19.69 34.25
CA ASN B 50 18.10 19.86 34.63
C ASN B 50 18.05 20.05 36.13
N ALA B 51 16.84 20.21 36.67
CA ALA B 51 16.70 20.44 38.10
C ALA B 51 17.30 19.31 38.92
N LYS B 52 17.22 18.08 38.42
CA LYS B 52 17.67 16.90 39.16
C LYS B 52 18.91 16.25 38.55
N THR B 53 18.87 15.89 37.28
CA THR B 53 19.96 15.15 36.65
C THR B 53 21.16 16.07 36.42
N LEU B 54 22.18 15.92 37.27
CA LEU B 54 23.37 16.73 37.15
C LEU B 54 24.10 16.43 35.85
N ALA B 55 25.03 17.32 35.49
CA ALA B 55 25.76 17.21 34.24
C ALA B 55 27.04 16.40 34.43
N ASP B 56 27.39 15.62 33.41
CA ASP B 56 28.62 14.83 33.47
C ASP B 56 29.83 15.76 33.50
N GLY B 57 30.89 15.29 34.16
CA GLY B 57 32.12 16.03 34.30
C GLY B 57 32.27 16.73 35.65
N VAL B 58 31.16 17.08 36.30
CA VAL B 58 31.23 17.74 37.59
C VAL B 58 31.24 16.69 38.70
N SER B 59 31.75 17.08 39.86
CA SER B 59 31.79 16.19 41.00
C SER B 59 30.39 15.91 41.53
N SER B 60 30.26 14.80 42.26
CA SER B 60 28.95 14.31 42.69
C SER B 60 28.37 15.07 43.88
N ARG B 61 29.14 15.96 44.51
CA ARG B 61 28.63 16.64 45.69
C ARG B 61 27.51 17.63 45.34
N PHE B 62 27.52 18.19 44.13
CA PHE B 62 26.41 19.01 43.68
C PHE B 62 25.18 18.13 43.48
N SER B 63 24.06 18.53 44.06
CA SER B 63 22.84 17.73 43.98
C SER B 63 21.66 18.69 43.91
N GLY B 64 21.04 18.77 42.74
CA GLY B 64 19.89 19.64 42.56
C GLY B 64 18.58 18.93 42.85
N SER B 65 17.59 19.71 43.27
CA SER B 65 16.27 19.18 43.55
C SER B 65 15.25 20.29 43.34
N GLY B 66 14.01 19.89 43.11
CA GLY B 66 12.90 20.82 43.01
C GLY B 66 12.05 20.54 41.79
N SER B 67 10.94 21.26 41.73
CA SER B 67 10.00 21.20 40.61
C SER B 67 9.01 22.33 40.74
N GLY B 68 8.63 22.92 39.60
CA GLY B 68 7.57 23.90 39.55
C GLY B 68 7.98 25.30 39.93
N THR B 69 8.07 25.59 41.24
CA THR B 69 8.38 26.94 41.67
C THR B 69 9.34 26.99 42.85
N GLN B 70 10.09 25.91 43.12
CA GLN B 70 10.99 25.91 44.27
C GLN B 70 12.08 24.88 44.01
N PHE B 71 13.31 25.35 43.81
CA PHE B 71 14.43 24.50 43.47
C PHE B 71 15.58 24.73 44.46
N SER B 72 16.48 23.75 44.53
CA SER B 72 17.51 23.76 45.55
C SER B 72 18.77 23.10 45.00
N LEU B 73 19.84 23.87 44.88
CA LEU B 73 21.17 23.33 44.62
C LEU B 73 21.90 23.14 45.94
N LYS B 74 22.50 21.98 46.12
CA LYS B 74 23.17 21.63 47.37
C LYS B 74 24.58 21.19 47.08
N ILE B 75 25.56 21.93 47.61
CA ILE B 75 26.96 21.55 47.54
C ILE B 75 27.24 20.70 48.77
N ASN B 76 27.34 19.38 48.59
CA ASN B 76 27.45 18.46 49.71
C ASN B 76 28.77 18.56 50.45
N SER B 77 29.74 19.32 49.92
CA SER B 77 31.00 19.58 50.59
C SER B 77 31.73 20.67 49.80
N LEU B 78 32.37 21.58 50.53
CA LEU B 78 33.11 22.64 49.87
C LEU B 78 34.59 22.30 49.77
N GLN B 79 35.21 22.76 48.69
CA GLN B 79 36.63 22.61 48.44
C GLN B 79 37.15 23.93 47.88
N PRO B 80 38.45 24.10 47.72
CA PRO B 80 38.95 25.34 47.08
C PRO B 80 38.38 25.57 45.69
N GLU B 81 37.96 24.52 44.98
CA GLU B 81 37.38 24.71 43.66
C GLU B 81 35.98 25.31 43.74
N ASP B 82 35.17 24.84 44.69
CA ASP B 82 33.75 25.21 44.76
C ASP B 82 33.56 26.61 45.34
N PHE B 83 34.13 27.60 44.65
CA PHE B 83 34.03 28.98 45.08
C PHE B 83 33.91 29.88 43.86
N GLY B 84 32.88 30.72 43.84
CA GLY B 84 32.64 31.63 42.74
C GLY B 84 31.31 32.32 42.87
N ILE B 85 30.58 32.47 41.77
CA ILE B 85 29.24 33.02 41.76
C ILE B 85 28.33 32.01 41.07
N TYR B 86 27.17 31.75 41.67
CA TYR B 86 26.25 30.71 41.20
C TYR B 86 24.96 31.37 40.75
N TYR B 87 24.66 31.28 39.46
CA TYR B 87 23.40 31.76 38.90
C TYR B 87 22.48 30.59 38.62
N CYS B 88 21.21 30.91 38.36
CA CYS B 88 20.23 29.91 38.01
C CYS B 88 19.29 30.49 36.98
N GLN B 89 18.98 29.70 35.95
CA GLN B 89 18.23 30.18 34.80
C GLN B 89 17.19 29.16 34.39
N HIS B 90 16.00 29.64 34.06
CA HIS B 90 14.98 28.80 33.45
C HIS B 90 15.17 28.79 31.94
N PHE B 91 14.89 27.65 31.33
CA PHE B 91 14.86 27.55 29.89
C PHE B 91 13.55 26.95 29.42
N TRP B 92 12.45 27.37 30.04
CA TRP B 92 11.14 26.88 29.67
C TRP B 92 10.55 27.66 28.49
N THR B 93 10.57 28.99 28.57
CA THR B 93 10.11 29.81 27.47
C THR B 93 10.86 31.13 27.46
N THR B 94 10.83 31.81 26.31
CA THR B 94 11.56 33.05 26.07
C THR B 94 10.73 34.24 26.54
N PRO B 95 11.39 35.29 27.05
CA PRO B 95 12.84 35.42 27.21
C PRO B 95 13.38 34.76 28.47
N TYR B 96 14.62 34.29 28.42
CA TYR B 96 15.22 33.62 29.54
C TYR B 96 15.72 34.63 30.56
N THR B 97 15.68 34.25 31.84
CA THR B 97 16.06 35.14 32.92
C THR B 97 17.00 34.39 33.86
N PHE B 98 17.75 35.16 34.64
CA PHE B 98 18.74 34.63 35.55
C PHE B 98 18.42 35.06 36.97
N GLY B 99 18.93 34.30 37.93
CA GLY B 99 18.86 34.72 39.32
C GLY B 99 19.84 35.83 39.63
N GLY B 100 19.57 36.52 40.75
CA GLY B 100 20.38 37.65 41.15
C GLY B 100 21.86 37.34 41.28
N GLY B 101 22.19 36.08 41.53
CA GLY B 101 23.58 35.68 41.69
C GLY B 101 23.88 35.44 43.17
N THR B 102 24.60 34.35 43.42
CA THR B 102 24.96 33.96 44.79
C THR B 102 26.48 33.91 44.88
N LYS B 103 27.05 34.87 45.63
CA LYS B 103 28.50 34.92 45.80
C LYS B 103 28.90 34.08 47.01
N LEU B 104 29.79 33.13 46.80
CA LEU B 104 30.25 32.22 47.84
C LEU B 104 31.72 32.46 48.11
N GLU B 105 32.03 32.82 49.36
CA GLU B 105 33.41 33.07 49.78
C GLU B 105 33.72 32.25 51.02
N ILE B 106 35.00 32.28 51.41
CA ILE B 106 35.44 31.50 52.56
C ILE B 106 34.84 32.07 53.84
N LYS B 107 34.73 31.21 54.85
CA LYS B 107 34.17 31.60 56.15
C LYS B 107 34.97 32.72 56.80
N GLN C 1 -20.35 -12.06 22.95
CA GLN C 1 -20.44 -13.20 22.05
C GLN C 1 -21.89 -13.67 21.93
N ASN C 2 -22.82 -12.76 22.19
CA ASN C 2 -24.26 -13.03 22.14
C ASN C 2 -24.89 -12.45 20.88
N ILE C 3 -24.18 -12.51 19.76
CA ILE C 3 -24.68 -11.89 18.53
C ILE C 3 -25.97 -12.55 18.10
N THR C 4 -26.95 -11.74 17.72
CA THR C 4 -28.21 -12.23 17.18
C THR C 4 -28.52 -11.52 15.87
N GLU C 5 -29.73 -11.70 15.35
CA GLU C 5 -30.13 -11.07 14.10
C GLU C 5 -31.65 -11.15 14.00
N GLU C 6 -32.22 -10.28 13.16
CA GLU C 6 -33.68 -10.19 13.08
C GLU C 6 -34.04 -9.66 11.69
N PHE C 7 -34.48 -10.57 10.82
CA PHE C 7 -34.94 -10.17 9.50
C PHE C 7 -36.37 -9.66 9.59
N TYR C 8 -36.62 -8.50 8.98
CA TYR C 8 -37.95 -7.90 8.96
C TYR C 8 -38.46 -7.95 7.53
N GLN C 9 -39.36 -8.90 7.27
CA GLN C 9 -39.90 -9.06 5.93
C GLN C 9 -40.67 -7.83 5.48
N SER C 10 -41.31 -7.13 6.41
CA SER C 10 -42.12 -5.97 6.04
C SER C 10 -41.30 -4.88 5.35
N THR C 11 -39.99 -4.84 5.60
CA THR C 11 -39.13 -3.84 5.00
C THR C 11 -37.87 -4.41 4.39
N CYS C 12 -37.67 -5.73 4.47
CA CYS C 12 -36.57 -6.42 3.81
C CYS C 12 -35.23 -5.91 4.33
N SER C 13 -35.04 -6.06 5.63
CA SER C 13 -33.81 -5.64 6.29
C SER C 13 -33.52 -6.57 7.46
N ALA C 14 -32.29 -6.52 7.96
CA ALA C 14 -31.84 -7.43 9.00
C ALA C 14 -30.89 -6.70 9.94
N VAL C 15 -31.19 -6.74 11.24
CA VAL C 15 -30.46 -6.00 12.26
C VAL C 15 -29.72 -6.99 13.15
N SER C 16 -28.38 -7.01 13.04
CA SER C 16 -27.57 -7.67 14.05
C SER C 16 -27.59 -6.83 15.33
N LYS C 17 -27.44 -7.49 16.47
CA LYS C 17 -27.66 -6.78 17.73
C LYS C 17 -26.62 -6.97 18.83
N GLY C 18 -25.85 -8.05 18.84
CA GLY C 18 -25.06 -8.34 20.02
C GLY C 18 -23.70 -7.69 20.10
N TYR C 19 -23.58 -6.45 19.65
CA TYR C 19 -22.28 -5.82 19.48
C TYR C 19 -21.98 -4.82 20.59
N LEU C 20 -20.71 -4.41 20.64
CA LEU C 20 -20.19 -3.42 21.58
C LEU C 20 -19.66 -2.22 20.79
N SER C 21 -18.99 -1.31 21.47
CA SER C 21 -18.51 -0.10 20.82
C SER C 21 -17.15 0.31 21.37
N ALA C 22 -16.28 0.76 20.47
CA ALA C 22 -15.09 1.53 20.80
C ALA C 22 -15.02 2.68 19.81
N LEU C 23 -15.68 3.78 20.12
CA LEU C 23 -15.81 4.91 19.21
C LEU C 23 -14.68 5.90 19.44
N ARG C 24 -13.86 6.12 18.42
CA ARG C 24 -12.80 7.12 18.52
C ARG C 24 -13.42 8.50 18.60
N THR C 25 -13.19 9.20 19.72
CA THR C 25 -13.72 10.53 19.94
C THR C 25 -12.67 11.62 20.01
N GLY C 26 -11.39 11.26 20.19
CA GLY C 26 -10.34 12.25 20.30
C GLY C 26 -9.01 11.69 19.85
N TRP C 27 -7.99 12.54 19.90
CA TRP C 27 -6.64 12.19 19.54
C TRP C 27 -5.71 12.41 20.72
N TYR C 28 -4.59 11.71 20.72
CA TYR C 28 -3.54 11.91 21.73
C TYR C 28 -2.20 11.92 21.00
N THR C 29 -1.67 13.11 20.75
CA THR C 29 -0.44 13.25 19.97
C THR C 29 0.77 12.98 20.85
N SER C 30 1.52 11.94 20.50
CA SER C 30 2.80 11.67 21.13
C SER C 30 3.91 12.38 20.34
N VAL C 31 5.16 12.16 20.76
CA VAL C 31 6.34 12.65 20.05
C VAL C 31 7.40 11.58 20.15
N ILE C 32 7.90 11.13 19.00
CA ILE C 32 8.87 10.03 18.93
C ILE C 32 10.16 10.58 18.36
N THR C 33 11.22 10.55 19.16
CA THR C 33 12.49 11.15 18.78
C THR C 33 13.52 10.08 18.48
N ILE C 34 14.56 10.47 17.75
CA ILE C 34 15.66 9.61 17.36
C ILE C 34 16.94 10.44 17.39
N GLU C 35 17.88 10.08 18.26
CA GLU C 35 19.12 10.84 18.38
C GLU C 35 19.99 10.58 17.15
N LEU C 36 20.06 11.57 16.27
CA LEU C 36 20.93 11.45 15.11
C LEU C 36 22.36 11.87 15.48
N SER C 37 23.27 11.62 14.55
CA SER C 37 24.66 11.99 14.72
C SER C 37 25.08 12.94 13.62
N ASN C 38 26.22 13.59 13.80
CA ASN C 38 26.81 14.46 12.81
C ASN C 38 27.98 13.73 12.16
N ILE C 39 27.82 13.36 10.89
CA ILE C 39 28.84 12.61 10.17
C ILE C 39 29.95 13.59 9.81
N LYS C 40 31.03 13.58 10.59
CA LYS C 40 32.22 14.36 10.24
C LYS C 40 32.98 13.62 9.15
N GLU C 41 33.50 14.38 8.19
CA GLU C 41 34.13 13.80 7.01
C GLU C 41 35.17 12.76 7.39
N ASN C 42 34.96 11.53 6.94
CA ASN C 42 35.82 10.40 7.30
C ASN C 42 37.12 10.52 6.52
N LYS C 43 38.09 11.21 7.10
CA LYS C 43 39.38 11.42 6.47
C LYS C 43 40.25 10.19 6.71
N CYS C 44 40.05 9.19 5.86
CA CYS C 44 40.83 7.97 5.91
C CYS C 44 40.92 7.40 4.50
N ASN C 45 42.10 6.93 4.12
CA ASN C 45 42.33 6.33 2.81
C ASN C 45 42.63 4.85 2.97
N GLY C 46 42.07 4.05 2.08
CA GLY C 46 42.09 2.60 2.20
C GLY C 46 40.71 2.03 1.94
N THR C 47 40.63 1.06 1.04
CA THR C 47 39.32 0.62 0.54
C THR C 47 39.18 -0.88 0.75
N ASP C 48 39.45 -1.35 1.95
CA ASP C 48 39.14 -2.73 2.29
C ASP C 48 37.64 -2.96 2.22
N ALA C 49 37.26 -4.23 2.04
CA ALA C 49 35.85 -4.56 1.82
C ALA C 49 34.99 -4.16 3.01
N LYS C 50 35.47 -4.40 4.23
CA LYS C 50 34.72 -4.01 5.41
C LYS C 50 34.60 -2.50 5.53
N VAL C 51 35.71 -1.80 5.30
CA VAL C 51 35.67 -0.34 5.33
C VAL C 51 34.76 0.20 4.23
N LYS C 52 34.76 -0.47 3.07
CA LYS C 52 33.90 -0.01 1.97
C LYS C 52 32.43 -0.23 2.30
N LEU C 53 32.10 -1.34 2.96
CA LEU C 53 30.72 -1.57 3.34
C LEU C 53 30.26 -0.59 4.42
N ILE C 54 31.14 -0.31 5.38
CA ILE C 54 30.84 0.71 6.39
C ILE C 54 30.61 2.06 5.72
N LYS C 55 31.45 2.41 4.74
CA LYS C 55 31.28 3.67 4.03
C LYS C 55 29.96 3.71 3.28
N GLN C 56 29.58 2.60 2.64
CA GLN C 56 28.31 2.58 1.92
C GLN C 56 27.13 2.75 2.87
N GLU C 57 27.20 2.10 4.05
CA GLU C 57 26.13 2.26 5.02
C GLU C 57 26.07 3.68 5.56
N LEU C 58 27.21 4.29 5.82
CA LEU C 58 27.24 5.67 6.27
C LEU C 58 26.66 6.61 5.21
N ASP C 59 26.95 6.33 3.94
CA ASP C 59 26.39 7.15 2.86
C ASP C 59 24.89 6.99 2.78
N LYS C 60 24.38 5.77 2.98
CA LYS C 60 22.93 5.57 3.02
C LYS C 60 22.31 6.31 4.21
N TYR C 61 23.02 6.35 5.33
CA TYR C 61 22.53 7.06 6.51
C TYR C 61 22.44 8.57 6.22
N LYS C 62 23.52 9.15 5.71
CA LYS C 62 23.52 10.57 5.36
C LYS C 62 22.44 10.87 4.33
N ASN C 63 22.23 9.98 3.36
CA ASN C 63 21.20 10.19 2.37
C ASN C 63 19.81 10.15 2.99
N ALA C 64 19.61 9.26 3.96
CA ALA C 64 18.32 9.22 4.66
C ALA C 64 18.07 10.52 5.40
N VAL C 65 19.10 11.02 6.10
CA VAL C 65 18.96 12.29 6.81
C VAL C 65 18.63 13.42 5.84
N THR C 66 19.30 13.45 4.70
CA THR C 66 19.07 14.51 3.73
C THR C 66 17.65 14.43 3.16
N GLU C 67 17.21 13.23 2.80
CA GLU C 67 15.86 13.06 2.28
C GLU C 67 14.81 13.44 3.32
N LEU C 68 15.08 13.16 4.59
CA LEU C 68 14.14 13.55 5.64
C LEU C 68 14.10 15.07 5.79
N GLN C 69 15.26 15.72 5.74
CA GLN C 69 15.29 17.18 5.80
C GLN C 69 14.53 17.80 4.64
N LEU C 70 14.58 17.17 3.46
CA LEU C 70 13.79 17.67 2.35
C LEU C 70 12.32 17.34 2.51
N LEU C 71 12.00 16.26 3.24
CA LEU C 71 10.60 15.93 3.49
C LEU C 71 9.95 16.93 4.43
N MET C 72 10.68 17.37 5.46
CA MET C 72 10.18 18.41 6.34
C MET C 72 9.96 19.71 5.57
N GLN C 73 11.03 20.25 5.00
CA GLN C 73 10.96 21.52 4.28
C GLN C 73 10.21 21.37 2.95
N PHE C 112 -25.15 4.73 1.35
CA PHE C 112 -26.24 5.46 0.72
C PHE C 112 -26.38 6.88 1.29
N LEU C 113 -25.74 7.12 2.44
CA LEU C 113 -25.84 8.40 3.12
C LEU C 113 -24.48 8.93 3.54
N GLY C 114 -23.46 8.69 2.71
CA GLY C 114 -22.12 9.16 3.01
C GLY C 114 -21.83 10.58 2.58
N PHE C 115 -22.78 11.23 1.92
CA PHE C 115 -22.63 12.62 1.48
C PHE C 115 -23.12 13.62 2.51
N LEU C 116 -23.31 13.19 3.76
CA LEU C 116 -23.80 14.05 4.83
C LEU C 116 -22.83 14.16 5.98
N LEU C 117 -21.57 13.75 5.80
CA LEU C 117 -20.66 13.59 6.92
C LEU C 117 -20.08 14.92 7.39
N GLY C 118 -19.63 15.75 6.45
CA GLY C 118 -18.93 16.95 6.83
C GLY C 118 -17.43 16.72 6.85
N VAL C 119 -16.67 17.69 6.35
CA VAL C 119 -15.24 17.51 6.20
C VAL C 119 -14.53 17.81 7.52
N GLY C 120 -13.38 17.18 7.71
CA GLY C 120 -12.58 17.42 8.90
C GLY C 120 -11.12 17.05 8.72
N SER C 121 -10.23 17.95 9.09
CA SER C 121 -8.81 17.67 9.01
C SER C 121 -8.44 16.56 9.98
N ALA C 122 -7.71 15.55 9.50
CA ALA C 122 -7.39 14.40 10.32
C ALA C 122 -6.07 14.53 11.05
N ILE C 123 -5.14 15.34 10.57
CA ILE C 123 -3.85 15.50 11.24
C ILE C 123 -3.73 16.91 11.79
N ALA C 124 -4.86 17.55 12.10
CA ALA C 124 -4.82 18.91 12.61
C ALA C 124 -4.06 18.98 13.93
N SER C 125 -4.27 18.00 14.80
CA SER C 125 -3.56 17.96 16.08
C SER C 125 -2.06 17.75 15.86
N GLY C 126 -1.70 16.83 14.96
CA GLY C 126 -0.30 16.60 14.70
C GLY C 126 0.36 17.78 14.02
N VAL C 127 -0.35 18.44 13.11
CA VAL C 127 0.18 19.65 12.48
C VAL C 127 0.42 20.73 13.53
N ALA C 128 -0.54 20.92 14.43
CA ALA C 128 -0.36 21.90 15.50
C ALA C 128 0.84 21.57 16.38
N VAL C 129 1.00 20.30 16.74
CA VAL C 129 2.12 19.93 17.59
C VAL C 129 3.45 20.09 16.85
N CYS C 130 3.47 19.84 15.55
CA CYS C 130 4.70 20.07 14.78
C CYS C 130 5.05 21.54 14.74
N LYS C 131 4.04 22.40 14.51
CA LYS C 131 4.30 23.83 14.51
C LYS C 131 4.77 24.32 15.88
N VAL C 132 4.30 23.68 16.95
CA VAL C 132 4.76 24.07 18.28
C VAL C 132 6.21 23.63 18.50
N LEU C 133 6.54 22.39 18.13
CA LEU C 133 7.93 21.94 18.25
C LEU C 133 8.87 22.68 17.30
N HIS C 134 8.36 23.40 16.32
CA HIS C 134 9.24 24.22 15.50
C HIS C 134 9.64 25.53 16.17
N LEU C 135 8.96 25.91 17.26
CA LEU C 135 9.37 27.09 18.01
C LEU C 135 10.74 26.89 18.62
N GLU C 136 11.45 27.98 18.84
CA GLU C 136 12.79 27.92 19.39
C GLU C 136 12.72 27.63 20.88
N GLY C 137 13.35 26.52 21.29
CA GLY C 137 13.39 26.11 22.69
C GLY C 137 12.66 24.80 22.95
N GLU C 138 11.64 24.50 22.17
CA GLU C 138 10.78 23.35 22.47
C GLU C 138 11.51 22.03 22.23
N VAL C 139 12.49 22.03 21.33
CA VAL C 139 13.28 20.81 21.12
C VAL C 139 14.38 20.71 22.17
N ASN C 140 14.83 21.85 22.69
CA ASN C 140 15.85 21.82 23.74
C ASN C 140 15.29 21.22 25.02
N LYS C 141 14.03 21.51 25.34
CA LYS C 141 13.43 20.94 26.54
C LYS C 141 13.15 19.45 26.37
N ILE C 142 12.65 19.06 25.19
CA ILE C 142 12.45 17.65 24.89
C ILE C 142 13.77 16.88 24.99
N LYS C 143 14.83 17.46 24.45
CA LYS C 143 16.14 16.79 24.49
C LYS C 143 16.66 16.67 25.91
N SER C 144 16.20 17.54 26.81
CA SER C 144 16.69 17.50 28.19
C SER C 144 15.80 16.64 29.07
N ALA C 145 14.55 16.42 28.65
CA ALA C 145 13.68 15.52 29.40
C ALA C 145 14.06 14.06 29.15
N LEU C 146 14.17 13.67 27.88
CA LEU C 146 14.60 12.33 27.51
C LEU C 146 16.11 12.16 27.60
N LEU C 147 16.70 12.48 28.75
CA LEU C 147 18.15 12.47 28.86
C LEU C 147 18.66 11.16 29.46
N SER C 148 18.25 10.86 30.69
CA SER C 148 18.68 9.64 31.35
C SER C 148 17.73 8.48 31.07
N THR C 149 16.45 8.76 30.91
CA THR C 149 15.45 7.72 30.65
C THR C 149 15.26 7.56 29.14
N ASN C 150 14.24 6.80 28.75
CA ASN C 150 13.85 6.69 27.35
C ASN C 150 12.36 7.01 27.17
N LYS C 151 11.78 7.77 28.10
CA LYS C 151 10.38 8.15 28.07
C LYS C 151 10.15 9.24 29.11
N ALA C 152 9.43 10.28 28.71
CA ALA C 152 9.11 11.38 29.61
C ALA C 152 7.76 11.95 29.22
N VAL C 153 7.29 12.92 30.01
CA VAL C 153 6.06 13.64 29.75
C VAL C 153 6.40 15.13 29.80
N VAL C 154 6.71 15.71 28.66
CA VAL C 154 7.08 17.12 28.57
C VAL C 154 5.83 17.95 28.42
N SER C 155 5.81 19.12 29.07
CA SER C 155 4.71 20.07 28.95
C SER C 155 5.17 21.21 28.03
N LEU C 156 4.55 21.31 26.87
CA LEU C 156 4.92 22.33 25.90
C LEU C 156 4.54 23.71 26.42
N SER C 157 5.07 24.74 25.75
CA SER C 157 4.92 26.11 26.24
C SER C 157 3.48 26.59 26.16
N ASN C 158 2.69 26.04 25.24
CA ASN C 158 1.31 26.47 25.05
C ASN C 158 0.32 25.74 25.95
N GLY C 159 0.80 24.98 26.94
CA GLY C 159 -0.04 24.37 27.94
C GLY C 159 -0.29 22.89 27.77
N VAL C 160 -0.12 22.35 26.57
CA VAL C 160 -0.43 20.94 26.33
C VAL C 160 0.69 20.07 26.88
N SER C 161 0.32 18.94 27.46
CA SER C 161 1.26 17.98 28.01
C SER C 161 1.40 16.84 27.00
N VAL C 162 2.59 16.70 26.44
CA VAL C 162 2.85 15.70 25.42
C VAL C 162 3.72 14.60 26.03
N LEU C 163 3.64 13.42 25.46
CA LEU C 163 4.32 12.23 25.98
C LEU C 163 5.43 11.86 25.00
N THR C 164 6.61 12.40 25.23
CA THR C 164 7.74 12.11 24.36
C THR C 164 8.24 10.70 24.57
N PHE C 165 9.16 10.24 23.73
CA PHE C 165 9.65 8.85 23.77
C PHE C 165 10.86 8.81 22.87
N LYS C 166 11.82 8.00 23.13
CA LYS C 166 13.07 7.83 22.36
C LYS C 166 13.18 6.37 21.96
N VAL C 167 12.65 6.04 20.79
CA VAL C 167 12.57 4.63 20.38
C VAL C 167 13.88 4.10 19.83
N LEU C 168 14.76 4.95 19.34
CA LEU C 168 16.02 4.50 18.78
C LEU C 168 17.13 5.45 19.21
N ASP C 169 18.31 4.88 19.41
CA ASP C 169 19.52 5.64 19.75
C ASP C 169 20.60 5.20 18.78
N LEU C 170 20.76 5.97 17.71
CA LEU C 170 21.77 5.66 16.70
C LEU C 170 23.01 6.53 16.83
N LYS C 171 22.87 7.73 17.38
CA LYS C 171 24.04 8.55 17.69
C LYS C 171 25.02 7.80 18.58
N ASN C 172 24.51 7.13 19.61
CA ASN C 172 25.37 6.39 20.52
C ASN C 172 26.22 5.38 19.78
N TYR C 173 25.57 4.45 19.07
CA TYR C 173 26.31 3.43 18.33
C TYR C 173 27.28 4.07 17.35
N ILE C 174 26.77 4.93 16.47
CA ILE C 174 27.61 5.53 15.44
C ILE C 174 28.86 6.13 16.05
N ASP C 175 28.69 7.13 16.91
CA ASP C 175 29.85 7.78 17.50
C ASP C 175 30.76 6.78 18.20
N LYS C 176 30.29 6.20 19.32
CA LYS C 176 31.19 5.46 20.19
C LYS C 176 31.86 4.30 19.48
N GLN C 177 31.09 3.50 18.72
CA GLN C 177 31.69 2.33 18.08
C GLN C 177 32.44 2.71 16.81
N LEU C 178 31.76 3.37 15.87
CA LEU C 178 32.32 3.52 14.53
C LEU C 178 33.42 4.57 14.50
N LEU C 179 33.17 5.78 15.05
CA LEU C 179 34.06 6.89 14.76
C LEU C 179 35.51 6.67 15.22
N PRO C 180 35.79 6.06 16.37
CA PRO C 180 37.20 5.76 16.68
C PRO C 180 37.86 4.85 15.66
N ILE C 181 37.21 3.74 15.32
CA ILE C 181 37.79 2.80 14.36
C ILE C 181 38.02 3.47 13.02
N LEU C 182 37.17 4.41 12.65
CA LEU C 182 37.30 5.06 11.35
C LEU C 182 38.40 6.12 11.38
N ASN C 183 38.57 6.80 12.52
CA ASN C 183 39.45 7.97 12.57
C ASN C 183 40.86 7.65 13.03
N LYS C 184 41.03 6.87 14.10
CA LYS C 184 42.37 6.71 14.69
C LYS C 184 43.26 5.81 13.85
N GLN C 185 42.86 4.56 13.66
CA GLN C 185 43.70 3.56 13.03
C GLN C 185 43.74 3.66 11.52
N SER C 186 43.33 4.79 10.95
CA SER C 186 43.33 5.00 9.50
C SER C 186 42.45 3.97 8.78
N CYS C 187 41.27 3.72 9.34
CA CYS C 187 40.25 2.86 8.74
C CYS C 187 40.78 1.44 8.51
N SER C 188 41.07 0.78 9.63
CA SER C 188 41.46 -0.63 9.63
C SER C 188 40.51 -1.37 10.56
N ILE C 189 39.50 -2.03 9.98
CA ILE C 189 38.48 -2.75 10.74
C ILE C 189 38.90 -4.21 10.86
N SER C 190 38.67 -4.78 12.04
CA SER C 190 39.14 -6.13 12.36
C SER C 190 38.12 -7.21 12.00
N ASN C 191 36.93 -7.13 12.58
CA ASN C 191 35.92 -8.19 12.45
C ASN C 191 34.77 -7.73 11.57
N ILE C 192 34.01 -8.72 11.07
CA ILE C 192 32.92 -8.48 10.14
C ILE C 192 31.57 -8.39 10.85
N GLU C 193 31.53 -8.56 12.16
CA GLU C 193 30.26 -8.45 12.87
C GLU C 193 29.81 -7.00 12.98
N THR C 194 30.74 -6.06 12.96
CA THR C 194 30.39 -4.66 13.17
C THR C 194 29.57 -4.11 12.01
N VAL C 195 29.87 -4.53 10.78
CA VAL C 195 29.13 -4.01 9.63
C VAL C 195 27.71 -4.56 9.62
N ILE C 196 27.55 -5.83 9.99
CA ILE C 196 26.21 -6.40 10.09
C ILE C 196 25.44 -5.71 11.21
N GLU C 197 26.09 -5.46 12.34
CA GLU C 197 25.45 -4.73 13.43
C GLU C 197 24.98 -3.36 12.96
N PHE C 198 25.84 -2.64 12.23
CA PHE C 198 25.49 -1.29 11.81
C PHE C 198 24.35 -1.29 10.80
N GLN C 199 24.36 -2.23 9.85
CA GLN C 199 23.26 -2.26 8.89
C GLN C 199 21.95 -2.68 9.55
N GLN C 200 22.02 -3.57 10.55
CA GLN C 200 20.82 -3.91 11.30
C GLN C 200 20.28 -2.69 12.04
N LYS C 201 21.15 -1.93 12.70
CA LYS C 201 20.70 -0.75 13.42
C LYS C 201 20.17 0.33 12.48
N ASN C 202 20.72 0.42 11.27
CA ASN C 202 20.36 1.48 10.34
C ASN C 202 19.14 1.15 9.49
N ASN C 203 18.79 -0.13 9.35
CA ASN C 203 17.67 -0.50 8.49
C ASN C 203 16.36 0.12 8.95
N ARG C 204 16.17 0.31 10.25
CA ARG C 204 14.91 0.88 10.72
C ARG C 204 14.80 2.35 10.32
N LEU C 205 15.89 3.11 10.46
CA LEU C 205 15.89 4.49 10.00
C LEU C 205 15.69 4.57 8.50
N LEU C 206 16.34 3.68 7.75
CA LEU C 206 16.17 3.68 6.30
C LEU C 206 14.74 3.38 5.91
N GLU C 207 14.07 2.49 6.65
CA GLU C 207 12.70 2.14 6.31
C GLU C 207 11.72 3.25 6.70
N ILE C 208 11.96 3.91 7.83
CA ILE C 208 11.17 5.10 8.17
C ILE C 208 11.33 6.15 7.07
N THR C 209 12.56 6.35 6.60
CA THR C 209 12.80 7.32 5.53
C THR C 209 12.06 6.93 4.26
N ARG C 210 12.07 5.64 3.92
CA ARG C 210 11.37 5.18 2.71
C ARG C 210 9.87 5.41 2.84
N GLU C 211 9.29 5.07 4.00
CA GLU C 211 7.85 5.24 4.18
C GLU C 211 7.47 6.72 4.12
N PHE C 212 8.27 7.59 4.74
CA PHE C 212 8.00 9.02 4.66
C PHE C 212 8.16 9.55 3.24
N SER C 213 9.17 9.06 2.51
CA SER C 213 9.38 9.53 1.14
C SER C 213 8.21 9.14 0.24
N VAL C 214 7.68 7.93 0.42
CA VAL C 214 6.59 7.49 -0.43
C VAL C 214 5.27 8.12 -0.04
N ASN C 215 4.99 8.24 1.25
CA ASN C 215 3.70 8.72 1.71
C ASN C 215 3.64 10.24 1.90
N ALA C 216 4.67 10.96 1.45
CA ALA C 216 4.70 12.42 1.53
C ALA C 216 4.68 12.91 2.97
N GLY C 217 5.41 12.22 3.85
CA GLY C 217 5.59 12.67 5.22
C GLY C 217 4.37 12.55 6.11
N VAL C 218 3.37 11.78 5.72
CA VAL C 218 2.21 11.46 6.56
C VAL C 218 1.86 10.00 6.29
N THR C 219 2.09 9.14 7.28
CA THR C 219 2.01 7.69 7.10
C THR C 219 0.87 7.13 7.94
N THR C 220 -0.10 6.50 7.28
CA THR C 220 -1.12 5.70 7.93
C THR C 220 -1.32 4.44 7.11
N PRO C 221 -1.46 3.27 7.76
CA PRO C 221 -1.40 3.04 9.21
C PRO C 221 0.02 3.05 9.74
N VAL C 222 0.17 3.31 11.03
CA VAL C 222 1.49 3.33 11.66
C VAL C 222 2.10 1.94 11.58
N SER C 223 3.18 1.80 10.81
CA SER C 223 3.77 0.49 10.61
C SER C 223 4.56 0.06 11.84
N THR C 224 5.21 -1.09 11.71
CA THR C 224 6.04 -1.63 12.79
C THR C 224 7.43 -1.01 12.79
N TYR C 225 7.77 -0.24 11.75
CA TYR C 225 9.05 0.46 11.73
C TYR C 225 8.94 1.79 12.47
N MET C 226 7.83 2.50 12.30
CA MET C 226 7.58 3.70 13.08
C MET C 226 7.53 3.38 14.57
N LEU C 227 6.57 2.54 14.96
CA LEU C 227 6.30 2.28 16.37
C LEU C 227 6.06 0.78 16.53
N THR C 228 7.03 0.08 17.12
CA THR C 228 6.92 -1.36 17.27
C THR C 228 5.79 -1.70 18.26
N ASN C 229 5.57 -3.00 18.46
CA ASN C 229 4.46 -3.42 19.30
C ASN C 229 4.76 -3.19 20.78
N SER C 230 5.97 -3.53 21.21
CA SER C 230 6.35 -3.27 22.60
C SER C 230 6.30 -1.79 22.92
N GLU C 231 6.77 -0.94 22.00
CA GLU C 231 6.74 0.49 22.24
C GLU C 231 5.34 1.06 22.13
N LEU C 232 4.49 0.50 21.27
CA LEU C 232 3.10 0.93 21.24
C LEU C 232 2.40 0.59 22.54
N LEU C 233 2.70 -0.57 23.13
CA LEU C 233 2.09 -0.92 24.41
C LEU C 233 2.66 -0.07 25.55
N SER C 234 3.95 0.25 25.49
CA SER C 234 4.53 1.16 26.47
C SER C 234 3.90 2.55 26.39
N LEU C 235 3.56 3.00 25.18
CA LEU C 235 2.85 4.26 25.04
C LEU C 235 1.44 4.15 25.60
N ILE C 236 0.74 3.06 25.29
CA ILE C 236 -0.64 2.91 25.75
C ILE C 236 -0.71 2.84 27.27
N ASN C 237 0.27 2.23 27.91
CA ASN C 237 0.26 2.09 29.36
C ASN C 237 0.56 3.39 30.09
N ASP C 238 0.87 4.48 29.38
CA ASP C 238 1.16 5.76 30.01
C ASP C 238 0.25 6.88 29.56
N MET C 239 -0.71 6.62 28.67
CA MET C 239 -1.65 7.65 28.29
C MET C 239 -2.58 7.99 29.46
N PRO C 240 -3.06 9.23 29.53
CA PRO C 240 -3.99 9.62 30.62
C PRO C 240 -5.41 9.14 30.35
N ILE C 241 -5.65 7.86 30.64
CA ILE C 241 -6.92 7.20 30.33
C ILE C 241 -7.22 6.19 31.43
N THR C 242 -8.48 5.76 31.49
CA THR C 242 -8.88 4.76 32.47
C THR C 242 -8.18 3.43 32.20
N ASN C 243 -8.30 2.51 33.16
CA ASN C 243 -7.67 1.21 33.00
C ASN C 243 -8.40 0.35 31.98
N ASP C 244 -9.73 0.52 31.87
CA ASP C 244 -10.48 -0.22 30.87
C ASP C 244 -10.04 0.14 29.46
N GLN C 245 -9.77 1.42 29.21
CA GLN C 245 -9.32 1.84 27.90
C GLN C 245 -7.91 1.34 27.61
N LYS C 246 -7.04 1.34 28.61
CA LYS C 246 -5.71 0.75 28.43
C LYS C 246 -5.81 -0.72 28.07
N LYS C 247 -6.72 -1.45 28.75
CA LYS C 247 -6.89 -2.87 28.46
C LYS C 247 -7.41 -3.09 27.04
N LEU C 248 -8.43 -2.32 26.65
CA LEU C 248 -8.96 -2.45 25.29
C LEU C 248 -7.90 -2.14 24.25
N MET C 249 -7.20 -1.02 24.40
CA MET C 249 -6.19 -0.63 23.43
C MET C 249 -5.01 -1.61 23.42
N SER C 250 -4.76 -2.29 24.53
CA SER C 250 -3.69 -3.29 24.55
C SER C 250 -4.14 -4.63 23.99
N ASN C 251 -5.44 -4.88 23.90
CA ASN C 251 -5.93 -6.11 23.31
C ASN C 251 -6.16 -6.00 21.80
N ASN C 252 -6.14 -4.81 21.23
CA ASN C 252 -6.45 -4.60 19.82
C ASN C 252 -5.45 -3.64 19.17
N VAL C 253 -4.15 -3.88 19.38
CA VAL C 253 -3.13 -2.94 18.90
C VAL C 253 -3.14 -2.83 17.38
N GLN C 254 -3.65 -3.85 16.69
CA GLN C 254 -3.72 -3.75 15.23
C GLN C 254 -4.80 -2.78 14.80
N ILE C 255 -5.92 -2.72 15.54
CA ILE C 255 -6.96 -1.76 15.22
C ILE C 255 -6.58 -0.37 15.70
N VAL C 256 -5.56 -0.25 16.55
CA VAL C 256 -5.05 1.06 16.92
C VAL C 256 -3.97 1.52 15.94
N ARG C 257 -3.26 0.59 15.30
CA ARG C 257 -2.42 0.97 14.17
C ARG C 257 -3.25 1.39 12.97
N GLN C 258 -4.35 0.68 12.72
CA GLN C 258 -5.20 1.00 11.58
C GLN C 258 -6.02 2.27 11.76
N GLN C 259 -5.85 2.99 12.87
CA GLN C 259 -6.70 4.14 13.16
C GLN C 259 -5.93 5.39 13.55
N SER C 260 -4.62 5.41 13.40
CA SER C 260 -3.80 6.55 13.78
C SER C 260 -3.02 7.05 12.56
N TYR C 261 -2.19 8.06 12.81
CA TYR C 261 -1.31 8.63 11.80
C TYR C 261 0.07 8.83 12.39
N SER C 262 1.06 8.98 11.50
CA SER C 262 2.45 9.23 11.89
C SER C 262 2.96 10.43 11.11
N ILE C 263 2.73 11.63 11.63
CA ILE C 263 3.19 12.86 10.99
C ILE C 263 4.69 13.01 11.18
N MET C 264 5.37 13.47 10.14
CA MET C 264 6.81 13.73 10.19
C MET C 264 7.02 15.20 10.51
N CYS C 265 7.80 15.49 11.56
CA CYS C 265 7.76 16.81 12.17
C CYS C 265 9.02 17.64 11.97
N ILE C 266 10.19 17.18 12.41
CA ILE C 266 11.32 18.09 12.51
C ILE C 266 12.64 17.33 12.48
N ILE C 267 13.66 17.97 11.93
CA ILE C 267 15.06 17.61 12.13
C ILE C 267 15.76 18.90 12.53
N LYS C 268 16.20 19.00 13.78
CA LYS C 268 16.75 20.23 14.29
C LYS C 268 17.47 19.95 15.59
N GLU C 269 18.64 20.57 15.77
CA GLU C 269 19.45 20.38 16.96
C GLU C 269 19.87 18.92 17.11
N GLU C 270 20.13 18.27 15.98
CA GLU C 270 20.71 16.92 15.94
C GLU C 270 19.75 15.89 16.56
N VAL C 271 18.51 15.88 16.07
CA VAL C 271 17.54 14.89 16.50
C VAL C 271 16.46 14.80 15.43
N LEU C 272 15.88 13.61 15.27
CA LEU C 272 14.79 13.36 14.34
C LEU C 272 13.55 13.04 15.14
N ALA C 273 12.48 13.81 14.93
CA ALA C 273 11.26 13.67 15.71
C ALA C 273 10.05 13.62 14.79
N TYR C 274 9.19 12.62 15.00
CA TYR C 274 7.91 12.53 14.32
C TYR C 274 6.81 12.33 15.35
N VAL C 275 5.61 12.77 14.98
CA VAL C 275 4.46 12.76 15.87
C VAL C 275 3.54 11.60 15.50
N VAL C 276 3.22 10.77 16.48
CA VAL C 276 2.28 9.67 16.30
C VAL C 276 0.94 10.10 16.90
N GLN C 277 -0.08 10.18 16.05
CA GLN C 277 -1.38 10.73 16.45
C GLN C 277 -2.32 9.60 16.85
N LEU C 278 -2.02 8.99 17.99
CA LEU C 278 -2.79 7.87 18.49
C LEU C 278 -4.23 8.27 18.76
N PRO C 279 -5.17 7.33 18.70
CA PRO C 279 -6.56 7.61 19.04
C PRO C 279 -6.84 7.34 20.51
N LEU C 280 -7.97 7.88 20.96
CA LEU C 280 -8.48 7.56 22.29
C LEU C 280 -10.00 7.44 22.21
N TYR C 281 -10.51 6.33 22.74
CA TYR C 281 -11.94 6.00 22.64
C TYR C 281 -12.60 6.38 23.97
N GLY C 282 -13.31 7.50 23.96
CA GLY C 282 -14.03 7.90 25.16
C GLY C 282 -15.29 7.11 25.42
N VAL C 283 -15.88 6.52 24.38
CA VAL C 283 -17.10 5.73 24.50
C VAL C 283 -16.74 4.27 24.31
N ILE C 284 -17.13 3.44 25.29
CA ILE C 284 -16.75 2.03 25.31
C ILE C 284 -17.91 1.23 25.87
N ASP C 285 -18.13 0.03 25.32
CA ASP C 285 -19.06 -0.96 25.87
C ASP C 285 -20.49 -0.42 25.91
N THR C 286 -21.02 -0.15 24.73
CA THR C 286 -22.40 0.24 24.54
C THR C 286 -23.01 -0.58 23.41
N PRO C 287 -24.34 -0.65 23.34
CA PRO C 287 -24.98 -1.48 22.30
C PRO C 287 -24.90 -0.83 20.92
N CYS C 288 -24.30 -1.55 19.97
CA CYS C 288 -24.29 -1.17 18.57
C CYS C 288 -25.05 -2.22 17.77
N TRP C 289 -25.62 -1.80 16.63
CA TRP C 289 -26.40 -2.70 15.81
C TRP C 289 -26.29 -2.30 14.34
N LYS C 290 -25.92 -3.25 13.50
CA LYS C 290 -25.82 -3.01 12.06
C LYS C 290 -27.16 -3.28 11.38
N LEU C 291 -27.48 -2.47 10.38
CA LEU C 291 -28.74 -2.58 9.64
C LEU C 291 -28.44 -2.84 8.17
N HIS C 292 -28.78 -4.04 7.70
CA HIS C 292 -28.56 -4.44 6.31
C HIS C 292 -29.86 -4.25 5.55
N THR C 293 -29.86 -3.41 4.53
CA THR C 293 -31.04 -3.15 3.74
C THR C 293 -30.90 -3.77 2.35
N SER C 294 -32.03 -3.87 1.64
CA SER C 294 -32.10 -4.51 0.35
C SER C 294 -33.35 -4.02 -0.37
N PRO C 295 -33.36 -4.00 -1.71
CA PRO C 295 -34.52 -3.47 -2.42
C PRO C 295 -35.73 -4.39 -2.28
N LEU C 296 -36.88 -3.77 -2.01
CA LEU C 296 -38.16 -4.46 -1.88
C LEU C 296 -39.03 -4.02 -3.07
N CYS C 297 -39.04 -4.82 -4.12
CA CYS C 297 -39.75 -4.48 -5.35
C CYS C 297 -41.04 -5.27 -5.48
N THR C 298 -41.97 -4.71 -6.26
CA THR C 298 -43.18 -5.46 -6.60
C THR C 298 -42.84 -6.55 -7.61
N THR C 299 -43.52 -7.68 -7.48
CA THR C 299 -43.16 -8.90 -8.22
C THR C 299 -44.10 -9.16 -9.40
N ASN C 300 -44.52 -8.10 -10.10
CA ASN C 300 -45.33 -8.29 -11.29
C ASN C 300 -44.54 -9.04 -12.36
N THR C 301 -45.26 -9.52 -13.37
CA THR C 301 -44.68 -10.43 -14.35
C THR C 301 -43.82 -9.70 -15.38
N LYS C 302 -44.28 -8.54 -15.85
CA LYS C 302 -43.66 -7.86 -16.98
C LYS C 302 -42.40 -7.12 -16.52
N GLU C 303 -41.85 -6.30 -17.41
CA GLU C 303 -40.73 -5.43 -17.05
C GLU C 303 -41.18 -4.05 -16.61
N GLY C 304 -42.37 -3.61 -17.04
CA GLY C 304 -42.97 -2.40 -16.56
C GLY C 304 -43.99 -2.66 -15.47
N SER C 305 -44.71 -1.60 -15.10
CA SER C 305 -45.75 -1.63 -14.08
C SER C 305 -45.21 -2.02 -12.71
N ASN C 306 -43.89 -2.10 -12.55
CA ASN C 306 -43.27 -2.44 -11.28
C ASN C 306 -42.60 -1.23 -10.66
N ILE C 307 -42.45 -1.28 -9.34
CA ILE C 307 -41.86 -0.21 -8.55
C ILE C 307 -41.04 -0.83 -7.44
N CYS C 308 -39.88 -0.28 -7.17
CA CYS C 308 -39.01 -0.76 -6.11
C CYS C 308 -39.04 0.19 -4.93
N LEU C 309 -38.27 -0.15 -3.90
CA LEU C 309 -38.20 0.60 -2.66
C LEU C 309 -37.01 0.08 -1.86
N THR C 310 -36.27 0.98 -1.23
CA THR C 310 -35.07 0.59 -0.50
C THR C 310 -34.81 1.61 0.60
N ARG C 311 -34.69 1.13 1.83
CA ARG C 311 -34.28 2.01 2.91
C ARG C 311 -32.80 2.31 2.78
N THR C 312 -32.44 3.58 2.96
CA THR C 312 -31.08 4.04 2.70
C THR C 312 -30.20 4.05 3.94
N ASP C 313 -30.80 4.14 5.13
CA ASP C 313 -30.04 4.30 6.36
C ASP C 313 -29.47 2.95 6.79
N ARG C 314 -28.56 2.45 5.95
CA ARG C 314 -27.85 1.20 6.23
C ARG C 314 -26.47 1.52 6.78
N GLY C 315 -26.05 0.74 7.77
CA GLY C 315 -24.75 0.95 8.36
C GLY C 315 -24.72 0.71 9.86
N TRP C 316 -23.53 0.84 10.44
CA TRP C 316 -23.36 0.65 11.88
C TRP C 316 -24.02 1.80 12.65
N TYR C 317 -24.94 1.46 13.54
CA TYR C 317 -25.42 2.39 14.53
C TYR C 317 -24.75 2.07 15.86
N CYS C 318 -24.61 3.07 16.71
CA CYS C 318 -24.04 2.85 18.03
C CYS C 318 -24.77 3.74 19.03
N ASP C 319 -24.20 3.88 20.22
CA ASP C 319 -24.87 4.59 21.31
C ASP C 319 -23.77 5.14 22.22
N ASN C 320 -23.63 6.46 22.28
CA ASN C 320 -22.54 7.06 23.03
C ASN C 320 -23.01 7.83 24.26
N ALA C 321 -23.84 8.86 24.09
CA ALA C 321 -24.31 9.64 25.24
C ALA C 321 -25.68 10.21 24.91
N GLY C 322 -26.74 9.49 25.34
CA GLY C 322 -28.09 9.94 25.14
C GLY C 322 -28.55 10.02 23.70
N SER C 323 -27.69 9.77 22.73
CA SER C 323 -28.05 9.83 21.33
C SER C 323 -27.35 8.72 20.58
N VAL C 324 -27.80 8.48 19.35
CA VAL C 324 -27.33 7.38 18.53
C VAL C 324 -26.38 7.92 17.48
N SER C 325 -25.14 7.43 17.49
CA SER C 325 -24.24 7.70 16.39
C SER C 325 -24.64 6.87 15.18
N PHE C 326 -24.31 7.38 14.00
CA PHE C 326 -24.67 6.72 12.74
C PHE C 326 -23.49 6.83 11.79
N PHE C 327 -22.93 5.68 11.39
CA PHE C 327 -21.74 5.63 10.55
C PHE C 327 -22.17 5.12 9.17
N PRO C 328 -22.48 6.01 8.23
CA PRO C 328 -23.24 5.59 7.04
C PRO C 328 -22.47 4.72 6.07
N GLN C 329 -21.14 4.69 6.15
CA GLN C 329 -20.39 3.94 5.15
C GLN C 329 -20.30 2.46 5.49
N ALA C 330 -20.27 2.11 6.78
CA ALA C 330 -20.07 0.77 7.29
C ALA C 330 -18.69 0.21 6.96
N GLU C 331 -17.82 1.00 6.32
CA GLU C 331 -16.41 0.66 6.18
C GLU C 331 -15.51 1.62 6.95
N THR C 332 -16.08 2.67 7.54
CA THR C 332 -15.38 3.48 8.51
C THR C 332 -15.22 2.76 9.84
N CYS C 333 -15.93 1.66 10.04
CA CYS C 333 -15.93 0.91 11.30
C CYS C 333 -15.27 -0.44 11.07
N LYS C 334 -14.17 -0.69 11.77
CA LYS C 334 -13.59 -2.03 11.80
C LYS C 334 -14.37 -2.87 12.80
N VAL C 335 -14.35 -4.18 12.59
CA VAL C 335 -15.11 -5.12 13.41
C VAL C 335 -14.14 -6.18 13.93
N GLN C 336 -14.31 -6.52 15.20
CA GLN C 336 -13.56 -7.57 15.88
C GLN C 336 -14.54 -8.64 16.33
N SER C 337 -14.05 -9.55 17.18
CA SER C 337 -14.86 -10.65 17.70
C SER C 337 -16.28 -10.21 18.03
N ASN C 338 -16.42 -9.19 18.88
CA ASN C 338 -17.73 -8.65 19.19
C ASN C 338 -17.77 -7.14 19.31
N ARG C 339 -16.66 -6.44 19.06
CA ARG C 339 -16.58 -5.00 19.29
C ARG C 339 -16.35 -4.28 17.98
N VAL C 340 -17.10 -3.19 17.77
CA VAL C 340 -17.04 -2.41 16.56
C VAL C 340 -16.19 -1.17 16.84
N PHE C 341 -15.04 -1.08 16.17
CA PHE C 341 -14.13 0.05 16.34
C PHE C 341 -14.48 1.10 15.30
N CYS C 342 -15.42 1.97 15.66
CA CYS C 342 -15.91 3.00 14.76
C CYS C 342 -15.06 4.26 14.90
N ASP C 343 -15.52 5.36 14.30
CA ASP C 343 -14.77 6.61 14.29
C ASP C 343 -15.76 7.76 14.18
N THR C 344 -15.85 8.60 15.21
CA THR C 344 -16.87 9.63 15.26
C THR C 344 -16.62 10.77 14.28
N MET C 345 -15.49 10.77 13.57
CA MET C 345 -15.27 11.78 12.54
C MET C 345 -16.16 11.54 11.33
N ASN C 346 -16.46 10.27 11.04
CA ASN C 346 -17.26 9.88 9.88
C ASN C 346 -18.67 9.46 10.29
N SER C 347 -19.27 10.14 11.26
CA SER C 347 -20.53 9.70 11.84
C SER C 347 -21.56 10.81 11.80
N LEU C 348 -22.79 10.46 12.19
CA LEU C 348 -23.90 11.39 12.33
C LEU C 348 -24.61 11.10 13.64
N THR C 349 -24.98 12.14 14.37
CA THR C 349 -25.63 11.98 15.66
C THR C 349 -27.14 12.08 15.50
N LEU C 350 -27.86 11.07 16.00
CA LEU C 350 -29.29 10.93 15.84
C LEU C 350 -29.92 10.49 17.15
N PRO C 351 -31.23 10.61 17.29
CA PRO C 351 -31.91 10.08 18.48
C PRO C 351 -32.13 8.58 18.38
N SER C 352 -32.80 8.04 19.40
CA SER C 352 -33.12 6.61 19.44
C SER C 352 -34.31 6.25 18.54
N GLU C 353 -34.98 7.24 17.99
CA GLU C 353 -36.04 6.91 17.06
C GLU C 353 -35.50 6.30 15.76
N VAL C 354 -34.19 6.24 15.57
CA VAL C 354 -33.64 5.39 14.52
C VAL C 354 -33.90 3.92 14.83
N ASN C 355 -33.63 3.51 16.08
CA ASN C 355 -34.02 2.18 16.51
C ASN C 355 -35.53 2.02 16.45
N LEU C 356 -36.28 3.09 16.69
CA LEU C 356 -37.72 3.02 16.51
C LEU C 356 -38.09 2.68 15.07
N CYS C 357 -37.45 3.33 14.10
CA CYS C 357 -37.64 2.98 12.70
C CYS C 357 -37.28 1.52 12.46
N ASN C 358 -36.20 1.04 13.09
CA ASN C 358 -35.82 -0.36 12.97
C ASN C 358 -36.96 -1.27 13.40
N VAL C 359 -37.64 -0.93 14.50
CA VAL C 359 -38.75 -1.77 14.98
C VAL C 359 -39.97 -1.60 14.08
N ASP C 360 -40.52 -0.39 14.01
CA ASP C 360 -41.66 -0.06 13.16
C ASP C 360 -41.28 1.08 12.25
N ILE C 361 -41.79 1.06 11.02
CA ILE C 361 -41.34 2.01 10.00
C ILE C 361 -42.35 3.13 9.73
N PHE C 362 -43.60 2.96 10.13
CA PHE C 362 -44.59 4.03 9.99
C PHE C 362 -44.80 4.79 11.29
N ASN C 363 -43.85 4.72 12.20
CA ASN C 363 -43.98 5.43 13.47
C ASN C 363 -43.98 6.94 13.23
N PRO C 364 -44.72 7.70 14.05
CA PRO C 364 -44.78 9.14 13.84
C PRO C 364 -43.58 9.91 14.38
N LYS C 365 -42.78 9.30 15.25
CA LYS C 365 -41.69 10.00 15.92
C LYS C 365 -40.38 9.98 15.13
N TYR C 366 -40.42 9.57 13.87
CA TYR C 366 -39.24 9.60 13.02
C TYR C 366 -39.67 9.40 11.58
N ASP C 367 -38.92 10.02 10.67
CA ASP C 367 -39.14 9.89 9.23
C ASP C 367 -38.06 8.95 8.70
N CYS C 368 -38.43 7.69 8.49
CA CYS C 368 -37.47 6.70 8.03
C CYS C 368 -37.10 6.98 6.58
N LYS C 369 -35.82 6.80 6.25
CA LYS C 369 -35.26 7.24 4.98
C LYS C 369 -35.28 6.09 3.98
N ILE C 370 -36.07 6.26 2.91
CA ILE C 370 -36.20 5.26 1.86
C ILE C 370 -35.85 5.90 0.52
N MET C 371 -35.48 5.06 -0.44
CA MET C 371 -35.28 5.48 -1.82
C MET C 371 -36.11 4.59 -2.74
N THR C 372 -36.58 5.18 -3.84
CA THR C 372 -37.41 4.49 -4.81
C THR C 372 -36.63 4.19 -6.08
N SER C 373 -37.23 3.40 -6.95
CA SER C 373 -36.68 3.03 -8.25
C SER C 373 -37.76 2.32 -9.04
N LYS C 374 -37.38 1.86 -10.24
CA LYS C 374 -38.22 0.98 -11.05
C LYS C 374 -37.45 -0.20 -11.60
N THR C 375 -36.22 -0.41 -11.15
CA THR C 375 -35.33 -1.42 -11.71
C THR C 375 -35.38 -2.67 -10.84
N ASP C 376 -36.16 -3.65 -11.28
CA ASP C 376 -36.19 -4.95 -10.61
C ASP C 376 -34.93 -5.71 -10.98
N VAL C 377 -33.88 -5.55 -10.17
CA VAL C 377 -32.63 -6.25 -10.34
C VAL C 377 -32.47 -7.23 -9.19
N SER C 378 -31.90 -8.40 -9.49
CA SER C 378 -31.73 -9.43 -8.49
C SER C 378 -30.36 -9.30 -7.83
N SER C 379 -30.34 -9.45 -6.51
CA SER C 379 -29.13 -9.27 -5.74
C SER C 379 -29.30 -9.98 -4.40
N SER C 380 -28.30 -9.85 -3.54
CA SER C 380 -28.35 -10.46 -2.21
C SER C 380 -27.37 -9.75 -1.31
N VAL C 381 -27.81 -9.41 -0.10
CA VAL C 381 -27.01 -8.68 0.87
C VAL C 381 -26.57 -9.66 1.94
N ILE C 382 -25.34 -10.16 1.84
CA ILE C 382 -24.82 -11.09 2.84
C ILE C 382 -24.74 -10.38 4.18
N THR C 383 -25.52 -10.84 5.15
CA THR C 383 -25.53 -10.28 6.49
C THR C 383 -24.55 -11.06 7.36
N SER C 384 -24.61 -10.87 8.68
CA SER C 384 -23.67 -11.50 9.60
C SER C 384 -24.10 -12.90 10.01
N LEU C 385 -25.40 -13.14 10.17
CA LEU C 385 -25.95 -14.45 10.51
C LEU C 385 -27.09 -14.80 9.57
N GLY C 386 -26.87 -14.60 8.28
CA GLY C 386 -27.89 -14.87 7.30
C GLY C 386 -27.47 -14.32 5.95
N ALA C 387 -28.45 -14.26 5.05
CA ALA C 387 -28.23 -13.65 3.73
C ALA C 387 -29.57 -13.25 3.17
N ILE C 388 -29.82 -11.94 3.07
CA ILE C 388 -31.00 -11.46 2.35
C ILE C 388 -30.86 -11.81 0.88
N VAL C 389 -31.96 -12.23 0.26
CA VAL C 389 -31.94 -12.66 -1.14
C VAL C 389 -33.16 -12.06 -1.82
N SER C 390 -32.94 -11.06 -2.66
CA SER C 390 -33.99 -10.49 -3.49
C SER C 390 -33.88 -11.09 -4.89
N CYS C 391 -34.98 -11.65 -5.39
CA CYS C 391 -34.97 -12.39 -6.65
C CYS C 391 -36.17 -11.96 -7.50
N TYR C 392 -35.95 -10.97 -8.36
CA TYR C 392 -37.02 -10.41 -9.18
C TYR C 392 -36.80 -10.75 -10.64
N GLY C 393 -37.86 -10.57 -11.42
CA GLY C 393 -37.78 -10.82 -12.85
C GLY C 393 -37.84 -12.30 -13.17
N LYS C 394 -37.00 -12.72 -14.11
CA LYS C 394 -36.86 -14.13 -14.47
C LYS C 394 -35.50 -14.68 -14.08
N THR C 395 -34.90 -14.12 -13.03
CA THR C 395 -33.65 -14.61 -12.51
C THR C 395 -33.89 -15.85 -11.65
N LYS C 396 -32.91 -16.74 -11.62
CA LYS C 396 -33.01 -18.00 -10.89
C LYS C 396 -32.08 -17.94 -9.69
N CYS C 397 -32.65 -17.84 -8.49
CA CYS C 397 -31.91 -17.75 -7.25
C CYS C 397 -32.12 -19.00 -6.41
N THR C 398 -31.08 -19.40 -5.69
CA THR C 398 -31.13 -20.60 -4.86
C THR C 398 -30.29 -20.41 -3.63
N ALA C 399 -30.49 -21.27 -2.64
CA ALA C 399 -29.70 -21.31 -1.42
C ALA C 399 -29.16 -22.72 -1.27
N SER C 400 -27.86 -22.89 -1.47
CA SER C 400 -27.27 -24.21 -1.58
C SER C 400 -26.44 -24.54 -0.34
N ASN C 401 -26.57 -25.77 0.12
CA ASN C 401 -25.70 -26.32 1.16
C ASN C 401 -24.42 -26.82 0.49
N LYS C 402 -23.59 -27.57 1.23
CA LYS C 402 -22.39 -28.15 0.67
C LYS C 402 -22.43 -29.67 0.58
N ASN C 403 -23.06 -30.33 1.53
CA ASN C 403 -23.14 -31.80 1.53
C ASN C 403 -24.31 -32.31 0.72
N ARG C 404 -25.46 -31.63 0.78
CA ARG C 404 -26.66 -32.07 0.08
C ARG C 404 -26.84 -31.40 -1.27
N GLY C 405 -26.67 -30.08 -1.34
CA GLY C 405 -26.87 -29.34 -2.58
C GLY C 405 -27.89 -28.23 -2.38
N ILE C 406 -28.70 -28.00 -3.42
CA ILE C 406 -29.64 -26.89 -3.45
C ILE C 406 -30.83 -27.22 -2.56
N ILE C 407 -30.85 -26.65 -1.35
CA ILE C 407 -31.90 -26.94 -0.39
C ILE C 407 -33.09 -26.01 -0.50
N LYS C 408 -32.98 -24.89 -1.22
CA LYS C 408 -34.07 -23.94 -1.33
C LYS C 408 -34.02 -23.25 -2.68
N THR C 409 -35.21 -22.89 -3.17
CA THR C 409 -35.38 -22.19 -4.44
C THR C 409 -36.25 -20.98 -4.20
N PHE C 410 -35.63 -19.80 -4.10
CA PHE C 410 -36.38 -18.59 -3.84
C PHE C 410 -37.29 -18.26 -5.01
N SER C 411 -38.47 -17.74 -4.69
CA SER C 411 -39.42 -17.29 -5.69
C SER C 411 -39.33 -15.77 -5.83
N ASN C 412 -40.24 -15.18 -6.59
CA ASN C 412 -40.24 -13.74 -6.77
C ASN C 412 -40.51 -13.05 -5.44
N GLY C 413 -39.66 -12.10 -5.09
CA GLY C 413 -39.74 -11.42 -3.81
C GLY C 413 -38.45 -11.59 -3.04
N CYS C 414 -38.18 -10.70 -2.09
CA CYS C 414 -36.96 -10.78 -1.30
C CYS C 414 -37.21 -11.64 -0.06
N ASP C 415 -36.33 -12.61 0.17
CA ASP C 415 -36.49 -13.54 1.29
C ASP C 415 -35.19 -13.55 2.08
N TYR C 416 -35.08 -14.43 3.07
CA TYR C 416 -33.93 -14.43 3.96
C TYR C 416 -33.74 -15.83 4.52
N VAL C 417 -32.53 -16.34 4.42
CA VAL C 417 -32.18 -17.62 5.01
C VAL C 417 -31.05 -17.42 6.01
N SER C 418 -31.07 -18.23 7.07
CA SER C 418 -30.06 -18.17 8.11
C SER C 418 -28.79 -18.85 7.61
N ASN C 419 -27.81 -19.02 8.49
CA ASN C 419 -26.55 -19.68 8.15
C ASN C 419 -26.39 -21.01 8.88
N LYS C 420 -27.50 -21.62 9.30
CA LYS C 420 -27.44 -22.94 9.92
C LYS C 420 -27.31 -24.03 8.86
N GLY C 421 -28.29 -24.13 7.96
CA GLY C 421 -28.27 -25.13 6.93
C GLY C 421 -27.93 -24.59 5.57
N VAL C 422 -27.22 -23.48 5.52
CA VAL C 422 -26.81 -22.85 4.27
C VAL C 422 -25.31 -22.56 4.35
N ASP C 423 -24.61 -22.77 3.24
CA ASP C 423 -23.19 -22.47 3.15
C ASP C 423 -22.85 -21.53 2.00
N THR C 424 -23.61 -21.55 0.91
CA THR C 424 -23.49 -20.58 -0.16
C THR C 424 -24.88 -20.15 -0.59
N VAL C 425 -24.96 -19.00 -1.24
CA VAL C 425 -26.20 -18.50 -1.81
C VAL C 425 -25.90 -18.10 -3.25
N SER C 426 -26.67 -18.64 -4.18
CA SER C 426 -26.46 -18.39 -5.61
C SER C 426 -27.63 -17.57 -6.14
N VAL C 427 -27.34 -16.33 -6.52
CA VAL C 427 -28.30 -15.47 -7.20
C VAL C 427 -27.79 -15.24 -8.61
N GLY C 428 -28.64 -15.49 -9.61
CA GLY C 428 -28.25 -15.38 -11.00
C GLY C 428 -26.97 -16.12 -11.33
N ASN C 429 -25.97 -15.41 -11.81
CA ASN C 429 -24.67 -15.98 -12.13
C ASN C 429 -23.62 -15.64 -11.08
N THR C 430 -24.03 -15.16 -9.91
CA THR C 430 -23.12 -14.68 -8.88
C THR C 430 -23.30 -15.54 -7.63
N LEU C 431 -22.34 -16.43 -7.39
CA LEU C 431 -22.36 -17.29 -6.21
C LEU C 431 -21.88 -16.49 -5.01
N TYR C 432 -22.76 -16.28 -4.04
CA TYR C 432 -22.40 -15.62 -2.79
C TYR C 432 -22.18 -16.65 -1.69
N TYR C 433 -21.13 -16.47 -0.92
CA TYR C 433 -20.89 -17.29 0.26
C TYR C 433 -21.46 -16.61 1.50
N VAL C 434 -21.70 -17.41 2.53
CA VAL C 434 -22.36 -16.95 3.74
C VAL C 434 -21.38 -17.09 4.91
N ASN C 435 -21.52 -16.20 5.89
CA ASN C 435 -20.63 -16.19 7.05
C ASN C 435 -21.09 -17.22 8.06
N LYS C 436 -20.12 -17.95 8.63
CA LYS C 436 -20.40 -19.02 9.58
C LYS C 436 -20.27 -18.56 11.03
N GLN C 437 -20.59 -17.29 11.30
CA GLN C 437 -20.66 -16.84 12.68
C GLN C 437 -21.86 -17.47 13.37
N GLU C 438 -21.72 -17.71 14.67
CA GLU C 438 -22.72 -18.43 15.44
C GLU C 438 -23.59 -17.44 16.22
N GLY C 439 -24.90 -17.59 16.09
CA GLY C 439 -25.84 -16.73 16.77
C GLY C 439 -27.24 -17.28 16.62
N LYS C 440 -28.20 -16.50 17.09
CA LYS C 440 -29.62 -16.86 17.05
C LYS C 440 -30.31 -15.97 16.03
N SER C 441 -30.29 -16.40 14.77
CA SER C 441 -31.01 -15.68 13.73
C SER C 441 -32.52 -15.86 13.92
N LEU C 442 -33.27 -14.82 13.61
CA LEU C 442 -34.72 -14.83 13.75
C LEU C 442 -35.36 -14.57 12.40
N TYR C 443 -36.69 -14.42 12.40
CA TYR C 443 -37.46 -14.08 11.21
C TYR C 443 -38.76 -13.46 11.67
N VAL C 444 -39.02 -12.24 11.21
CA VAL C 444 -40.21 -11.49 11.62
C VAL C 444 -41.08 -11.33 10.38
N LYS C 445 -42.08 -12.19 10.24
CA LYS C 445 -42.95 -12.16 9.08
C LYS C 445 -43.81 -10.91 9.06
N GLY C 446 -44.15 -10.46 7.87
CA GLY C 446 -44.96 -9.26 7.71
C GLY C 446 -45.22 -9.02 6.24
N GLU C 447 -46.07 -8.06 5.98
CA GLU C 447 -46.41 -7.75 4.59
C GLU C 447 -45.43 -6.74 4.01
N PRO C 448 -44.97 -6.96 2.77
CA PRO C 448 -44.10 -5.97 2.12
C PRO C 448 -44.84 -4.65 1.94
N ILE C 449 -44.29 -3.60 2.55
CA ILE C 449 -44.97 -2.30 2.58
C ILE C 449 -45.25 -1.76 1.19
N ILE C 450 -44.53 -2.23 0.18
CA ILE C 450 -44.75 -1.74 -1.18
C ILE C 450 -46.06 -2.26 -1.78
N ASN C 451 -46.75 -3.15 -1.08
CA ASN C 451 -48.08 -3.59 -1.50
C ASN C 451 -49.17 -2.67 -0.97
N PHE C 452 -48.82 -1.45 -0.60
CA PHE C 452 -49.78 -0.43 -0.19
C PHE C 452 -49.81 0.77 -1.11
N TYR C 453 -48.76 1.00 -1.90
CA TYR C 453 -48.69 2.12 -2.82
C TYR C 453 -49.26 1.70 -4.17
N ASP C 454 -50.28 2.41 -4.64
CA ASP C 454 -50.77 2.17 -5.99
C ASP C 454 -49.71 2.64 -6.97
N PRO C 455 -49.26 1.80 -7.90
CA PRO C 455 -48.10 2.17 -8.74
C PRO C 455 -48.36 3.34 -9.68
N LEU C 456 -49.61 3.77 -9.84
CA LEU C 456 -49.91 4.88 -10.75
C LEU C 456 -49.48 6.23 -10.21
N VAL C 457 -49.13 6.32 -8.92
CA VAL C 457 -48.74 7.58 -8.31
C VAL C 457 -47.43 7.49 -7.53
N PHE C 458 -46.83 6.30 -7.44
CA PHE C 458 -45.60 6.09 -6.69
C PHE C 458 -44.46 6.90 -7.29
N PRO C 459 -43.92 7.89 -6.56
CA PRO C 459 -42.80 8.67 -7.08
C PRO C 459 -41.54 7.83 -7.19
N SER C 460 -41.14 7.51 -8.42
CA SER C 460 -40.20 6.44 -8.71
C SER C 460 -38.81 6.94 -9.09
N ASP C 461 -38.37 8.04 -8.48
CA ASP C 461 -36.99 8.49 -8.67
C ASP C 461 -36.57 9.30 -7.44
N GLU C 462 -35.83 8.66 -6.55
CA GLU C 462 -35.38 9.29 -5.31
C GLU C 462 -34.05 8.69 -4.88
N PHE C 463 -33.29 9.48 -4.13
CA PHE C 463 -32.10 8.97 -3.45
C PHE C 463 -31.97 9.46 -2.02
N ASP C 464 -32.68 10.52 -1.63
CA ASP C 464 -32.69 11.01 -0.26
C ASP C 464 -34.11 11.30 0.18
N ALA C 465 -35.04 10.40 -0.15
CA ALA C 465 -36.43 10.59 0.21
C ALA C 465 -36.70 10.02 1.60
N SER C 466 -37.96 10.04 1.99
CA SER C 466 -38.41 9.43 3.24
C SER C 466 -39.83 8.94 3.03
N ILE C 467 -40.52 8.61 4.12
CA ILE C 467 -41.89 8.15 4.00
C ILE C 467 -42.87 9.31 4.07
N SER C 468 -42.57 10.34 4.88
CA SER C 468 -43.45 11.51 4.88
C SER C 468 -43.29 12.31 3.59
N GLN C 469 -42.08 12.36 3.04
CA GLN C 469 -41.88 13.03 1.76
C GLN C 469 -42.63 12.31 0.64
N VAL C 470 -42.51 10.99 0.58
CA VAL C 470 -43.21 10.21 -0.43
C VAL C 470 -44.72 10.33 -0.24
N ASN C 471 -45.17 10.34 1.01
CA ASN C 471 -46.60 10.50 1.27
C ASN C 471 -47.11 11.87 0.84
N GLU C 472 -46.30 12.92 1.03
CA GLU C 472 -46.69 14.25 0.56
C GLU C 472 -46.72 14.30 -0.97
N LYS C 473 -45.75 13.67 -1.62
CA LYS C 473 -45.77 13.61 -3.08
C LYS C 473 -47.01 12.90 -3.57
N ILE C 474 -47.35 11.79 -2.93
CA ILE C 474 -48.52 11.00 -3.38
C ILE C 474 -49.77 11.86 -3.20
N ASN C 475 -49.89 12.57 -2.08
CA ASN C 475 -51.15 13.34 -1.86
C ASN C 475 -51.25 14.43 -2.93
N GLN C 476 -50.22 15.25 -3.06
CA GLN C 476 -50.28 16.35 -4.05
C GLN C 476 -50.62 15.72 -5.40
N SER C 477 -50.05 14.55 -5.70
CA SER C 477 -50.44 13.92 -6.95
C SER C 477 -51.93 13.64 -6.99
N LEU C 478 -52.46 13.03 -5.93
CA LEU C 478 -53.89 12.75 -5.87
C LEU C 478 -54.72 14.03 -5.83
N ALA C 479 -54.18 15.09 -5.22
CA ALA C 479 -54.85 16.39 -5.28
C ALA C 479 -54.94 16.90 -6.71
N PHE C 480 -53.84 16.78 -7.46
CA PHE C 480 -53.87 17.15 -8.87
C PHE C 480 -54.88 16.33 -9.65
N ILE C 481 -54.94 15.03 -9.38
CA ILE C 481 -55.89 14.17 -10.09
C ILE C 481 -57.32 14.57 -9.78
N ARG C 482 -57.63 14.81 -8.50
CA ARG C 482 -59.00 15.16 -8.13
C ARG C 482 -59.37 16.54 -8.67
N LYS C 483 -58.42 17.48 -8.69
CA LYS C 483 -58.71 18.79 -9.26
C LYS C 483 -58.89 18.71 -10.78
N SER C 484 -58.20 17.77 -11.43
CA SER C 484 -58.37 17.62 -12.86
C SER C 484 -59.70 16.96 -13.20
N ASP C 485 -60.14 15.99 -12.41
CA ASP C 485 -61.34 15.24 -12.75
C ASP C 485 -62.62 15.85 -12.17
N GLU C 486 -62.53 16.79 -11.23
CA GLU C 486 -63.72 17.49 -10.77
C GLU C 486 -63.92 18.84 -11.45
N LEU C 487 -62.95 19.28 -12.25
CA LEU C 487 -63.10 20.50 -13.05
C LEU C 487 -63.44 20.17 -14.50
N GLN D 1 11.92 -36.29 24.03
CA GLN D 1 12.16 -35.67 25.33
C GLN D 1 10.86 -35.16 25.94
N ILE D 2 9.76 -35.38 25.24
CA ILE D 2 8.44 -34.98 25.71
C ILE D 2 7.98 -35.98 26.76
N GLN D 3 7.78 -35.49 27.98
CA GLN D 3 7.41 -36.34 29.12
C GLN D 3 6.06 -35.91 29.66
N LEU D 4 5.28 -36.90 30.13
CA LEU D 4 4.02 -36.65 30.83
C LEU D 4 4.00 -37.59 32.04
N VAL D 5 4.53 -37.12 33.15
CA VAL D 5 4.62 -37.91 34.38
C VAL D 5 3.28 -37.83 35.10
N GLN D 6 2.84 -38.96 35.64
CA GLN D 6 1.51 -39.08 36.23
C GLN D 6 1.64 -39.50 37.69
N SER D 7 0.51 -39.43 38.41
CA SER D 7 0.49 -39.68 39.84
C SER D 7 0.77 -41.15 40.14
N GLY D 8 0.74 -41.49 41.42
CA GLY D 8 1.03 -42.84 41.86
C GLY D 8 -0.24 -43.67 42.05
N PRO D 9 -0.07 -44.93 42.43
CA PRO D 9 -1.23 -45.80 42.64
C PRO D 9 -2.10 -45.31 43.78
N GLU D 10 -3.32 -45.84 43.84
CA GLU D 10 -4.30 -45.39 44.81
C GLU D 10 -5.22 -46.54 45.19
N LEU D 11 -5.83 -46.42 46.37
CA LEU D 11 -6.81 -47.37 46.85
C LEU D 11 -7.87 -46.59 47.62
N LYS D 12 -9.12 -46.70 47.20
CA LYS D 12 -10.21 -45.93 47.78
C LYS D 12 -11.39 -46.85 48.05
N LYS D 13 -12.47 -46.26 48.55
CA LYS D 13 -13.71 -46.96 48.85
C LYS D 13 -14.85 -46.36 48.02
N PRO D 14 -15.82 -47.19 47.64
CA PRO D 14 -16.96 -46.67 46.86
C PRO D 14 -17.65 -45.52 47.57
N GLY D 15 -17.85 -44.43 46.84
CA GLY D 15 -18.48 -43.24 47.38
C GLY D 15 -17.52 -42.14 47.80
N GLU D 16 -16.22 -42.31 47.57
CA GLU D 16 -15.24 -41.30 47.91
C GLU D 16 -15.00 -40.38 46.72
N THR D 17 -13.98 -39.52 46.83
CA THR D 17 -13.58 -38.64 45.76
C THR D 17 -12.07 -38.76 45.58
N VAL D 18 -11.62 -38.74 44.32
CA VAL D 18 -10.22 -38.99 44.00
C VAL D 18 -9.76 -37.98 42.97
N LYS D 19 -8.48 -37.62 43.02
CA LYS D 19 -7.89 -36.63 42.13
C LYS D 19 -6.57 -37.16 41.60
N ILE D 20 -6.53 -37.47 40.30
CA ILE D 20 -5.32 -37.96 39.63
C ILE D 20 -4.70 -36.79 38.88
N SER D 21 -3.38 -36.63 39.01
CA SER D 21 -2.68 -35.50 38.43
C SER D 21 -1.67 -35.98 37.38
N CYS D 22 -1.44 -35.14 36.38
CA CYS D 22 -0.53 -35.44 35.28
C CYS D 22 0.37 -34.23 35.04
N LYS D 23 1.67 -34.40 35.27
CA LYS D 23 2.65 -33.35 35.03
C LYS D 23 3.20 -33.48 33.63
N ALA D 24 3.40 -32.35 32.95
CA ALA D 24 3.76 -32.32 31.54
C ALA D 24 4.98 -31.43 31.34
N SER D 25 6.13 -32.03 31.07
CA SER D 25 7.36 -31.31 30.80
C SER D 25 7.87 -31.66 29.41
N GLY D 26 8.70 -30.79 28.86
CA GLY D 26 9.32 -31.01 27.57
C GLY D 26 8.78 -30.17 26.44
N TYR D 27 7.77 -29.34 26.69
CA TYR D 27 7.18 -28.50 25.66
C TYR D 27 6.42 -27.37 26.33
N THR D 28 6.03 -26.39 25.53
CA THR D 28 5.18 -25.32 26.04
C THR D 28 3.81 -25.89 26.36
N PHE D 29 3.49 -25.98 27.66
CA PHE D 29 2.27 -26.63 28.11
C PHE D 29 1.02 -26.06 27.46
N THR D 30 1.08 -24.80 27.02
CA THR D 30 -0.10 -24.10 26.50
C THR D 30 -0.32 -24.37 25.02
N ASP D 31 0.52 -25.18 24.39
CA ASP D 31 0.34 -25.49 22.97
C ASP D 31 -0.74 -26.55 22.76
N TYR D 32 -0.55 -27.72 23.35
CA TYR D 32 -1.41 -28.87 23.10
C TYR D 32 -2.39 -29.05 24.25
N SER D 33 -3.68 -29.14 23.92
CA SER D 33 -4.67 -29.54 24.90
C SER D 33 -4.45 -31.00 25.27
N MET D 34 -4.64 -31.30 26.56
CA MET D 34 -4.34 -32.63 27.08
C MET D 34 -5.60 -33.49 27.07
N HIS D 35 -5.43 -34.75 26.66
CA HIS D 35 -6.52 -35.70 26.54
C HIS D 35 -6.40 -36.76 27.62
N TRP D 36 -7.54 -37.32 28.01
CA TRP D 36 -7.60 -38.32 29.08
C TRP D 36 -8.23 -39.60 28.53
N LEU D 37 -7.56 -40.72 28.76
CA LEU D 37 -7.99 -42.01 28.21
C LEU D 37 -8.03 -43.04 29.33
N LYS D 38 -9.16 -43.71 29.48
CA LYS D 38 -9.34 -44.72 30.52
C LYS D 38 -9.16 -46.11 29.93
N GLN D 39 -8.38 -46.95 30.61
CA GLN D 39 -8.32 -48.37 30.33
C GLN D 39 -9.15 -49.13 31.34
N ALA D 40 -9.24 -50.45 31.15
CA ALA D 40 -10.03 -51.28 32.04
C ALA D 40 -9.47 -52.69 32.02
N PRO D 41 -9.59 -53.44 33.11
CA PRO D 41 -9.08 -54.82 33.13
C PRO D 41 -9.90 -55.74 32.23
N GLY D 42 -9.29 -56.22 31.16
CA GLY D 42 -9.93 -57.11 30.22
C GLY D 42 -10.68 -56.41 29.10
N LYS D 43 -11.20 -55.21 29.36
CA LYS D 43 -11.90 -54.43 28.35
C LYS D 43 -10.89 -53.67 27.49
N GLY D 44 -11.41 -52.93 26.51
CA GLY D 44 -10.56 -52.15 25.64
C GLY D 44 -10.34 -50.73 26.15
N LEU D 45 -9.49 -50.00 25.45
CA LEU D 45 -9.17 -48.64 25.85
C LEU D 45 -10.31 -47.70 25.49
N LYS D 46 -10.48 -46.67 26.32
CA LYS D 46 -11.60 -45.75 26.20
C LYS D 46 -11.11 -44.31 26.33
N TRP D 47 -11.40 -43.50 25.31
CA TRP D 47 -11.07 -42.09 25.31
C TRP D 47 -12.25 -41.31 25.86
N MET D 48 -12.00 -40.48 26.89
CA MET D 48 -13.08 -39.84 27.63
C MET D 48 -13.23 -38.36 27.37
N GLY D 49 -12.17 -37.64 27.04
CA GLY D 49 -12.31 -36.24 26.73
C GLY D 49 -10.97 -35.52 26.80
N TRP D 50 -11.06 -34.21 26.63
CA TRP D 50 -9.89 -33.34 26.66
C TRP D 50 -10.22 -32.05 27.37
N ILE D 51 -9.20 -31.25 27.63
CA ILE D 51 -9.34 -29.96 28.30
C ILE D 51 -8.35 -29.00 27.67
N THR D 52 -8.85 -27.92 27.08
CA THR D 52 -7.99 -26.92 26.48
C THR D 52 -7.07 -26.31 27.53
N THR D 53 -5.79 -26.18 27.21
CA THR D 53 -4.80 -25.64 28.14
C THR D 53 -4.66 -24.13 28.04
N GLU D 54 -5.62 -23.45 27.42
CA GLU D 54 -5.65 -21.99 27.36
C GLU D 54 -6.80 -21.43 28.17
N THR D 55 -8.03 -21.84 27.87
CA THR D 55 -9.21 -21.40 28.60
C THR D 55 -9.63 -22.37 29.70
N GLY D 56 -9.11 -23.59 29.70
CA GLY D 56 -9.53 -24.60 30.65
C GLY D 56 -10.84 -25.27 30.33
N GLU D 57 -11.52 -24.85 29.26
CA GLU D 57 -12.83 -25.40 28.92
C GLU D 57 -12.74 -26.88 28.62
N PRO D 58 -13.38 -27.75 29.41
CA PRO D 58 -13.33 -29.18 29.16
C PRO D 58 -14.49 -29.67 28.30
N THR D 59 -14.28 -30.84 27.69
CA THR D 59 -15.32 -31.53 26.95
C THR D 59 -15.18 -33.02 27.21
N TYR D 60 -16.32 -33.71 27.34
CA TYR D 60 -16.37 -35.08 27.82
C TYR D 60 -17.03 -35.98 26.81
N ALA D 61 -16.65 -37.26 26.82
CA ALA D 61 -17.31 -38.26 26.02
C ALA D 61 -18.60 -38.71 26.70
N ASP D 62 -19.57 -39.11 25.88
CA ASP D 62 -20.91 -39.40 26.37
C ASP D 62 -20.92 -40.47 27.46
N ASP D 63 -19.92 -41.35 27.47
CA ASP D 63 -19.81 -42.37 28.50
C ASP D 63 -19.24 -41.86 29.81
N PHE D 64 -18.63 -40.67 29.81
CA PHE D 64 -17.92 -40.13 30.96
C PHE D 64 -18.43 -38.75 31.33
N LYS D 65 -19.75 -38.57 31.35
CA LYS D 65 -20.36 -37.30 31.68
C LYS D 65 -21.09 -37.39 33.02
N GLY D 66 -21.02 -36.32 33.80
CA GLY D 66 -21.79 -36.23 35.02
C GLY D 66 -20.95 -36.12 36.28
N ARG D 67 -19.87 -36.89 36.36
CA ARG D 67 -19.02 -36.90 37.55
C ARG D 67 -17.58 -36.53 37.27
N PHE D 68 -16.99 -37.02 36.19
CA PHE D 68 -15.60 -36.73 35.86
C PHE D 68 -15.42 -35.24 35.59
N ALA D 69 -14.37 -34.66 36.17
CA ALA D 69 -14.11 -33.23 36.04
C ALA D 69 -12.63 -33.00 35.80
N PHE D 70 -12.32 -32.24 34.75
CA PHE D 70 -10.95 -31.94 34.36
C PHE D 70 -10.54 -30.56 34.85
N SER D 71 -9.27 -30.42 35.21
CA SER D 71 -8.76 -29.14 35.70
C SER D 71 -7.24 -29.13 35.56
N LEU D 72 -6.67 -27.93 35.61
CA LEU D 72 -5.25 -27.76 35.39
C LEU D 72 -4.77 -26.49 36.06
N GLU D 73 -3.45 -26.39 36.25
CA GLU D 73 -2.79 -25.19 36.74
C GLU D 73 -1.77 -24.78 35.67
N THR D 74 -2.09 -23.73 34.92
CA THR D 74 -1.20 -23.30 33.83
C THR D 74 0.19 -22.98 34.35
N SER D 75 0.27 -22.31 35.50
CA SER D 75 1.57 -21.92 36.05
C SER D 75 2.41 -23.15 36.38
N ALA D 76 1.84 -24.11 37.09
CA ALA D 76 2.57 -25.31 37.47
C ALA D 76 2.86 -26.23 36.31
N SER D 77 2.23 -26.02 35.15
CA SER D 77 2.36 -26.88 33.98
C SER D 77 1.98 -28.32 34.32
N THR D 78 0.74 -28.47 34.77
CA THR D 78 0.21 -29.79 35.10
C THR D 78 -1.30 -29.74 35.06
N ALA D 79 -1.89 -30.86 34.64
CA ALA D 79 -3.34 -31.00 34.58
C ALA D 79 -3.75 -32.22 35.37
N TYR D 80 -4.94 -32.15 35.97
CA TYR D 80 -5.41 -33.23 36.82
C TYR D 80 -6.88 -33.50 36.58
N LEU D 81 -7.30 -34.70 36.96
CA LEU D 81 -8.66 -35.19 36.82
C LEU D 81 -9.24 -35.47 38.20
N GLN D 82 -10.56 -35.40 38.31
CA GLN D 82 -11.24 -35.66 39.57
C GLN D 82 -12.46 -36.52 39.31
N ILE D 83 -12.52 -37.68 39.98
CA ILE D 83 -13.61 -38.62 39.79
C ILE D 83 -14.46 -38.66 41.06
N ASN D 84 -15.53 -37.87 41.09
CA ASN D 84 -16.40 -37.86 42.25
C ASN D 84 -17.22 -39.14 42.33
N ASN D 85 -17.63 -39.48 43.55
CA ASN D 85 -18.49 -40.63 43.83
C ASN D 85 -17.94 -41.91 43.17
N LEU D 86 -16.76 -42.32 43.62
CA LEU D 86 -16.13 -43.51 43.10
C LEU D 86 -17.04 -44.72 43.25
N LYS D 87 -16.98 -45.61 42.26
CA LYS D 87 -17.80 -46.81 42.23
C LYS D 87 -16.92 -48.01 41.88
N ASN D 88 -17.46 -49.20 42.12
CA ASN D 88 -16.73 -50.43 41.85
C ASN D 88 -16.39 -50.57 40.37
N GLU D 89 -17.10 -49.86 39.50
CA GLU D 89 -16.85 -49.94 38.07
C GLU D 89 -15.79 -48.95 37.60
N ASP D 90 -15.49 -47.93 38.40
CA ASP D 90 -14.48 -46.93 38.04
C ASP D 90 -13.06 -47.44 38.21
N THR D 91 -12.88 -48.72 38.52
CA THR D 91 -11.55 -49.27 38.71
C THR D 91 -10.86 -49.51 37.37
N GLY D 92 -9.56 -49.27 37.33
CA GLY D 92 -8.80 -49.49 36.11
C GLY D 92 -7.52 -48.66 36.12
N ILE D 93 -7.15 -48.20 34.92
CA ILE D 93 -5.95 -47.40 34.70
C ILE D 93 -6.35 -46.17 33.88
N TYR D 94 -5.98 -45.00 34.36
CA TYR D 94 -6.37 -43.74 33.73
C TYR D 94 -5.14 -43.07 33.14
N PHE D 95 -5.23 -42.69 31.87
CA PHE D 95 -4.09 -42.18 31.11
C PHE D 95 -4.31 -40.72 30.74
N CYS D 96 -3.23 -39.95 30.75
CA CYS D 96 -3.22 -38.58 30.25
C CYS D 96 -2.37 -38.52 29.00
N ALA D 97 -2.89 -37.88 27.95
CA ALA D 97 -2.22 -37.91 26.66
C ALA D 97 -2.45 -36.59 25.93
N ARG D 98 -1.59 -36.34 24.94
CA ARG D 98 -1.70 -35.17 24.09
C ARG D 98 -1.44 -35.59 22.65
N TYR D 99 -1.73 -34.68 21.72
CA TYR D 99 -1.57 -34.98 20.30
C TYR D 99 -0.11 -34.96 19.92
N TYR D 100 0.43 -36.11 19.53
CA TYR D 100 1.67 -36.13 18.77
C TYR D 100 1.33 -35.85 17.33
N TYR D 101 2.25 -36.13 16.40
CA TYR D 101 1.97 -35.82 15.00
C TYR D 101 0.70 -36.51 14.53
N GLY D 102 0.70 -37.84 14.47
CA GLY D 102 -0.53 -38.56 14.27
C GLY D 102 -1.12 -39.15 15.54
N PRO D 103 -0.35 -39.99 16.24
CA PRO D 103 -0.89 -40.68 17.41
C PRO D 103 -0.79 -39.89 18.70
N PHE D 104 -1.11 -40.54 19.82
CA PHE D 104 -1.04 -39.93 21.13
C PHE D 104 0.34 -40.14 21.74
N TYR D 105 0.56 -39.52 22.89
CA TYR D 105 1.70 -39.80 23.74
C TYR D 105 1.18 -40.10 25.15
N TRP D 106 1.45 -41.30 25.63
CA TRP D 106 0.89 -41.79 26.89
C TRP D 106 1.93 -41.70 28.00
N GLY D 107 1.51 -41.19 29.15
CA GLY D 107 2.30 -41.31 30.36
C GLY D 107 1.93 -42.56 31.13
N GLN D 108 2.80 -42.95 32.06
CA GLN D 108 2.53 -44.13 32.87
C GLN D 108 1.21 -44.01 33.59
N GLY D 109 0.54 -45.15 33.79
CA GLY D 109 -0.81 -45.13 34.32
C GLY D 109 -0.86 -45.00 35.83
N THR D 110 -2.10 -44.81 36.33
CA THR D 110 -2.38 -44.74 37.75
C THR D 110 -3.48 -45.76 38.05
N LEU D 111 -3.08 -46.94 38.53
CA LEU D 111 -4.05 -47.99 38.84
C LEU D 111 -4.89 -47.55 40.02
N VAL D 112 -6.14 -47.19 39.77
CA VAL D 112 -7.04 -46.69 40.80
C VAL D 112 -8.11 -47.76 41.02
N THR D 113 -7.95 -48.54 42.07
CA THR D 113 -8.90 -49.59 42.42
C THR D 113 -9.88 -49.07 43.46
N VAL D 114 -11.13 -49.49 43.34
CA VAL D 114 -12.20 -49.06 44.22
C VAL D 114 -12.81 -50.31 44.84
N SER D 115 -12.37 -50.64 46.05
CA SER D 115 -12.87 -51.78 46.80
C SER D 115 -13.34 -51.32 48.17
N THR D 116 -13.98 -52.24 48.89
CA THR D 116 -14.50 -51.92 50.22
C THR D 116 -13.71 -52.64 51.30
N ASP E 1 -19.49 -41.35 15.62
CA ASP E 1 -19.31 -42.55 16.45
C ASP E 1 -18.78 -43.69 15.60
N ILE E 2 -17.65 -43.45 14.93
CA ILE E 2 -17.02 -44.47 14.09
C ILE E 2 -16.41 -45.53 14.99
N GLN E 3 -16.96 -46.75 14.92
CA GLN E 3 -16.50 -47.87 15.73
C GLN E 3 -15.67 -48.81 14.88
N MET E 4 -14.51 -49.21 15.39
CA MET E 4 -13.58 -50.04 14.66
C MET E 4 -13.49 -51.42 15.27
N THR E 5 -13.23 -52.43 14.42
CA THR E 5 -13.16 -53.82 14.85
C THR E 5 -11.98 -54.49 14.19
N GLN E 6 -11.27 -55.32 14.94
CA GLN E 6 -10.14 -56.07 14.43
C GLN E 6 -10.53 -57.51 14.19
N SER E 7 -10.04 -58.08 13.09
CA SER E 7 -10.43 -59.46 12.75
C SER E 7 -9.73 -60.50 13.62
N PRO E 8 -8.39 -60.45 13.84
CA PRO E 8 -7.79 -61.53 14.64
C PRO E 8 -7.79 -61.21 16.14
N ALA E 9 -8.96 -61.38 16.78
CA ALA E 9 -9.07 -61.13 18.21
C ALA E 9 -8.05 -61.93 19.01
N SER E 10 -7.65 -63.08 18.50
CA SER E 10 -6.55 -63.86 19.05
C SER E 10 -5.50 -64.06 17.97
N LEU E 11 -4.33 -64.54 18.37
CA LEU E 11 -3.22 -64.70 17.43
C LEU E 11 -2.16 -65.57 18.07
N SER E 12 -1.36 -66.20 17.21
CA SER E 12 -0.25 -67.03 17.64
C SER E 12 0.67 -67.24 16.45
N ALA E 13 1.97 -67.05 16.65
CA ALA E 13 2.91 -67.12 15.54
C ALA E 13 4.26 -67.61 16.03
N SER E 14 5.13 -67.92 15.08
CA SER E 14 6.48 -68.39 15.34
C SER E 14 7.42 -67.21 15.53
N VAL E 15 8.73 -67.48 15.53
CA VAL E 15 9.73 -66.44 15.71
C VAL E 15 10.34 -66.03 14.36
N GLY E 16 9.74 -66.48 13.24
CA GLY E 16 10.25 -66.08 11.94
C GLY E 16 9.17 -65.80 10.91
N GLU E 17 7.91 -65.90 11.29
CA GLU E 17 6.81 -65.76 10.35
C GLU E 17 6.47 -64.28 10.12
N THR E 18 5.74 -64.01 9.05
CA THR E 18 5.21 -62.69 8.75
C THR E 18 3.71 -62.70 8.99
N VAL E 19 3.26 -61.93 9.97
CA VAL E 19 1.85 -61.91 10.38
C VAL E 19 1.25 -60.57 10.01
N THR E 20 -0.06 -60.57 9.77
CA THR E 20 -0.77 -59.38 9.32
C THR E 20 -2.03 -59.20 10.16
N ILE E 21 -2.25 -57.97 10.63
CA ILE E 21 -3.44 -57.61 11.40
C ILE E 21 -4.24 -56.59 10.60
N THR E 22 -5.56 -56.67 10.72
CA THR E 22 -6.46 -55.80 9.97
C THR E 22 -7.44 -55.11 10.90
N CYS E 23 -7.86 -53.91 10.50
CA CYS E 23 -8.90 -53.16 11.19
C CYS E 23 -9.92 -52.68 10.17
N ARG E 24 -11.19 -52.80 10.51
CA ARG E 24 -12.29 -52.40 9.64
C ARG E 24 -13.03 -51.24 10.29
N SER E 25 -13.02 -50.09 9.62
CA SER E 25 -13.69 -48.91 10.12
C SER E 25 -15.17 -48.91 9.74
N SER E 26 -16.00 -48.43 10.65
CA SER E 26 -17.42 -48.25 10.38
C SER E 26 -17.73 -46.96 9.63
N GLY E 27 -16.69 -46.28 9.14
CA GLY E 27 -16.88 -45.06 8.39
C GLY E 27 -15.64 -44.79 7.58
N ASN E 28 -15.71 -43.74 6.76
CA ASN E 28 -14.62 -43.40 5.84
C ASN E 28 -13.63 -42.50 6.56
N ILE E 29 -12.76 -43.10 7.36
CA ILE E 29 -11.60 -42.40 7.90
C ILE E 29 -10.54 -42.43 6.81
N HIS E 30 -10.49 -41.36 6.01
CA HIS E 30 -9.78 -41.34 4.74
C HIS E 30 -8.41 -42.02 4.80
N ASN E 31 -7.55 -41.54 5.69
CA ASN E 31 -6.21 -42.07 5.81
C ASN E 31 -5.76 -42.23 7.25
N PHE E 32 -6.44 -41.61 8.20
CA PHE E 32 -5.91 -41.38 9.54
C PHE E 32 -6.09 -42.61 10.40
N LEU E 33 -4.98 -43.27 10.74
CA LEU E 33 -4.99 -44.44 11.60
C LEU E 33 -3.65 -44.51 12.31
N THR E 34 -3.60 -45.31 13.38
CA THR E 34 -2.36 -45.54 14.09
C THR E 34 -2.46 -46.87 14.84
N TRP E 35 -1.30 -47.48 15.07
CA TRP E 35 -1.21 -48.81 15.67
C TRP E 35 -0.31 -48.74 16.88
N TYR E 36 -0.90 -48.81 18.07
CA TYR E 36 -0.14 -48.89 19.30
C TYR E 36 0.14 -50.34 19.65
N GLN E 37 1.16 -50.56 20.46
CA GLN E 37 1.45 -51.87 21.03
C GLN E 37 1.78 -51.71 22.50
N GLN E 38 1.13 -52.52 23.33
CA GLN E 38 1.27 -52.42 24.78
C GLN E 38 2.02 -53.64 25.29
N LYS E 39 3.14 -53.41 25.96
CA LYS E 39 3.93 -54.48 26.53
C LYS E 39 3.28 -54.95 27.82
N GLN E 40 4.00 -55.78 28.59
CA GLN E 40 3.45 -56.40 29.80
C GLN E 40 3.34 -55.35 30.89
N GLY E 41 2.29 -54.54 30.82
CA GLY E 41 2.00 -53.56 31.83
C GLY E 41 2.66 -52.22 31.62
N LYS E 42 2.68 -51.75 30.37
CA LYS E 42 3.23 -50.45 30.02
C LYS E 42 2.13 -49.58 29.39
N SER E 43 2.53 -48.41 28.92
CA SER E 43 1.66 -47.48 28.21
C SER E 43 1.74 -47.77 26.71
N PRO E 44 0.62 -47.69 25.99
CA PRO E 44 0.62 -48.06 24.57
C PRO E 44 1.51 -47.16 23.73
N GLN E 45 2.63 -47.70 23.24
CA GLN E 45 3.53 -46.95 22.38
C GLN E 45 3.12 -47.12 20.93
N PHE E 46 3.05 -46.01 20.20
CA PHE E 46 2.58 -46.06 18.82
C PHE E 46 3.69 -46.54 17.89
N LEU E 47 3.27 -47.18 16.79
CA LEU E 47 4.19 -47.70 15.79
C LEU E 47 4.21 -46.89 14.50
N VAL E 48 3.08 -46.31 14.10
CA VAL E 48 2.99 -45.56 12.86
C VAL E 48 2.33 -44.22 13.14
N TYR E 49 2.80 -43.18 12.44
CA TYR E 49 2.14 -41.88 12.52
C TYR E 49 0.85 -41.85 11.71
N ASN E 50 0.72 -42.73 10.73
CA ASN E 50 -0.40 -42.71 9.81
C ASN E 50 -0.57 -44.13 9.28
N ALA E 51 -1.56 -44.31 8.40
CA ALA E 51 -1.82 -45.64 7.86
C ALA E 51 -0.60 -46.20 7.15
N LYS E 52 0.18 -45.36 6.48
CA LYS E 52 1.31 -45.80 5.68
C LYS E 52 2.67 -45.41 6.27
N THR E 53 2.88 -44.12 6.56
CA THR E 53 4.19 -43.64 7.01
C THR E 53 4.43 -44.06 8.45
N LEU E 54 5.27 -45.08 8.64
CA LEU E 54 5.58 -45.56 9.97
C LEU E 54 6.32 -44.50 10.78
N ALA E 55 6.38 -44.71 12.08
CA ALA E 55 6.98 -43.76 13.00
C ALA E 55 8.47 -44.05 13.19
N ASP E 56 9.26 -42.98 13.30
CA ASP E 56 10.69 -43.15 13.53
C ASP E 56 10.94 -43.80 14.88
N GLY E 57 12.03 -44.57 14.96
CA GLY E 57 12.42 -45.28 16.15
C GLY E 57 12.05 -46.75 16.14
N VAL E 58 11.00 -47.13 15.41
CA VAL E 58 10.61 -48.53 15.34
C VAL E 58 11.34 -49.21 14.19
N SER E 59 11.44 -50.54 14.28
CA SER E 59 12.09 -51.31 13.24
C SER E 59 11.25 -51.30 11.96
N SER E 60 11.92 -51.59 10.84
CA SER E 60 11.31 -51.45 9.52
C SER E 60 10.37 -52.59 9.15
N ARG E 61 10.32 -53.66 9.96
CA ARG E 61 9.47 -54.79 9.60
C ARG E 61 7.99 -54.46 9.70
N PHE E 62 7.61 -53.54 10.58
CA PHE E 62 6.24 -53.06 10.61
C PHE E 62 5.95 -52.25 9.36
N SER E 63 4.86 -52.58 8.67
CA SER E 63 4.51 -51.91 7.43
C SER E 63 3.00 -51.80 7.35
N GLY E 64 2.49 -50.59 7.51
CA GLY E 64 1.06 -50.36 7.44
C GLY E 64 0.60 -50.03 6.03
N SER E 65 -0.66 -50.37 5.76
CA SER E 65 -1.26 -50.07 4.47
C SER E 65 -2.76 -49.94 4.66
N GLY E 66 -3.39 -49.25 3.71
CA GLY E 66 -4.83 -49.12 3.68
C GLY E 66 -5.26 -47.69 3.47
N SER E 67 -6.57 -47.53 3.29
CA SER E 67 -7.21 -46.23 3.14
C SER E 67 -8.71 -46.40 3.20
N GLY E 68 -9.38 -45.45 3.83
CA GLY E 68 -10.83 -45.40 3.84
C GLY E 68 -11.50 -46.29 4.87
N THR E 69 -11.62 -47.59 4.57
CA THR E 69 -12.33 -48.49 5.47
C THR E 69 -11.66 -49.85 5.60
N GLN E 70 -10.38 -49.97 5.23
CA GLN E 70 -9.72 -51.27 5.31
C GLN E 70 -8.22 -51.05 5.42
N PHE E 71 -7.64 -51.36 6.58
CA PHE E 71 -6.25 -51.12 6.86
C PHE E 71 -5.57 -52.41 7.31
N SER E 72 -4.24 -52.43 7.20
CA SER E 72 -3.49 -53.65 7.43
C SER E 72 -2.12 -53.31 8.00
N LEU E 73 -1.88 -53.75 9.24
CA LEU E 73 -0.53 -53.72 9.81
C LEU E 73 0.12 -55.08 9.58
N LYS E 74 1.36 -55.06 9.11
CA LYS E 74 2.09 -56.28 8.77
C LYS E 74 3.42 -56.28 9.49
N ILE E 75 3.62 -57.27 10.36
CA ILE E 75 4.90 -57.49 11.02
C ILE E 75 5.69 -58.44 10.11
N ASN E 76 6.67 -57.89 9.38
CA ASN E 76 7.38 -58.66 8.37
C ASN E 76 8.28 -59.74 8.95
N SER E 77 8.46 -59.77 10.27
CA SER E 77 9.19 -60.82 10.96
C SER E 77 8.98 -60.65 12.44
N LEU E 78 8.82 -61.78 13.15
CA LEU E 78 8.63 -61.72 14.58
C LEU E 78 9.94 -61.95 15.31
N GLN E 79 10.07 -61.29 16.47
CA GLN E 79 11.21 -61.41 17.35
C GLN E 79 10.68 -61.47 18.78
N PRO E 80 11.51 -61.75 19.78
CA PRO E 80 11.02 -61.69 21.17
C PRO E 80 10.44 -60.34 21.56
N GLU E 81 10.86 -59.25 20.90
CA GLU E 81 10.31 -57.95 21.22
C GLU E 81 8.87 -57.80 20.70
N ASP E 82 8.61 -58.29 19.50
CA ASP E 82 7.33 -58.05 18.82
C ASP E 82 6.23 -58.96 19.39
N PHE E 83 5.96 -58.80 20.68
CA PHE E 83 4.94 -59.58 21.35
C PHE E 83 4.23 -58.72 22.39
N GLY E 84 2.91 -58.66 22.30
CA GLY E 84 2.11 -57.88 23.22
C GLY E 84 0.66 -57.82 22.78
N ILE E 85 0.04 -56.65 22.90
CA ILE E 85 -1.32 -56.42 22.42
C ILE E 85 -1.29 -55.23 21.48
N TYR E 86 -1.95 -55.36 20.34
CA TYR E 86 -1.91 -54.35 19.29
C TYR E 86 -3.30 -53.77 19.10
N TYR E 87 -3.46 -52.49 19.40
CA TYR E 87 -4.71 -51.77 19.17
C TYR E 87 -4.57 -50.89 17.94
N CYS E 88 -5.72 -50.39 17.47
CA CYS E 88 -5.75 -49.49 16.34
C CYS E 88 -6.83 -48.45 16.58
N GLN E 89 -6.51 -47.20 16.29
CA GLN E 89 -7.40 -46.08 16.63
C GLN E 89 -7.45 -45.10 15.47
N HIS E 90 -8.64 -44.60 15.20
CA HIS E 90 -8.81 -43.50 14.26
C HIS E 90 -8.67 -42.17 15.00
N PHE E 91 -8.09 -41.20 14.33
CA PHE E 91 -8.04 -39.83 14.86
C PHE E 91 -8.59 -38.85 13.84
N TRP E 92 -9.67 -39.24 13.18
CA TRP E 92 -10.29 -38.37 12.19
C TRP E 92 -11.26 -37.38 12.84
N THR E 93 -12.15 -37.86 13.69
CA THR E 93 -13.06 -36.97 14.41
C THR E 93 -13.41 -37.60 15.75
N THR E 94 -13.90 -36.74 16.66
CA THR E 94 -14.22 -37.12 18.03
C THR E 94 -15.65 -37.67 18.11
N PRO E 95 -15.89 -38.65 19.00
CA PRO E 95 -14.92 -39.25 19.92
C PRO E 95 -14.08 -40.35 19.29
N TYR E 96 -12.85 -40.51 19.78
CA TYR E 96 -11.95 -41.49 19.23
C TYR E 96 -12.28 -42.87 19.79
N THR E 97 -12.05 -43.90 18.97
CA THR E 97 -12.37 -45.27 19.34
C THR E 97 -11.18 -46.16 19.03
N PHE E 98 -11.16 -47.32 19.68
CA PHE E 98 -10.07 -48.27 19.56
C PHE E 98 -10.60 -49.60 19.05
N GLY E 99 -9.70 -50.39 18.47
CA GLY E 99 -10.04 -51.75 18.10
C GLY E 99 -10.09 -52.66 19.31
N GLY E 100 -10.75 -53.80 19.13
CA GLY E 100 -10.94 -54.75 20.22
C GLY E 100 -9.65 -55.20 20.88
N GLY E 101 -8.56 -55.13 20.16
CA GLY E 101 -7.27 -55.56 20.68
C GLY E 101 -6.88 -56.90 20.10
N THR E 102 -5.61 -57.02 19.72
CA THR E 102 -5.08 -58.24 19.10
C THR E 102 -3.93 -58.75 19.99
N LYS E 103 -4.17 -59.87 20.66
CA LYS E 103 -3.16 -60.47 21.52
C LYS E 103 -2.29 -61.42 20.71
N LEU E 104 -0.99 -61.19 20.73
CA LEU E 104 -0.03 -61.98 19.97
C LEU E 104 0.88 -62.73 20.93
N GLU E 105 0.86 -64.06 20.84
CA GLU E 105 1.69 -64.91 21.69
C GLU E 105 2.48 -65.88 20.82
N ILE E 106 3.40 -66.61 21.47
CA ILE E 106 4.25 -67.54 20.74
C ILE E 106 3.42 -68.71 20.21
N LYS E 107 3.93 -69.34 19.15
CA LYS E 107 3.26 -70.46 18.51
C LYS E 107 3.08 -71.64 19.47
N GLN F 1 -6.50 -11.27 -30.29
CA GLN F 1 -5.78 -10.08 -30.72
C GLN F 1 -6.51 -9.41 -31.87
N ASN F 2 -7.82 -9.66 -31.97
CA ASN F 2 -8.67 -9.11 -33.02
C ASN F 2 -9.53 -7.97 -32.50
N ILE F 3 -8.98 -7.14 -31.62
CA ILE F 3 -9.77 -6.07 -31.00
C ILE F 3 -10.25 -5.10 -32.07
N THR F 4 -11.53 -4.72 -31.97
CA THR F 4 -12.11 -3.72 -32.86
C THR F 4 -12.82 -2.66 -32.04
N GLU F 5 -13.57 -1.78 -32.69
CA GLU F 5 -14.31 -0.73 -31.99
C GLU F 5 -15.36 -0.18 -32.96
N GLU F 6 -16.37 0.48 -32.39
CA GLU F 6 -17.49 0.95 -33.21
C GLU F 6 -18.11 2.15 -32.49
N PHE F 7 -17.82 3.35 -32.99
CA PHE F 7 -18.43 4.56 -32.47
C PHE F 7 -19.82 4.73 -33.06
N TYR F 8 -20.80 4.99 -32.20
CA TYR F 8 -22.17 5.20 -32.62
C TYR F 8 -22.51 6.67 -32.37
N GLN F 9 -22.52 7.45 -33.45
CA GLN F 9 -22.80 8.88 -33.33
C GLN F 9 -24.21 9.13 -32.79
N SER F 10 -25.16 8.26 -33.12
CA SER F 10 -26.54 8.46 -32.71
C SER F 10 -26.69 8.52 -31.20
N THR F 11 -25.76 7.91 -30.46
CA THR F 11 -25.83 7.89 -29.01
C THR F 11 -24.52 8.26 -28.34
N CYS F 12 -23.47 8.54 -29.12
CA CYS F 12 -22.19 9.04 -28.61
C CYS F 12 -21.57 8.02 -27.66
N SER F 13 -21.32 6.83 -28.19
CA SER F 13 -20.72 5.74 -27.42
C SER F 13 -19.87 4.89 -28.36
N ALA F 14 -19.01 4.07 -27.76
CA ALA F 14 -18.05 3.27 -28.52
C ALA F 14 -17.86 1.92 -27.84
N VAL F 15 -18.05 0.85 -28.60
CA VAL F 15 -18.03 -0.52 -28.09
C VAL F 15 -16.81 -1.24 -28.64
N SER F 16 -15.82 -1.51 -27.78
CA SER F 16 -14.78 -2.47 -28.14
C SER F 16 -15.36 -3.88 -28.14
N LYS F 17 -14.80 -4.76 -28.96
CA LYS F 17 -15.45 -6.06 -29.17
C LYS F 17 -14.56 -7.28 -29.10
N GLY F 18 -13.26 -7.18 -29.33
CA GLY F 18 -12.48 -8.40 -29.53
C GLY F 18 -11.94 -9.07 -28.29
N TYR F 19 -12.70 -9.07 -27.21
CA TYR F 19 -12.18 -9.48 -25.91
C TYR F 19 -12.65 -10.88 -25.53
N LEU F 20 -12.01 -11.42 -24.49
CA LEU F 20 -12.31 -12.73 -23.91
C LEU F 20 -12.74 -12.52 -22.46
N SER F 21 -12.89 -13.62 -21.72
CA SER F 21 -13.37 -13.54 -20.35
C SER F 21 -12.66 -14.55 -19.47
N ALA F 22 -12.33 -14.12 -18.25
CA ALA F 22 -12.00 -15.00 -17.14
C ALA F 22 -12.73 -14.47 -15.93
N LEU F 23 -13.97 -14.91 -15.73
CA LEU F 23 -14.84 -14.38 -14.69
C LEU F 23 -14.70 -15.23 -13.43
N ARG F 24 -14.25 -14.60 -12.34
CA ARG F 24 -14.17 -15.31 -11.07
C ARG F 24 -15.57 -15.63 -10.58
N THR F 25 -15.88 -16.92 -10.44
CA THR F 25 -17.17 -17.36 -9.99
C THR F 25 -17.16 -18.08 -8.65
N GLY F 26 -15.99 -18.50 -8.16
CA GLY F 26 -15.90 -19.21 -6.90
C GLY F 26 -14.55 -19.01 -6.25
N TRP F 27 -14.39 -19.61 -5.09
CA TRP F 27 -13.16 -19.56 -4.32
C TRP F 27 -12.64 -20.96 -4.08
N TYR F 28 -11.34 -21.08 -3.85
CA TYR F 28 -10.72 -22.35 -3.48
C TYR F 28 -9.75 -22.08 -2.34
N THR F 29 -10.18 -22.37 -1.12
CA THR F 29 -9.38 -22.06 0.06
C THR F 29 -8.31 -23.12 0.27
N SER F 30 -7.06 -22.71 0.20
CA SER F 30 -5.94 -23.55 0.57
C SER F 30 -5.61 -23.38 2.04
N VAL F 31 -4.56 -24.05 2.51
CA VAL F 31 -4.04 -23.90 3.86
C VAL F 31 -2.53 -23.97 3.78
N ILE F 32 -1.86 -22.94 4.27
CA ILE F 32 -0.41 -22.81 4.18
C ILE F 32 0.16 -22.82 5.58
N THR F 33 0.96 -23.85 5.89
CA THR F 33 1.46 -24.05 7.24
C THR F 33 2.95 -23.74 7.30
N ILE F 34 3.43 -23.50 8.51
CA ILE F 34 4.83 -23.21 8.79
C ILE F 34 5.19 -23.85 10.12
N GLU F 35 6.12 -24.80 10.11
CA GLU F 35 6.50 -25.50 11.32
C GLU F 35 7.31 -24.56 12.22
N LEU F 36 6.68 -24.07 13.28
CA LEU F 36 7.39 -23.25 14.24
C LEU F 36 8.14 -24.12 15.24
N SER F 37 8.97 -23.47 16.04
CA SER F 37 9.74 -24.13 17.08
C SER F 37 9.39 -23.54 18.44
N ASN F 38 9.77 -24.24 19.49
CA ASN F 38 9.60 -23.77 20.85
C ASN F 38 10.96 -23.30 21.36
N ILE F 39 11.09 -21.98 21.56
CA ILE F 39 12.35 -21.39 22.00
C ILE F 39 12.49 -21.68 23.49
N LYS F 40 13.28 -22.69 23.83
CA LYS F 40 13.60 -22.96 25.23
C LYS F 40 14.67 -21.97 25.68
N GLU F 41 14.52 -21.47 26.91
CA GLU F 41 15.38 -20.40 27.42
C GLU F 41 16.84 -20.74 27.21
N ASN F 42 17.53 -19.89 26.47
CA ASN F 42 18.93 -20.11 26.10
C ASN F 42 19.80 -19.81 27.31
N LYS F 43 20.03 -20.84 28.13
CA LYS F 43 20.83 -20.70 29.35
C LYS F 43 22.30 -20.79 28.97
N CYS F 44 22.84 -19.66 28.53
CA CYS F 44 24.25 -19.55 28.21
C CYS F 44 24.70 -18.12 28.47
N ASN F 45 25.88 -17.97 29.05
CA ASN F 45 26.45 -16.68 29.36
C ASN F 45 27.69 -16.44 28.51
N GLY F 46 27.83 -15.23 28.00
CA GLY F 46 28.84 -14.90 27.01
C GLY F 46 28.23 -14.09 25.88
N THR F 47 28.83 -12.95 25.57
CA THR F 47 28.17 -12.00 24.68
C THR F 47 29.11 -11.68 23.51
N ASP F 48 29.62 -12.71 22.86
CA ASP F 48 30.36 -12.50 21.62
C ASP F 48 29.42 -11.92 20.55
N ALA F 49 30.02 -11.26 19.56
CA ALA F 49 29.22 -10.56 18.56
C ALA F 49 28.32 -11.51 17.79
N LYS F 50 28.83 -12.69 17.42
CA LYS F 50 28.02 -13.66 16.70
C LYS F 50 26.90 -14.20 17.58
N VAL F 51 27.22 -14.53 18.83
CA VAL F 51 26.19 -14.99 19.76
C VAL F 51 25.16 -13.89 20.00
N LYS F 52 25.61 -12.64 20.06
CA LYS F 52 24.68 -11.53 20.28
C LYS F 52 23.75 -11.34 19.09
N LEU F 53 24.27 -11.50 17.87
CA LEU F 53 23.43 -11.38 16.69
C LEU F 53 22.43 -12.53 16.61
N ILE F 54 22.87 -13.74 16.93
CA ILE F 54 21.96 -14.88 17.00
C ILE F 54 20.87 -14.63 18.02
N LYS F 55 21.24 -14.09 19.18
CA LYS F 55 20.25 -13.78 20.21
C LYS F 55 19.26 -12.73 19.74
N GLN F 56 19.73 -11.70 19.03
CA GLN F 56 18.83 -10.68 18.52
C GLN F 56 17.86 -11.25 17.50
N GLU F 57 18.36 -12.14 16.63
CA GLU F 57 17.47 -12.75 15.65
C GLU F 57 16.45 -13.67 16.32
N LEU F 58 16.86 -14.42 17.34
CA LEU F 58 15.93 -15.26 18.07
C LEU F 58 14.87 -14.42 18.78
N ASP F 59 15.27 -13.27 19.31
CA ASP F 59 14.30 -12.38 19.96
C ASP F 59 13.31 -11.83 18.94
N LYS F 60 13.78 -11.48 17.73
CA LYS F 60 12.86 -11.04 16.69
C LYS F 60 11.91 -12.17 16.29
N TYR F 61 12.40 -13.41 16.28
CA TYR F 61 11.56 -14.55 15.96
C TYR F 61 10.46 -14.73 17.01
N LYS F 62 10.84 -14.75 18.28
CA LYS F 62 9.87 -14.87 19.36
C LYS F 62 8.87 -13.72 19.33
N ASN F 63 9.33 -12.51 19.02
CA ASN F 63 8.44 -11.37 18.93
C ASN F 63 7.45 -11.53 17.78
N ALA F 64 7.92 -12.07 16.65
CA ALA F 64 7.01 -12.32 15.54
C ALA F 64 5.94 -13.33 15.93
N VAL F 65 6.34 -14.41 16.60
CA VAL F 65 5.37 -15.40 17.05
C VAL F 65 4.35 -14.78 18.00
N THR F 66 4.82 -13.94 18.93
CA THR F 66 3.92 -13.31 19.88
C THR F 66 2.95 -12.37 19.19
N GLU F 67 3.45 -11.55 18.26
CA GLU F 67 2.58 -10.64 17.53
C GLU F 67 1.56 -11.39 16.69
N LEU F 68 1.95 -12.55 16.14
CA LEU F 68 1.00 -13.35 15.37
C LEU F 68 -0.08 -13.94 16.28
N GLN F 69 0.33 -14.42 17.46
CA GLN F 69 -0.66 -14.93 18.41
C GLN F 69 -1.63 -13.86 18.84
N LEU F 70 -1.17 -12.61 18.96
CA LEU F 70 -2.09 -11.52 19.26
C LEU F 70 -2.93 -11.15 18.05
N LEU F 71 -2.42 -11.38 16.84
CA LEU F 71 -3.21 -11.10 15.64
C LEU F 71 -4.37 -12.08 15.51
N MET F 72 -4.14 -13.35 15.81
CA MET F 72 -5.22 -14.33 15.82
C MET F 72 -6.27 -13.97 16.86
N GLN F 73 -5.87 -13.92 18.12
CA GLN F 73 -6.79 -13.64 19.22
C GLN F 73 -7.23 -12.18 19.22
N PHE F 112 -21.54 4.55 -13.11
CA PHE F 112 -22.84 5.21 -13.05
C PHE F 112 -23.90 4.31 -12.44
N LEU F 113 -23.61 3.01 -12.36
CA LEU F 113 -24.56 2.02 -11.86
C LEU F 113 -23.93 1.10 -10.84
N GLY F 114 -23.02 1.62 -10.03
CA GLY F 114 -22.37 0.82 -9.00
C GLY F 114 -23.14 0.69 -7.71
N PHE F 115 -24.27 1.36 -7.58
CA PHE F 115 -25.11 1.30 -6.40
C PHE F 115 -26.16 0.20 -6.48
N LEU F 116 -26.00 -0.76 -7.40
CA LEU F 116 -26.95 -1.84 -7.59
C LEU F 116 -26.31 -3.21 -7.40
N LEU F 117 -25.12 -3.27 -6.80
CA LEU F 117 -24.34 -4.51 -6.82
C LEU F 117 -24.84 -5.51 -5.78
N GLY F 118 -25.07 -5.04 -4.56
CA GLY F 118 -25.39 -5.96 -3.48
C GLY F 118 -24.15 -6.34 -2.71
N VAL F 119 -24.25 -6.40 -1.39
CA VAL F 119 -23.09 -6.61 -0.55
C VAL F 119 -22.78 -8.11 -0.46
N GLY F 120 -21.51 -8.42 -0.25
CA GLY F 120 -21.09 -9.80 -0.09
C GLY F 120 -19.77 -9.94 0.65
N SER F 121 -19.74 -10.81 1.65
CA SER F 121 -18.52 -11.06 2.38
C SER F 121 -17.49 -11.71 1.46
N ALA F 122 -16.27 -11.17 1.46
CA ALA F 122 -15.24 -11.65 0.55
C ALA F 122 -14.37 -12.74 1.15
N ILE F 123 -14.25 -12.81 2.48
CA ILE F 123 -13.42 -13.85 3.09
C ILE F 123 -14.30 -14.81 3.87
N ALA F 124 -15.56 -14.96 3.46
CA ALA F 124 -16.47 -15.86 4.18
C ALA F 124 -15.96 -17.30 4.13
N SER F 125 -15.43 -17.73 2.99
CA SER F 125 -14.89 -19.07 2.87
C SER F 125 -13.65 -19.25 3.75
N GLY F 126 -12.76 -18.25 3.74
CA GLY F 126 -11.58 -18.34 4.59
C GLY F 126 -11.91 -18.28 6.06
N VAL F 127 -12.88 -17.45 6.43
CA VAL F 127 -13.33 -17.41 7.83
C VAL F 127 -13.89 -18.76 8.24
N ALA F 128 -14.73 -19.36 7.40
CA ALA F 128 -15.27 -20.68 7.70
C ALA F 128 -14.17 -21.72 7.87
N VAL F 129 -13.18 -21.70 6.97
CA VAL F 129 -12.10 -22.68 7.06
C VAL F 129 -11.25 -22.45 8.30
N CYS F 130 -11.06 -21.19 8.70
CA CYS F 130 -10.33 -20.92 9.94
C CYS F 130 -11.09 -21.44 11.16
N LYS F 131 -12.41 -21.20 11.19
CA LYS F 131 -13.20 -21.72 12.30
C LYS F 131 -13.19 -23.23 12.33
N VAL F 132 -13.09 -23.88 11.17
CA VAL F 132 -13.02 -25.34 11.15
C VAL F 132 -11.66 -25.82 11.67
N LEU F 133 -10.58 -25.20 11.23
CA LEU F 133 -9.26 -25.57 11.74
C LEU F 133 -9.08 -25.21 13.20
N HIS F 134 -9.95 -24.39 13.78
CA HIS F 134 -9.87 -24.15 15.21
C HIS F 134 -10.48 -25.27 16.04
N LEU F 135 -11.24 -26.18 15.42
CA LEU F 135 -11.75 -27.35 16.14
C LEU F 135 -10.60 -28.23 16.59
N GLU F 136 -10.85 -28.97 17.66
CA GLU F 136 -9.82 -29.84 18.23
C GLU F 136 -9.67 -31.08 17.36
N GLY F 137 -8.45 -31.29 16.85
CA GLY F 137 -8.13 -32.44 16.02
C GLY F 137 -7.77 -32.08 14.60
N GLU F 138 -8.31 -30.97 14.08
CA GLU F 138 -8.14 -30.65 12.67
C GLU F 138 -6.71 -30.25 12.35
N VAL F 139 -5.99 -29.71 13.33
CA VAL F 139 -4.58 -29.37 13.12
C VAL F 139 -3.72 -30.61 13.29
N ASN F 140 -4.17 -31.56 14.11
CA ASN F 140 -3.41 -32.80 14.28
C ASN F 140 -3.39 -33.61 12.99
N LYS F 141 -4.51 -33.62 12.27
CA LYS F 141 -4.56 -34.37 11.01
C LYS F 141 -3.74 -33.67 9.94
N ILE F 142 -3.84 -32.34 9.85
CA ILE F 142 -3.01 -31.58 8.92
C ILE F 142 -1.53 -31.81 9.20
N LYS F 143 -1.15 -31.80 10.48
CA LYS F 143 0.25 -32.01 10.84
C LYS F 143 0.72 -33.41 10.47
N SER F 144 -0.21 -34.37 10.38
CA SER F 144 0.18 -35.74 10.09
C SER F 144 0.12 -36.03 8.59
N ALA F 145 -0.63 -35.22 7.83
CA ALA F 145 -0.64 -35.37 6.39
C ALA F 145 0.62 -34.81 5.77
N LEU F 146 0.97 -33.57 6.11
CA LEU F 146 2.21 -32.94 5.66
C LEU F 146 3.41 -33.41 6.45
N LEU F 147 3.63 -34.72 6.54
CA LEU F 147 4.69 -35.23 7.39
C LEU F 147 5.97 -35.52 6.59
N SER F 148 5.87 -36.43 5.62
CA SER F 148 7.02 -36.77 4.80
C SER F 148 7.13 -35.90 3.57
N THR F 149 6.01 -35.46 3.01
CA THR F 149 5.99 -34.62 1.83
C THR F 149 5.96 -33.14 2.24
N ASN F 150 5.74 -32.26 1.27
CA ASN F 150 5.53 -30.84 1.53
C ASN F 150 4.22 -30.36 0.90
N LYS F 151 3.28 -31.28 0.64
CA LYS F 151 2.00 -30.95 0.05
C LYS F 151 1.09 -32.16 0.18
N ALA F 152 -0.15 -31.92 0.59
CA ALA F 152 -1.14 -32.97 0.73
C ALA F 152 -2.51 -32.41 0.43
N VAL F 153 -3.51 -33.29 0.44
CA VAL F 153 -4.91 -32.91 0.26
C VAL F 153 -5.68 -33.53 1.43
N VAL F 154 -5.85 -32.75 2.48
CA VAL F 154 -6.55 -33.21 3.68
C VAL F 154 -8.04 -32.97 3.52
N SER F 155 -8.84 -33.91 4.00
CA SER F 155 -10.30 -33.78 4.00
C SER F 155 -10.74 -33.42 5.42
N LEU F 156 -11.27 -32.22 5.59
CA LEU F 156 -11.70 -31.77 6.90
C LEU F 156 -12.93 -32.55 7.36
N SER F 157 -13.24 -32.41 8.65
CA SER F 157 -14.30 -33.23 9.25
C SER F 157 -15.67 -32.89 8.70
N ASN F 158 -15.87 -31.66 8.23
CA ASN F 158 -17.16 -31.23 7.74
C ASN F 158 -17.39 -31.54 6.27
N GLY F 159 -16.52 -32.33 5.65
CA GLY F 159 -16.71 -32.81 4.30
C GLY F 159 -15.87 -32.14 3.23
N VAL F 160 -15.38 -30.93 3.50
CA VAL F 160 -14.64 -30.19 2.47
C VAL F 160 -13.23 -30.75 2.37
N SER F 161 -12.73 -30.83 1.14
CA SER F 161 -11.37 -31.30 0.86
C SER F 161 -10.50 -30.07 0.62
N VAL F 162 -9.53 -29.86 1.51
CA VAL F 162 -8.65 -28.70 1.43
C VAL F 162 -7.27 -29.17 1.00
N LEU F 163 -6.51 -28.26 0.40
CA LEU F 163 -5.21 -28.57 -0.18
C LEU F 163 -4.15 -27.89 0.69
N THR F 164 -3.66 -28.61 1.68
CA THR F 164 -2.65 -28.05 2.57
C THR F 164 -1.31 -27.94 1.85
N PHE F 165 -0.33 -27.32 2.48
CA PHE F 165 0.99 -27.06 1.85
C PHE F 165 1.89 -26.59 2.95
N LYS F 166 3.15 -26.83 2.92
CA LYS F 166 4.17 -26.45 3.90
C LYS F 166 5.25 -25.67 3.17
N VAL F 167 5.09 -24.35 3.11
CA VAL F 167 5.99 -23.53 2.32
C VAL F 167 7.31 -23.25 3.01
N LEU F 168 7.37 -23.32 4.33
CA LEU F 168 8.60 -23.02 5.05
C LEU F 168 8.75 -24.03 6.18
N ASP F 169 10.00 -24.37 6.47
CA ASP F 169 10.36 -25.27 7.56
C ASP F 169 11.45 -24.56 8.36
N LEU F 170 11.04 -23.87 9.42
CA LEU F 170 11.98 -23.15 10.27
C LEU F 170 12.29 -23.89 11.56
N LYS F 171 11.36 -24.72 12.04
CA LYS F 171 11.65 -25.59 13.18
C LYS F 171 12.88 -26.44 12.91
N ASN F 172 12.97 -27.03 11.72
CA ASN F 172 14.10 -27.88 11.39
C ASN F 172 15.42 -27.13 11.56
N TYR F 173 15.58 -26.01 10.83
CA TYR F 173 16.81 -25.25 10.94
C TYR F 173 17.08 -24.83 12.38
N ILE F 174 16.12 -24.16 13.00
CA ILE F 174 16.32 -23.64 14.36
C ILE F 174 16.81 -24.74 15.27
N ASP F 175 16.00 -25.79 15.46
CA ASP F 175 16.40 -26.85 16.37
C ASP F 175 17.75 -27.43 15.97
N LYS F 176 17.81 -28.13 14.84
CA LYS F 176 18.97 -28.97 14.54
C LYS F 176 20.26 -28.15 14.48
N GLN F 177 20.24 -27.01 13.81
CA GLN F 177 21.47 -26.24 13.68
C GLN F 177 21.76 -25.42 14.93
N LEU F 178 20.82 -24.56 15.33
CA LEU F 178 21.12 -23.56 16.34
C LEU F 178 21.19 -24.17 17.74
N LEU F 179 20.19 -24.96 18.14
CA LEU F 179 20.08 -25.30 19.55
C LEU F 179 21.28 -26.06 20.11
N PRO F 180 21.90 -27.01 19.40
CA PRO F 180 23.14 -27.61 19.96
C PRO F 180 24.24 -26.59 20.18
N ILE F 181 24.53 -25.75 19.20
CA ILE F 181 25.59 -24.76 19.34
C ILE F 181 25.30 -23.81 20.49
N LEU F 182 24.03 -23.52 20.74
CA LEU F 182 23.68 -22.57 21.80
C LEU F 182 23.75 -23.24 23.17
N ASN F 183 23.41 -24.53 23.24
CA ASN F 183 23.25 -25.19 24.54
C ASN F 183 24.49 -25.93 25.02
N LYS F 184 25.16 -26.71 24.16
CA LYS F 184 26.24 -27.58 24.64
C LYS F 184 27.51 -26.79 24.96
N GLN F 185 28.07 -26.12 23.96
CA GLN F 185 29.38 -25.48 24.08
C GLN F 185 29.33 -24.14 24.82
N SER F 186 28.25 -23.86 25.54
CA SER F 186 28.10 -22.61 26.30
C SER F 186 28.17 -21.40 25.37
N CYS F 187 27.48 -21.49 24.24
CA CYS F 187 27.33 -20.38 23.29
C CYS F 187 28.69 -19.89 22.78
N SER F 188 29.36 -20.79 22.05
CA SER F 188 30.61 -20.47 21.36
C SER F 188 30.43 -20.81 19.88
N ILE F 189 30.14 -19.80 19.07
CA ILE F 189 29.90 -19.96 17.64
C ILE F 189 31.20 -19.75 16.89
N SER F 190 31.43 -20.58 15.87
CA SER F 190 32.70 -20.58 15.14
C SER F 190 32.69 -19.64 13.95
N ASN F 191 31.78 -19.85 13.00
CA ASN F 191 31.77 -19.11 11.74
C ASN F 191 30.62 -18.12 11.69
N ILE F 192 30.75 -17.15 10.77
CA ILE F 192 29.79 -16.07 10.64
C ILE F 192 28.74 -16.34 9.57
N GLU F 193 28.84 -17.48 8.87
CA GLU F 193 27.83 -17.78 7.86
C GLU F 193 26.51 -18.21 8.49
N THR F 194 26.54 -18.74 9.71
CA THR F 194 25.33 -19.26 10.32
C THR F 194 24.35 -18.14 10.66
N VAL F 195 24.86 -16.98 11.09
CA VAL F 195 23.95 -15.89 11.46
C VAL F 195 23.30 -15.29 10.21
N ILE F 196 24.05 -15.19 9.12
CA ILE F 196 23.47 -14.73 7.87
C ILE F 196 22.44 -15.73 7.36
N GLU F 197 22.74 -17.02 7.46
CA GLU F 197 21.78 -18.04 7.08
C GLU F 197 20.50 -17.91 7.90
N PHE F 198 20.63 -17.71 9.21
CA PHE F 198 19.45 -17.65 10.06
C PHE F 198 18.62 -16.40 9.77
N GLN F 199 19.27 -15.26 9.56
CA GLN F 199 18.48 -14.06 9.26
C GLN F 199 17.82 -14.16 7.89
N GLN F 200 18.48 -14.81 6.93
CA GLN F 200 17.85 -15.04 5.64
C GLN F 200 16.62 -15.93 5.79
N LYS F 201 16.73 -17.01 6.56
CA LYS F 201 15.59 -17.89 6.75
C LYS F 201 14.46 -17.23 7.53
N ASN F 202 14.80 -16.32 8.45
CA ASN F 202 13.81 -15.69 9.31
C ASN F 202 13.15 -14.47 8.69
N ASN F 203 13.77 -13.85 7.69
CA ASN F 203 13.21 -12.64 7.11
C ASN F 203 11.83 -12.86 6.51
N ARG F 204 11.57 -14.04 5.96
CA ARG F 204 10.26 -14.28 5.37
C ARG F 204 9.17 -14.35 6.43
N LEU F 205 9.45 -15.01 7.55
CA LEU F 205 8.50 -15.03 8.66
C LEU F 205 8.29 -13.63 9.22
N LEU F 206 9.38 -12.86 9.35
CA LEU F 206 9.25 -11.49 9.86
C LEU F 206 8.41 -10.64 8.93
N GLU F 207 8.54 -10.85 7.62
CA GLU F 207 7.78 -10.03 6.67
C GLU F 207 6.31 -10.45 6.62
N ILE F 208 6.03 -11.74 6.73
CA ILE F 208 4.64 -12.19 6.89
C ILE F 208 4.03 -11.56 8.14
N THR F 209 4.79 -11.55 9.23
CA THR F 209 4.30 -10.95 10.47
C THR F 209 4.03 -9.46 10.29
N ARG F 210 4.92 -8.75 9.60
CA ARG F 210 4.72 -7.33 9.36
C ARG F 210 3.47 -7.08 8.51
N GLU F 211 3.29 -7.85 7.45
CA GLU F 211 2.13 -7.66 6.59
C GLU F 211 0.83 -7.95 7.35
N PHE F 212 0.82 -9.01 8.16
CA PHE F 212 -0.36 -9.29 8.97
C PHE F 212 -0.61 -8.21 10.01
N SER F 213 0.45 -7.70 10.64
CA SER F 213 0.29 -6.66 11.64
C SER F 213 -0.29 -5.39 11.05
N VAL F 214 0.14 -5.04 9.84
CA VAL F 214 -0.34 -3.80 9.22
C VAL F 214 -1.74 -3.97 8.66
N ASN F 215 -2.02 -5.10 8.01
CA ASN F 215 -3.29 -5.29 7.33
C ASN F 215 -4.37 -5.91 8.22
N ALA F 216 -4.12 -6.03 9.52
CA ALA F 216 -5.10 -6.55 10.49
C ALA F 216 -5.45 -8.01 10.19
N GLY F 217 -4.44 -8.80 9.82
CA GLY F 217 -4.62 -10.22 9.64
C GLY F 217 -5.42 -10.65 8.43
N VAL F 218 -5.62 -9.77 7.46
CA VAL F 218 -6.24 -10.10 6.18
C VAL F 218 -5.50 -9.31 5.12
N THR F 219 -4.74 -10.00 4.27
CA THR F 219 -3.81 -9.38 3.34
C THR F 219 -4.25 -9.64 1.91
N THR F 220 -4.52 -8.57 1.16
CA THR F 220 -4.71 -8.63 -0.28
C THR F 220 -4.00 -7.43 -0.89
N PRO F 221 -3.30 -7.62 -2.02
CA PRO F 221 -3.09 -8.88 -2.74
C PRO F 221 -2.06 -9.78 -2.07
N VAL F 222 -2.13 -11.07 -2.35
CA VAL F 222 -1.18 -12.03 -1.77
C VAL F 222 0.21 -11.71 -2.29
N SER F 223 1.09 -11.28 -1.39
CA SER F 223 2.42 -10.86 -1.79
C SER F 223 3.30 -12.06 -2.09
N THR F 224 4.56 -11.79 -2.40
CA THR F 224 5.53 -12.84 -2.69
C THR F 224 6.12 -13.42 -1.42
N TYR F 225 5.84 -12.82 -0.27
CA TYR F 225 6.28 -13.39 1.00
C TYR F 225 5.30 -14.43 1.50
N MET F 226 4.00 -14.18 1.35
CA MET F 226 2.99 -15.18 1.66
C MET F 226 3.18 -16.42 0.80
N LEU F 227 3.06 -16.25 -0.52
CA LEU F 227 3.04 -17.37 -1.45
C LEU F 227 3.90 -16.98 -2.65
N THR F 228 5.08 -17.59 -2.77
CA THR F 228 5.99 -17.25 -3.86
C THR F 228 5.41 -17.70 -5.19
N ASN F 229 6.14 -17.43 -6.27
CA ASN F 229 5.62 -17.74 -7.60
C ASN F 229 5.68 -19.24 -7.88
N SER F 230 6.80 -19.88 -7.53
CA SER F 230 6.90 -21.32 -7.70
C SER F 230 5.85 -22.06 -6.90
N GLU F 231 5.61 -21.62 -5.66
CA GLU F 231 4.60 -22.27 -4.83
C GLU F 231 3.19 -21.94 -5.28
N LEU F 232 2.96 -20.73 -5.81
CA LEU F 232 1.65 -20.44 -6.39
C LEU F 232 1.37 -21.33 -7.59
N LEU F 233 2.39 -21.59 -8.43
CA LEU F 233 2.19 -22.46 -9.56
C LEU F 233 2.02 -23.92 -9.14
N SER F 234 2.74 -24.34 -8.09
CA SER F 234 2.53 -25.68 -7.55
C SER F 234 1.13 -25.84 -6.98
N LEU F 235 0.57 -24.79 -6.39
CA LEU F 235 -0.82 -24.84 -5.94
C LEU F 235 -1.77 -24.91 -7.13
N ILE F 236 -1.53 -24.10 -8.16
CA ILE F 236 -2.43 -24.07 -9.31
C ILE F 236 -2.43 -25.40 -10.03
N ASN F 237 -1.29 -26.08 -10.10
CA ASN F 237 -1.20 -27.35 -10.81
C ASN F 237 -1.87 -28.51 -10.07
N ASP F 238 -2.40 -28.28 -8.86
CA ASP F 238 -3.06 -29.33 -8.11
C ASP F 238 -4.50 -29.00 -7.74
N MET F 239 -5.02 -27.85 -8.14
CA MET F 239 -6.41 -27.54 -7.88
C MET F 239 -7.31 -28.43 -8.73
N PRO F 240 -8.51 -28.74 -8.24
CA PRO F 240 -9.45 -29.58 -9.02
C PRO F 240 -10.16 -28.78 -10.12
N ILE F 241 -9.46 -28.58 -11.22
CA ILE F 241 -9.93 -27.74 -12.31
C ILE F 241 -9.46 -28.34 -13.63
N THR F 242 -10.07 -27.90 -14.73
CA THR F 242 -9.68 -28.36 -16.04
C THR F 242 -8.26 -27.91 -16.37
N ASN F 243 -7.71 -28.46 -17.46
CA ASN F 243 -6.36 -28.10 -17.86
C ASN F 243 -6.31 -26.70 -18.46
N ASP F 244 -7.38 -26.27 -19.13
CA ASP F 244 -7.43 -24.92 -19.66
C ASP F 244 -7.36 -23.89 -18.55
N GLN F 245 -8.04 -24.14 -17.44
CA GLN F 245 -8.00 -23.20 -16.32
C GLN F 245 -6.63 -23.18 -15.65
N LYS F 246 -5.99 -24.34 -15.53
CA LYS F 246 -4.63 -24.38 -15.02
C LYS F 246 -3.69 -23.58 -15.91
N LYS F 247 -3.85 -23.70 -17.23
CA LYS F 247 -3.00 -22.96 -18.15
C LYS F 247 -3.23 -21.45 -18.01
N LEU F 248 -4.50 -21.04 -18.00
CA LEU F 248 -4.81 -19.62 -17.83
C LEU F 248 -4.24 -19.07 -16.54
N MET F 249 -4.50 -19.76 -15.42
CA MET F 249 -4.03 -19.28 -14.13
C MET F 249 -2.51 -19.31 -14.03
N SER F 250 -1.85 -20.18 -14.80
CA SER F 250 -0.39 -20.20 -14.80
C SER F 250 0.20 -19.15 -15.72
N ASN F 251 -0.58 -18.63 -16.66
CA ASN F 251 -0.09 -17.56 -17.53
C ASN F 251 -0.33 -16.17 -16.97
N ASN F 252 -1.14 -16.02 -15.92
CA ASN F 252 -1.51 -14.72 -15.39
C ASN F 252 -1.44 -14.71 -13.86
N VAL F 253 -0.33 -15.20 -13.29
CA VAL F 253 -0.23 -15.35 -11.85
C VAL F 253 -0.31 -14.00 -11.14
N GLN F 254 0.01 -12.90 -11.83
CA GLN F 254 -0.11 -11.60 -11.19
C GLN F 254 -1.56 -11.19 -11.05
N ILE F 255 -2.42 -11.56 -12.01
CA ILE F 255 -3.83 -11.26 -11.89
C ILE F 255 -4.52 -12.24 -10.94
N VAL F 256 -3.85 -13.33 -10.59
CA VAL F 256 -4.37 -14.23 -9.56
C VAL F 256 -3.91 -13.78 -8.17
N ARG F 257 -2.75 -13.12 -8.08
CA ARG F 257 -2.40 -12.47 -6.83
C ARG F 257 -3.29 -11.26 -6.57
N GLN F 258 -3.61 -10.50 -7.61
CA GLN F 258 -4.44 -9.31 -7.45
C GLN F 258 -5.92 -9.64 -7.20
N GLN F 259 -6.29 -10.92 -7.08
CA GLN F 259 -7.70 -11.28 -6.99
C GLN F 259 -8.00 -12.25 -5.84
N SER F 260 -7.05 -12.49 -4.95
CA SER F 260 -7.24 -13.42 -3.84
C SER F 260 -7.02 -12.70 -2.51
N TYR F 261 -7.10 -13.47 -1.43
CA TYR F 261 -6.87 -12.98 -0.08
C TYR F 261 -5.99 -13.97 0.66
N SER F 262 -5.37 -13.50 1.75
CA SER F 262 -4.54 -14.33 2.62
C SER F 262 -4.99 -14.13 4.05
N ILE F 263 -5.98 -14.91 4.48
CA ILE F 263 -6.49 -14.84 5.84
C ILE F 263 -5.49 -15.48 6.80
N MET F 264 -5.32 -14.88 7.97
CA MET F 264 -4.45 -15.42 9.01
C MET F 264 -5.31 -16.22 9.98
N CYS F 265 -4.94 -17.48 10.21
CA CYS F 265 -5.87 -18.43 10.80
C CYS F 265 -5.52 -18.86 12.22
N ILE F 266 -4.36 -19.47 12.46
CA ILE F 266 -4.16 -20.16 13.72
C ILE F 266 -2.67 -20.28 14.05
N ILE F 267 -2.38 -20.28 15.35
CA ILE F 267 -1.11 -20.74 15.90
C ILE F 267 -1.49 -21.70 17.02
N LYS F 268 -1.23 -22.99 16.82
CA LYS F 268 -1.68 -23.99 17.77
C LYS F 268 -0.95 -25.30 17.48
N GLU F 269 -0.53 -25.98 18.54
CA GLU F 269 0.19 -27.24 18.43
C GLU F 269 1.50 -27.05 17.66
N GLU F 270 2.13 -25.89 17.87
CA GLU F 270 3.48 -25.61 17.35
C GLU F 270 3.49 -25.58 15.82
N VAL F 271 2.60 -24.78 15.24
CA VAL F 271 2.57 -24.59 13.80
C VAL F 271 1.84 -23.27 13.52
N LEU F 272 2.24 -22.60 12.44
CA LEU F 272 1.62 -21.37 12.00
C LEU F 272 0.93 -21.64 10.67
N ALA F 273 -0.37 -21.37 10.60
CA ALA F 273 -1.16 -21.69 9.42
C ALA F 273 -2.01 -20.49 9.02
N TYR F 274 -1.95 -20.13 7.74
CA TYR F 274 -2.82 -19.11 7.17
C TYR F 274 -3.48 -19.66 5.93
N VAL F 275 -4.66 -19.12 5.61
CA VAL F 275 -5.49 -19.60 4.52
C VAL F 275 -5.37 -18.65 3.34
N VAL F 276 -5.02 -19.18 2.18
CA VAL F 276 -4.96 -18.40 0.95
C VAL F 276 -6.22 -18.70 0.15
N GLN F 277 -7.02 -17.66 -0.09
CA GLN F 277 -8.34 -17.82 -0.70
C GLN F 277 -8.24 -17.56 -2.20
N LEU F 278 -7.61 -18.51 -2.89
CA LEU F 278 -7.40 -18.39 -4.33
C LEU F 278 -8.73 -18.34 -5.07
N PRO F 279 -8.76 -17.72 -6.25
CA PRO F 279 -9.96 -17.72 -7.07
C PRO F 279 -9.98 -18.89 -8.05
N LEU F 280 -11.18 -19.15 -8.59
CA LEU F 280 -11.32 -20.11 -9.68
C LEU F 280 -12.34 -19.56 -10.66
N TYR F 281 -11.96 -19.55 -11.94
CA TYR F 281 -12.77 -18.95 -13.00
C TYR F 281 -13.51 -20.08 -13.72
N GLY F 282 -14.79 -20.21 -13.43
CA GLY F 282 -15.59 -21.21 -14.10
C GLY F 282 -15.96 -20.85 -15.52
N VAL F 283 -15.99 -19.56 -15.85
CA VAL F 283 -16.34 -19.06 -17.18
C VAL F 283 -15.07 -18.55 -17.84
N ILE F 284 -14.78 -19.07 -19.03
CA ILE F 284 -13.54 -18.76 -19.74
C ILE F 284 -13.84 -18.70 -21.24
N ASP F 285 -13.18 -17.77 -21.93
CA ASP F 285 -13.17 -17.69 -23.38
C ASP F 285 -14.58 -17.49 -23.93
N THR F 286 -15.15 -16.34 -23.59
CA THR F 286 -16.42 -15.90 -24.12
C THR F 286 -16.31 -14.45 -24.57
N PRO F 287 -17.22 -13.97 -25.40
CA PRO F 287 -17.12 -12.59 -25.91
C PRO F 287 -17.51 -11.56 -24.85
N CYS F 288 -16.59 -10.66 -24.56
CA CYS F 288 -16.84 -9.50 -23.71
C CYS F 288 -16.67 -8.23 -24.54
N TRP F 289 -17.38 -7.17 -24.14
CA TRP F 289 -17.32 -5.91 -24.87
C TRP F 289 -17.53 -4.75 -23.93
N LYS F 290 -16.61 -3.79 -23.97
CA LYS F 290 -16.70 -2.59 -23.14
C LYS F 290 -17.49 -1.51 -23.87
N LEU F 291 -18.28 -0.75 -23.11
CA LEU F 291 -19.12 0.31 -23.66
C LEU F 291 -18.73 1.64 -23.03
N HIS F 292 -18.15 2.53 -23.83
CA HIS F 292 -17.73 3.84 -23.38
C HIS F 292 -18.80 4.86 -23.74
N THR F 293 -19.37 5.53 -22.75
CA THR F 293 -20.41 6.51 -22.99
C THR F 293 -19.89 7.92 -22.73
N SER F 294 -20.65 8.91 -23.20
CA SER F 294 -20.26 10.30 -23.11
C SER F 294 -21.51 11.16 -23.27
N PRO F 295 -21.53 12.36 -22.70
CA PRO F 295 -22.74 13.19 -22.78
C PRO F 295 -22.99 13.69 -24.19
N LEU F 296 -24.25 13.59 -24.62
CA LEU F 296 -24.70 14.06 -25.93
C LEU F 296 -25.64 15.24 -25.67
N CYS F 297 -25.10 16.45 -25.77
CA CYS F 297 -25.85 17.66 -25.46
C CYS F 297 -26.24 18.39 -26.74
N THR F 298 -27.30 19.20 -26.62
CA THR F 298 -27.68 20.08 -27.71
C THR F 298 -26.68 21.23 -27.81
N THR F 299 -26.40 21.66 -29.03
CA THR F 299 -25.31 22.60 -29.29
C THR F 299 -25.82 24.02 -29.56
N ASN F 300 -26.85 24.45 -28.84
CA ASN F 300 -27.31 25.82 -28.96
C ASN F 300 -26.22 26.79 -28.51
N THR F 301 -26.41 28.07 -28.85
CA THR F 301 -25.36 29.07 -28.68
C THR F 301 -25.25 29.54 -27.23
N LYS F 302 -26.38 29.74 -26.55
CA LYS F 302 -26.39 30.38 -25.24
C LYS F 302 -25.99 29.36 -24.16
N GLU F 303 -26.15 29.76 -22.89
CA GLU F 303 -25.93 28.86 -21.78
C GLU F 303 -27.21 28.16 -21.33
N GLY F 304 -28.37 28.76 -21.61
CA GLY F 304 -29.64 28.12 -21.38
C GLY F 304 -30.20 27.50 -22.65
N SER F 305 -31.45 27.05 -22.55
CA SER F 305 -32.19 26.43 -23.65
C SER F 305 -31.53 25.15 -24.15
N ASN F 306 -30.51 24.65 -23.45
CA ASN F 306 -29.82 23.42 -23.83
C ASN F 306 -30.17 22.29 -22.87
N ILE F 307 -30.02 21.08 -23.36
CA ILE F 307 -30.32 19.86 -22.62
C ILE F 307 -29.30 18.81 -22.99
N CYS F 308 -28.83 18.06 -22.00
CA CYS F 308 -27.86 17.00 -22.24
C CYS F 308 -28.55 15.63 -22.12
N LEU F 309 -27.75 14.59 -22.29
CA LEU F 309 -28.21 13.21 -22.28
C LEU F 309 -26.98 12.31 -22.21
N THR F 310 -27.06 11.25 -21.42
CA THR F 310 -25.92 10.36 -21.24
C THR F 310 -26.43 8.98 -20.87
N ARG F 311 -26.01 7.97 -21.62
CA ARG F 311 -26.31 6.60 -21.25
C ARG F 311 -25.45 6.20 -20.08
N THR F 312 -26.06 5.54 -19.09
CA THR F 312 -25.37 5.26 -17.84
C THR F 312 -24.75 3.86 -17.80
N ASP F 313 -25.25 2.94 -18.61
CA ASP F 313 -24.80 1.55 -18.55
C ASP F 313 -23.45 1.41 -19.26
N ARG F 314 -22.44 2.06 -18.68
CA ARG F 314 -21.08 1.98 -19.17
C ARG F 314 -20.29 0.99 -18.34
N GLY F 315 -19.45 0.22 -19.01
CA GLY F 315 -18.64 -0.77 -18.31
C GLY F 315 -18.46 -2.06 -19.07
N TRP F 316 -17.68 -2.97 -18.49
CA TRP F 316 -17.43 -4.26 -19.12
C TRP F 316 -18.69 -5.12 -19.09
N TYR F 317 -19.13 -5.56 -20.26
CA TYR F 317 -20.12 -6.61 -20.36
C TYR F 317 -19.40 -7.90 -20.72
N CYS F 318 -19.99 -9.03 -20.33
CA CYS F 318 -19.42 -10.32 -20.68
C CYS F 318 -20.56 -11.28 -20.96
N ASP F 319 -20.24 -12.58 -21.02
CA ASP F 319 -21.21 -13.59 -21.42
C ASP F 319 -20.78 -14.90 -20.77
N ASN F 320 -21.59 -15.40 -19.83
CA ASN F 320 -21.21 -16.59 -19.07
C ASN F 320 -22.07 -17.79 -19.37
N ALA F 321 -23.38 -17.72 -19.15
CA ALA F 321 -24.26 -18.86 -19.41
C ALA F 321 -25.65 -18.35 -19.75
N GLY F 322 -25.93 -18.21 -21.04
CA GLY F 322 -27.22 -17.78 -21.52
C GLY F 322 -27.61 -16.37 -21.16
N SER F 323 -26.81 -15.66 -20.36
CA SER F 323 -27.12 -14.30 -19.94
C SER F 323 -25.85 -13.48 -19.94
N VAL F 324 -26.02 -12.17 -19.86
CA VAL F 324 -24.92 -11.21 -19.95
C VAL F 324 -24.60 -10.71 -18.55
N SER F 325 -23.36 -10.92 -18.11
CA SER F 325 -22.90 -10.26 -16.91
C SER F 325 -22.62 -8.79 -17.20
N PHE F 326 -22.73 -7.97 -16.16
CA PHE F 326 -22.54 -6.53 -16.30
C PHE F 326 -21.76 -6.04 -15.08
N PHE F 327 -20.57 -5.49 -15.33
CA PHE F 327 -19.67 -5.04 -14.27
C PHE F 327 -19.63 -3.52 -14.29
N PRO F 328 -20.47 -2.85 -13.50
CA PRO F 328 -20.73 -1.42 -13.76
C PRO F 328 -19.58 -0.50 -13.44
N GLN F 329 -18.59 -0.94 -12.67
CA GLN F 329 -17.53 -0.02 -12.26
C GLN F 329 -16.45 0.11 -13.33
N ALA F 330 -16.18 -0.97 -14.07
CA ALA F 330 -15.12 -1.09 -15.06
C ALA F 330 -13.73 -1.01 -14.43
N GLU F 331 -13.64 -0.92 -13.10
CA GLU F 331 -12.38 -1.08 -12.39
C GLU F 331 -12.38 -2.34 -11.52
N THR F 332 -13.52 -3.03 -11.43
CA THR F 332 -13.56 -4.37 -10.87
C THR F 332 -12.95 -5.40 -11.80
N CYS F 333 -12.71 -5.04 -13.05
CA CYS F 333 -12.19 -5.95 -14.07
C CYS F 333 -10.79 -5.52 -14.46
N LYS F 334 -9.82 -6.39 -14.24
CA LYS F 334 -8.48 -6.18 -14.76
C LYS F 334 -8.47 -6.60 -16.22
N VAL F 335 -7.55 -6.01 -16.99
CA VAL F 335 -7.46 -6.25 -18.42
C VAL F 335 -6.03 -6.68 -18.75
N GLN F 336 -5.92 -7.67 -19.61
CA GLN F 336 -4.65 -8.17 -20.12
C GLN F 336 -4.62 -7.98 -21.63
N SER F 337 -3.64 -8.61 -22.28
CA SER F 337 -3.48 -8.51 -23.72
C SER F 337 -4.81 -8.54 -24.46
N ASN F 338 -5.61 -9.58 -24.23
CA ASN F 338 -6.94 -9.66 -24.82
C ASN F 338 -8.00 -10.22 -23.90
N ARG F 339 -7.67 -10.53 -22.64
CA ARG F 339 -8.60 -11.20 -21.74
C ARG F 339 -8.93 -10.29 -20.57
N VAL F 340 -10.22 -10.23 -20.23
CA VAL F 340 -10.72 -9.38 -19.17
C VAL F 340 -10.95 -10.26 -17.94
N PHE F 341 -10.17 -10.02 -16.88
CA PHE F 341 -10.29 -10.78 -15.64
C PHE F 341 -11.27 -10.06 -14.73
N CYS F 342 -12.54 -10.37 -14.89
CA CYS F 342 -13.61 -9.73 -14.13
C CYS F 342 -13.86 -10.49 -12.83
N ASP F 343 -14.95 -10.17 -12.15
CA ASP F 343 -15.26 -10.75 -10.85
C ASP F 343 -16.77 -10.72 -10.67
N THR F 344 -17.41 -11.88 -10.60
CA THR F 344 -18.86 -11.95 -10.57
C THR F 344 -19.46 -11.48 -9.25
N MET F 345 -18.64 -11.16 -8.25
CA MET F 345 -19.17 -10.60 -7.02
C MET F 345 -19.66 -9.18 -7.22
N ASN F 346 -19.01 -8.44 -8.11
CA ASN F 346 -19.32 -7.04 -8.40
C ASN F 346 -20.05 -6.87 -9.71
N SER F 347 -20.96 -7.78 -10.05
CA SER F 347 -21.58 -7.82 -11.36
C SER F 347 -23.09 -7.83 -11.26
N LEU F 348 -23.74 -7.72 -12.42
CA LEU F 348 -25.19 -7.81 -12.56
C LEU F 348 -25.50 -8.70 -13.75
N THR F 349 -26.48 -9.59 -13.60
CA THR F 349 -26.84 -10.51 -14.65
C THR F 349 -28.01 -9.96 -15.46
N LEU F 350 -27.84 -9.90 -16.77
CA LEU F 350 -28.78 -9.30 -17.70
C LEU F 350 -28.94 -10.18 -18.93
N PRO F 351 -29.98 -9.97 -19.73
CA PRO F 351 -30.11 -10.69 -21.00
C PRO F 351 -29.23 -10.07 -22.08
N SER F 352 -29.35 -10.64 -23.29
CA SER F 352 -28.60 -10.14 -24.45
C SER F 352 -29.22 -8.88 -25.05
N GLU F 353 -30.39 -8.48 -24.58
CA GLU F 353 -30.94 -7.23 -25.07
C GLU F 353 -30.13 -6.02 -24.59
N VAL F 354 -29.13 -6.21 -23.73
CA VAL F 354 -28.15 -5.15 -23.50
C VAL F 354 -27.33 -4.91 -24.77
N ASN F 355 -26.85 -6.00 -25.39
CA ASN F 355 -26.22 -5.86 -26.70
C ASN F 355 -27.21 -5.32 -27.72
N LEU F 356 -28.50 -5.66 -27.58
CA LEU F 356 -29.50 -5.06 -28.45
C LEU F 356 -29.53 -3.54 -28.30
N CYS F 357 -29.52 -3.05 -27.05
CA CYS F 357 -29.40 -1.61 -26.82
C CYS F 357 -28.14 -1.05 -27.47
N ASN F 358 -27.04 -1.79 -27.36
CA ASN F 358 -25.80 -1.36 -28.01
C ASN F 358 -25.99 -1.14 -29.51
N VAL F 359 -26.72 -2.04 -30.16
CA VAL F 359 -26.95 -1.90 -31.60
C VAL F 359 -27.96 -0.79 -31.88
N ASP F 360 -29.19 -0.94 -31.39
CA ASP F 360 -30.24 0.06 -31.53
C ASP F 360 -30.76 0.43 -30.15
N ILE F 361 -31.11 1.71 -29.97
CA ILE F 361 -31.43 2.20 -28.63
C ILE F 361 -32.94 2.40 -28.41
N PHE F 362 -33.73 2.44 -29.47
CA PHE F 362 -35.18 2.53 -29.32
C PHE F 362 -35.87 1.17 -29.49
N ASN F 363 -35.12 0.09 -29.33
CA ASN F 363 -35.70 -1.24 -29.48
C ASN F 363 -36.74 -1.49 -28.39
N PRO F 364 -37.79 -2.25 -28.69
CA PRO F 364 -38.83 -2.48 -27.68
C PRO F 364 -38.49 -3.56 -26.66
N LYS F 365 -37.48 -4.39 -26.93
CA LYS F 365 -37.17 -5.52 -26.08
C LYS F 365 -36.21 -5.18 -24.94
N TYR F 366 -35.95 -3.90 -24.70
CA TYR F 366 -35.11 -3.47 -23.59
C TYR F 366 -35.29 -1.98 -23.37
N ASP F 367 -35.18 -1.56 -22.12
CA ASP F 367 -35.25 -0.15 -21.75
C ASP F 367 -33.82 0.30 -21.47
N CYS F 368 -33.22 0.99 -22.44
CA CYS F 368 -31.85 1.43 -22.30
C CYS F 368 -31.77 2.57 -21.27
N LYS F 369 -30.71 2.54 -20.46
CA LYS F 369 -30.62 3.40 -19.28
C LYS F 369 -29.84 4.67 -19.63
N ILE F 370 -30.53 5.81 -19.57
CA ILE F 370 -29.94 7.11 -19.85
C ILE F 370 -30.13 8.03 -18.66
N MET F 371 -29.28 9.06 -18.57
CA MET F 371 -29.43 10.12 -17.60
C MET F 371 -29.42 11.47 -18.31
N THR F 372 -30.17 12.41 -17.75
CA THR F 372 -30.30 13.75 -18.32
C THR F 372 -29.54 14.76 -17.50
N SER F 373 -29.43 15.97 -18.04
CA SER F 373 -28.77 17.10 -17.37
C SER F 373 -29.08 18.35 -18.18
N LYS F 374 -28.49 19.47 -17.76
CA LYS F 374 -28.50 20.71 -18.51
C LYS F 374 -27.12 21.35 -18.58
N THR F 375 -26.09 20.65 -18.15
CA THR F 375 -24.74 21.22 -18.02
C THR F 375 -23.93 20.82 -19.23
N ASP F 376 -23.81 21.75 -20.19
CA ASP F 376 -22.95 21.55 -21.34
C ASP F 376 -21.51 21.76 -20.90
N VAL F 377 -20.86 20.67 -20.49
CA VAL F 377 -19.46 20.69 -20.09
C VAL F 377 -18.67 19.90 -21.13
N SER F 378 -17.46 20.36 -21.42
CA SER F 378 -16.62 19.72 -22.42
C SER F 378 -15.72 18.69 -21.76
N SER F 379 -15.60 17.53 -22.40
CA SER F 379 -14.84 16.43 -21.84
C SER F 379 -14.48 15.47 -22.99
N SER F 380 -13.84 14.37 -22.64
CA SER F 380 -13.45 13.37 -23.62
C SER F 380 -13.23 12.05 -22.92
N VAL F 381 -13.77 10.98 -23.49
CA VAL F 381 -13.70 9.64 -22.91
C VAL F 381 -12.69 8.85 -23.75
N ILE F 382 -11.46 8.73 -23.26
CA ILE F 382 -10.45 7.96 -23.97
C ILE F 382 -10.87 6.51 -24.01
N THR F 383 -11.12 5.99 -25.21
CA THR F 383 -11.51 4.61 -25.41
C THR F 383 -10.26 3.77 -25.68
N SER F 384 -10.43 2.53 -26.14
CA SER F 384 -9.32 1.62 -26.37
C SER F 384 -8.67 1.81 -27.74
N LEU F 385 -9.45 2.11 -28.76
CA LEU F 385 -8.95 2.36 -30.12
C LEU F 385 -9.54 3.65 -30.67
N GLY F 386 -9.52 4.70 -29.85
CA GLY F 386 -10.07 5.97 -30.26
C GLY F 386 -10.15 6.90 -29.07
N ALA F 387 -10.91 7.98 -29.25
CA ALA F 387 -11.17 8.91 -28.16
C ALA F 387 -12.42 9.70 -28.48
N ILE F 388 -13.50 9.46 -27.73
CA ILE F 388 -14.69 10.30 -27.86
C ILE F 388 -14.34 11.70 -27.38
N VAL F 389 -14.86 12.71 -28.07
CA VAL F 389 -14.55 14.10 -27.77
C VAL F 389 -15.85 14.89 -27.84
N SER F 390 -16.38 15.28 -26.69
CA SER F 390 -17.54 16.16 -26.62
C SER F 390 -17.05 17.58 -26.35
N CYS F 391 -17.46 18.53 -27.20
CA CYS F 391 -16.95 19.90 -27.16
C CYS F 391 -18.12 20.87 -27.27
N TYR F 392 -18.64 21.29 -26.13
CA TYR F 392 -19.80 22.17 -26.07
C TYR F 392 -19.41 23.54 -25.53
N GLY F 393 -20.30 24.50 -25.76
CA GLY F 393 -20.08 25.85 -25.27
C GLY F 393 -19.10 26.60 -26.15
N LYS F 394 -18.21 27.36 -25.51
CA LYS F 394 -17.14 28.07 -26.18
C LYS F 394 -15.77 27.48 -25.87
N THR F 395 -15.72 26.19 -25.57
CA THR F 395 -14.47 25.51 -25.34
C THR F 395 -13.80 25.18 -26.66
N LYS F 396 -12.47 25.15 -26.65
CA LYS F 396 -11.69 24.89 -27.86
C LYS F 396 -11.04 23.53 -27.75
N CYS F 397 -11.53 22.57 -28.54
CA CYS F 397 -11.04 21.21 -28.53
C CYS F 397 -10.34 20.89 -29.85
N THR F 398 -9.31 20.05 -29.76
CA THR F 398 -8.52 19.69 -30.94
C THR F 398 -8.04 18.26 -30.80
N ALA F 399 -7.60 17.69 -31.91
CA ALA F 399 -6.99 16.37 -31.96
C ALA F 399 -5.63 16.51 -32.63
N SER F 400 -4.57 16.38 -31.84
CA SER F 400 -3.23 16.70 -32.29
C SER F 400 -2.40 15.45 -32.51
N ASN F 401 -1.65 15.44 -33.60
CA ASN F 401 -0.64 14.42 -33.86
C ASN F 401 0.64 14.81 -33.10
N LYS F 402 1.75 14.13 -33.40
CA LYS F 402 3.02 14.48 -32.79
C LYS F 402 4.04 15.04 -33.78
N ASN F 403 4.04 14.55 -35.02
CA ASN F 403 4.98 15.03 -36.03
C ASN F 403 4.48 16.26 -36.75
N ARG F 404 3.18 16.32 -37.04
CA ARG F 404 2.61 17.43 -37.79
C ARG F 404 2.02 18.51 -36.89
N GLY F 405 1.24 18.13 -35.89
CA GLY F 405 0.58 19.06 -35.01
C GLY F 405 -0.93 18.85 -34.99
N ILE F 406 -1.67 19.96 -34.90
CA ILE F 406 -3.12 19.90 -34.75
C ILE F 406 -3.76 19.54 -36.08
N ILE F 407 -4.16 18.27 -36.23
CA ILE F 407 -4.73 17.79 -37.49
C ILE F 407 -6.23 17.96 -37.56
N LYS F 408 -6.91 18.23 -36.45
CA LYS F 408 -8.36 18.35 -36.45
C LYS F 408 -8.80 19.35 -35.41
N THR F 409 -9.92 20.03 -35.70
CA THR F 409 -10.52 21.02 -34.80
C THR F 409 -11.99 20.67 -34.65
N PHE F 410 -12.34 20.05 -33.53
CA PHE F 410 -13.72 19.65 -33.30
C PHE F 410 -14.61 20.88 -33.16
N SER F 411 -15.82 20.76 -33.68
CA SER F 411 -16.83 21.81 -33.57
C SER F 411 -17.80 21.44 -32.45
N ASN F 412 -18.87 22.22 -32.31
CA ASN F 412 -19.86 21.93 -31.29
C ASN F 412 -20.52 20.59 -31.56
N GLY F 413 -20.57 19.73 -30.54
CA GLY F 413 -21.08 18.38 -30.68
C GLY F 413 -20.03 17.37 -30.31
N CYS F 414 -20.44 16.15 -29.97
CA CYS F 414 -19.49 15.11 -29.59
C CYS F 414 -19.09 14.33 -30.83
N ASP F 415 -17.78 14.16 -31.02
CA ASP F 415 -17.26 13.48 -32.19
C ASP F 415 -16.30 12.39 -31.74
N TYR F 416 -15.62 11.73 -32.66
CA TYR F 416 -14.78 10.60 -32.31
C TYR F 416 -13.68 10.46 -33.35
N VAL F 417 -12.44 10.36 -32.90
CA VAL F 417 -11.31 10.12 -33.78
C VAL F 417 -10.62 8.82 -33.37
N SER F 418 -10.09 8.12 -34.36
CA SER F 418 -9.39 6.86 -34.12
C SER F 418 -8.00 7.16 -33.56
N ASN F 419 -7.17 6.13 -33.43
CA ASN F 419 -5.81 6.27 -32.95
C ASN F 419 -4.77 5.98 -34.02
N LYS F 420 -5.16 6.11 -35.31
CA LYS F 420 -4.21 5.93 -36.40
C LYS F 420 -3.36 7.19 -36.59
N GLY F 421 -4.02 8.31 -36.89
CA GLY F 421 -3.31 9.55 -37.11
C GLY F 421 -3.44 10.53 -35.96
N VAL F 422 -3.69 10.02 -34.76
CA VAL F 422 -3.82 10.84 -33.57
C VAL F 422 -2.93 10.26 -32.48
N ASP F 423 -2.28 11.12 -31.71
CA ASP F 423 -1.45 10.71 -30.59
C ASP F 423 -1.85 11.36 -29.27
N THR F 424 -2.39 12.58 -29.30
CA THR F 424 -2.97 13.21 -28.14
C THR F 424 -4.27 13.88 -28.55
N VAL F 425 -5.12 14.13 -27.56
CA VAL F 425 -6.38 14.85 -27.76
C VAL F 425 -6.43 15.95 -26.70
N SER F 426 -6.62 17.19 -27.14
CA SER F 426 -6.65 18.34 -26.26
C SER F 426 -8.06 18.91 -26.21
N VAL F 427 -8.69 18.79 -25.06
CA VAL F 427 -9.99 19.42 -24.81
C VAL F 427 -9.77 20.48 -23.74
N GLY F 428 -10.22 21.71 -24.01
CA GLY F 428 -10.02 22.82 -23.11
C GLY F 428 -8.58 22.98 -22.67
N ASN F 429 -8.34 22.91 -21.37
CA ASN F 429 -7.00 23.01 -20.81
C ASN F 429 -6.47 21.64 -20.38
N THR F 430 -7.10 20.56 -20.80
CA THR F 430 -6.76 19.21 -20.35
C THR F 430 -6.29 18.39 -21.55
N LEU F 431 -4.99 18.17 -21.65
CA LEU F 431 -4.41 17.37 -22.72
C LEU F 431 -4.62 15.89 -22.41
N TYR F 432 -5.40 15.20 -23.22
CA TYR F 432 -5.59 13.76 -23.08
C TYR F 432 -4.71 13.03 -24.09
N TYR F 433 -4.07 11.96 -23.64
CA TYR F 433 -3.33 11.08 -24.53
C TYR F 433 -4.21 9.92 -24.96
N VAL F 434 -3.84 9.29 -26.07
CA VAL F 434 -4.63 8.24 -26.69
C VAL F 434 -3.82 6.94 -26.65
N ASN F 435 -4.53 5.82 -26.57
CA ASN F 435 -3.89 4.52 -26.49
C ASN F 435 -3.51 4.04 -27.89
N LYS F 436 -2.32 3.47 -28.00
CA LYS F 436 -1.77 3.01 -29.28
C LYS F 436 -2.00 1.52 -29.51
N GLN F 437 -3.10 0.98 -28.98
CA GLN F 437 -3.46 -0.39 -29.30
C GLN F 437 -3.90 -0.48 -30.76
N GLU F 438 -3.63 -1.63 -31.38
CA GLU F 438 -3.87 -1.82 -32.80
C GLU F 438 -5.17 -2.58 -33.02
N GLY F 439 -6.02 -2.03 -33.88
CA GLY F 439 -7.29 -2.65 -34.19
C GLY F 439 -7.94 -1.94 -35.36
N LYS F 440 -9.18 -2.34 -35.63
CA LYS F 440 -9.95 -1.77 -36.74
C LYS F 440 -11.07 -0.92 -36.14
N SER F 441 -10.77 0.35 -35.89
CA SER F 441 -11.78 1.28 -35.43
C SER F 441 -12.75 1.60 -36.57
N LEU F 442 -14.02 1.77 -36.22
CA LEU F 442 -15.06 2.06 -37.19
C LEU F 442 -15.72 3.39 -36.85
N TYR F 443 -16.78 3.72 -37.59
CA TYR F 443 -17.57 4.93 -37.34
C TYR F 443 -18.95 4.69 -37.92
N VAL F 444 -19.98 4.81 -37.10
CA VAL F 444 -21.35 4.55 -37.52
C VAL F 444 -22.10 5.88 -37.43
N LYS F 445 -22.23 6.55 -38.56
CA LYS F 445 -22.89 7.85 -38.59
C LYS F 445 -24.38 7.72 -38.29
N GLY F 446 -24.93 8.77 -37.70
CA GLY F 446 -26.34 8.78 -37.36
C GLY F 446 -26.69 10.12 -36.74
N GLU F 447 -27.98 10.30 -36.52
CA GLU F 447 -28.43 11.56 -35.96
C GLU F 447 -28.42 11.50 -34.43
N PRO F 448 -27.94 12.55 -33.77
CA PRO F 448 -27.98 12.59 -32.30
C PRO F 448 -29.42 12.55 -31.82
N ILE F 449 -29.75 11.53 -31.03
CA ILE F 449 -31.14 11.30 -30.61
C ILE F 449 -31.71 12.47 -29.85
N ILE F 450 -30.87 13.33 -29.28
CA ILE F 450 -31.36 14.48 -28.53
C ILE F 450 -31.96 15.55 -29.43
N ASN F 451 -31.85 15.40 -30.74
CA ASN F 451 -32.52 16.29 -31.68
C ASN F 451 -33.94 15.84 -31.99
N PHE F 452 -34.53 15.03 -31.11
CA PHE F 452 -35.92 14.62 -31.22
C PHE F 452 -36.77 15.10 -30.05
N TYR F 453 -36.16 15.44 -28.92
CA TYR F 453 -36.88 15.91 -27.75
C TYR F 453 -37.01 17.43 -27.82
N ASP F 454 -38.24 17.93 -27.78
CA ASP F 454 -38.43 19.37 -27.67
C ASP F 454 -37.99 19.81 -26.28
N PRO F 455 -37.08 20.78 -26.17
CA PRO F 455 -36.50 21.10 -24.85
C PRO F 455 -37.49 21.66 -23.85
N LEU F 456 -38.69 22.03 -24.28
CA LEU F 456 -39.67 22.61 -23.36
C LEU F 456 -40.28 21.58 -22.42
N VAL F 457 -40.09 20.28 -22.68
CA VAL F 457 -40.67 19.23 -21.86
C VAL F 457 -39.65 18.18 -21.43
N PHE F 458 -38.40 18.28 -21.88
CA PHE F 458 -37.36 17.31 -21.58
C PHE F 458 -37.09 17.28 -20.08
N PRO F 459 -37.38 16.16 -19.40
CA PRO F 459 -37.10 16.07 -17.96
C PRO F 459 -35.60 16.07 -17.69
N SER F 460 -35.10 17.17 -17.13
CA SER F 460 -33.68 17.48 -17.13
C SER F 460 -33.01 17.28 -15.78
N ASP F 461 -33.44 16.26 -15.02
CA ASP F 461 -32.75 15.90 -13.79
C ASP F 461 -33.00 14.41 -13.52
N GLU F 462 -32.02 13.58 -13.86
CA GLU F 462 -32.12 12.14 -13.69
C GLU F 462 -30.74 11.55 -13.42
N PHE F 463 -30.73 10.41 -12.74
CA PHE F 463 -29.51 9.61 -12.63
C PHE F 463 -29.75 8.12 -12.83
N ASP F 464 -31.00 7.65 -12.72
CA ASP F 464 -31.34 6.26 -12.99
C ASP F 464 -32.57 6.18 -13.87
N ALA F 465 -32.63 7.02 -14.90
CA ALA F 465 -33.76 7.04 -15.80
C ALA F 465 -33.57 6.02 -16.92
N SER F 466 -34.50 6.02 -17.86
CA SER F 466 -34.41 5.21 -19.06
C SER F 466 -35.11 5.97 -20.18
N ILE F 467 -35.38 5.28 -21.28
CA ILE F 467 -36.07 5.91 -22.40
C ILE F 467 -37.57 5.78 -22.28
N SER F 468 -38.06 4.65 -21.75
CA SER F 468 -39.50 4.54 -21.52
C SER F 468 -39.93 5.42 -20.36
N GLN F 469 -39.09 5.55 -19.33
CA GLN F 469 -39.40 6.45 -18.23
C GLN F 469 -39.46 7.90 -18.71
N VAL F 470 -38.46 8.32 -19.48
CA VAL F 470 -38.44 9.69 -20.00
C VAL F 470 -39.62 9.91 -20.94
N ASN F 471 -39.96 8.90 -21.74
CA ASN F 471 -41.11 9.03 -22.63
C ASN F 471 -42.42 9.15 -21.86
N GLU F 472 -42.55 8.41 -20.76
CA GLU F 472 -43.74 8.55 -19.92
C GLU F 472 -43.81 9.92 -19.27
N LYS F 473 -42.66 10.43 -18.80
CA LYS F 473 -42.64 11.78 -18.24
C LYS F 473 -43.06 12.80 -19.28
N ILE F 474 -42.54 12.65 -20.48
CA ILE F 474 -42.84 13.65 -21.55
C ILE F 474 -44.35 13.57 -21.83
N ASN F 475 -44.93 12.38 -21.91
CA ASN F 475 -46.37 12.30 -22.27
C ASN F 475 -47.19 12.97 -21.17
N GLN F 476 -47.00 12.54 -19.94
CA GLN F 476 -47.80 13.12 -18.84
C GLN F 476 -47.62 14.64 -18.89
N SER F 477 -46.40 15.10 -19.19
CA SER F 477 -46.26 16.54 -19.31
C SER F 477 -47.15 17.09 -20.42
N LEU F 478 -47.11 16.46 -21.59
CA LEU F 478 -47.96 16.90 -22.69
C LEU F 478 -49.44 16.72 -22.38
N ALA F 479 -49.78 15.69 -21.60
CA ALA F 479 -51.16 15.53 -21.14
C ALA F 479 -51.57 16.70 -20.25
N PHE F 480 -50.69 17.10 -19.33
CA PHE F 480 -50.97 18.27 -18.50
C PHE F 480 -51.14 19.52 -19.35
N ILE F 481 -50.29 19.70 -20.37
CA ILE F 481 -50.39 20.88 -21.23
C ILE F 481 -51.71 20.89 -21.99
N ARG F 482 -52.10 19.73 -22.55
CA ARG F 482 -53.34 19.69 -23.32
C ARG F 482 -54.56 19.87 -22.43
N LYS F 483 -54.51 19.32 -21.20
CA LYS F 483 -55.62 19.52 -20.28
C LYS F 483 -55.70 20.96 -19.81
N SER F 484 -54.55 21.65 -19.73
CA SER F 484 -54.57 23.05 -19.32
C SER F 484 -55.09 23.94 -20.44
N ASP F 485 -54.74 23.64 -21.70
CA ASP F 485 -55.10 24.53 -22.78
C ASP F 485 -56.44 24.20 -23.43
N GLU F 486 -57.03 23.01 -23.15
CA GLU F 486 -58.37 22.73 -23.62
C GLU F 486 -59.44 23.00 -22.57
N LEU F 487 -59.05 23.29 -21.33
CA LEU F 487 -60.00 23.69 -20.29
C LEU F 487 -60.02 25.20 -20.12
N GLN G 1 33.60 -14.09 -26.62
CA GLN G 1 33.36 -15.53 -26.60
C GLN G 1 32.06 -15.87 -27.33
N ILE G 2 31.41 -14.84 -27.88
CA ILE G 2 30.17 -15.02 -28.63
C ILE G 2 30.53 -15.53 -30.01
N GLN G 3 30.05 -16.73 -30.34
CA GLN G 3 30.36 -17.39 -31.60
C GLN G 3 29.09 -17.63 -32.39
N LEU G 4 29.20 -17.52 -33.72
CA LEU G 4 28.11 -17.89 -34.64
C LEU G 4 28.75 -18.68 -35.78
N VAL G 5 28.82 -19.99 -35.61
CA VAL G 5 29.42 -20.88 -36.59
C VAL G 5 28.39 -21.18 -37.67
N GLN G 6 28.85 -21.20 -38.91
CA GLN G 6 27.97 -21.31 -40.08
C GLN G 6 28.35 -22.55 -40.88
N SER G 7 27.48 -22.89 -41.84
CA SER G 7 27.64 -24.10 -42.62
C SER G 7 28.86 -24.01 -43.54
N GLY G 8 29.07 -25.05 -44.33
CA GLY G 8 30.20 -25.13 -45.23
C GLY G 8 29.85 -24.68 -46.64
N PRO G 9 30.84 -24.69 -47.53
CA PRO G 9 30.59 -24.27 -48.91
C PRO G 9 29.62 -25.21 -49.61
N GLU G 10 29.10 -24.74 -50.74
CA GLU G 10 28.08 -25.49 -51.47
C GLU G 10 28.20 -25.21 -52.96
N LEU G 11 27.67 -26.15 -53.75
CA LEU G 11 27.62 -26.01 -55.19
C LEU G 11 26.31 -26.64 -55.66
N LYS G 12 25.48 -25.86 -56.33
CA LYS G 12 24.16 -26.32 -56.76
C LYS G 12 23.93 -25.93 -58.21
N LYS G 13 22.74 -26.26 -58.70
CA LYS G 13 22.32 -25.97 -60.06
C LYS G 13 21.08 -25.06 -60.04
N PRO G 14 20.94 -24.19 -61.02
CA PRO G 14 19.75 -23.31 -61.05
C PRO G 14 18.46 -24.11 -61.03
N GLY G 15 17.56 -23.73 -60.12
CA GLY G 15 16.29 -24.40 -59.96
C GLY G 15 16.24 -25.39 -58.82
N GLU G 16 17.30 -25.51 -58.03
CA GLU G 16 17.32 -26.42 -56.89
C GLU G 16 16.86 -25.68 -55.63
N THR G 17 17.02 -26.33 -54.48
CA THR G 17 16.70 -25.75 -53.19
C THR G 17 17.88 -25.99 -52.25
N VAL G 18 18.20 -24.98 -51.44
CA VAL G 18 19.38 -25.01 -50.59
C VAL G 18 19.02 -24.51 -49.20
N LYS G 19 19.71 -25.04 -48.19
CA LYS G 19 19.46 -24.71 -46.80
C LYS G 19 20.78 -24.44 -46.10
N ILE G 20 21.01 -23.19 -45.73
CA ILE G 20 22.22 -22.77 -45.02
C ILE G 20 21.88 -22.63 -43.55
N SER G 21 22.73 -23.18 -42.68
CA SER G 21 22.47 -23.19 -41.25
C SER G 21 23.53 -22.39 -40.50
N CYS G 22 23.12 -21.81 -39.37
CA CYS G 22 23.98 -20.99 -38.54
C CYS G 22 23.81 -21.39 -37.09
N LYS G 23 24.87 -21.92 -36.49
CA LYS G 23 24.86 -22.30 -35.08
C LYS G 23 25.35 -21.15 -34.23
N ALA G 24 24.71 -20.94 -33.08
CA ALA G 24 24.96 -19.77 -32.24
C ALA G 24 25.23 -20.22 -30.81
N SER G 25 26.48 -20.12 -30.38
CA SER G 25 26.88 -20.46 -29.02
C SER G 25 27.49 -19.23 -28.35
N GLY G 26 27.50 -19.24 -27.03
CA GLY G 26 28.09 -18.18 -26.25
C GLY G 26 27.13 -17.25 -25.56
N TYR G 27 25.82 -17.45 -25.74
CA TYR G 27 24.82 -16.60 -25.11
C TYR G 27 23.49 -17.34 -25.13
N THR G 28 22.53 -16.80 -24.39
CA THR G 28 21.17 -17.34 -24.42
C THR G 28 20.57 -17.06 -25.79
N PHE G 29 20.40 -18.13 -26.59
CA PHE G 29 19.97 -17.98 -27.98
C PHE G 29 18.66 -17.21 -28.10
N THR G 30 17.84 -17.22 -27.06
CA THR G 30 16.51 -16.62 -27.11
C THR G 30 16.52 -15.13 -26.80
N ASP G 31 17.69 -14.54 -26.54
CA ASP G 31 17.77 -13.11 -26.26
C ASP G 31 17.70 -12.29 -27.55
N TYR G 32 18.65 -12.51 -28.45
CA TYR G 32 18.82 -11.69 -29.64
C TYR G 32 18.23 -12.39 -30.86
N SER G 33 17.35 -11.69 -31.58
CA SER G 33 16.90 -12.18 -32.87
C SER G 33 18.07 -12.14 -33.85
N MET G 34 18.14 -13.16 -34.70
CA MET G 34 19.27 -13.31 -35.62
C MET G 34 18.94 -12.67 -36.96
N HIS G 35 19.93 -11.97 -37.51
CA HIS G 35 19.79 -11.24 -38.77
C HIS G 35 20.61 -11.94 -39.85
N TRP G 36 20.17 -11.79 -41.10
CA TRP G 36 20.80 -12.43 -42.24
C TRP G 36 21.22 -11.36 -43.23
N LEU G 37 22.48 -11.42 -43.67
CA LEU G 37 23.05 -10.41 -44.55
C LEU G 37 23.73 -11.09 -45.73
N LYS G 38 23.37 -10.69 -46.94
CA LYS G 38 23.94 -11.27 -48.16
C LYS G 38 25.02 -10.37 -48.71
N GLN G 39 26.16 -10.96 -49.06
CA GLN G 39 27.18 -10.27 -49.83
C GLN G 39 27.10 -10.73 -51.29
N ALA G 40 27.93 -10.12 -52.13
CA ALA G 40 27.94 -10.44 -53.55
C ALA G 40 29.31 -10.15 -54.12
N PRO G 41 29.74 -10.89 -55.15
CA PRO G 41 31.05 -10.62 -55.74
C PRO G 41 31.09 -9.29 -56.49
N GLY G 42 31.86 -8.34 -55.97
CA GLY G 42 32.00 -7.04 -56.57
C GLY G 42 30.97 -6.02 -56.10
N LYS G 43 29.77 -6.47 -55.74
CA LYS G 43 28.73 -5.59 -55.24
C LYS G 43 28.95 -5.32 -53.75
N GLY G 44 28.05 -4.52 -53.16
CA GLY G 44 28.14 -4.22 -51.76
C GLY G 44 27.33 -5.19 -50.91
N LEU G 45 27.44 -5.01 -49.60
CA LEU G 45 26.73 -5.88 -48.67
C LEU G 45 25.26 -5.53 -48.62
N LYS G 46 24.43 -6.54 -48.38
CA LYS G 46 22.98 -6.40 -48.42
C LYS G 46 22.36 -7.08 -47.22
N TRP G 47 21.59 -6.33 -46.45
CA TRP G 47 20.86 -6.87 -45.31
C TRP G 47 19.47 -7.27 -45.76
N MET G 48 19.09 -8.52 -45.49
CA MET G 48 17.86 -9.08 -46.06
C MET G 48 16.73 -9.26 -45.06
N GLY G 49 17.02 -9.47 -43.78
CA GLY G 49 15.95 -9.59 -42.81
C GLY G 49 16.43 -10.26 -41.54
N TRP G 50 15.46 -10.48 -40.65
CA TRP G 50 15.72 -11.10 -39.36
C TRP G 50 14.59 -12.06 -39.02
N ILE G 51 14.79 -12.83 -37.96
CA ILE G 51 13.80 -13.79 -37.49
C ILE G 51 13.86 -13.81 -35.96
N THR G 52 12.75 -13.47 -35.32
CA THR G 52 12.70 -13.47 -33.87
C THR G 52 12.94 -14.88 -33.34
N THR G 53 13.79 -14.99 -32.32
CA THR G 53 14.14 -16.28 -31.74
C THR G 53 13.20 -16.69 -30.61
N GLU G 54 12.04 -16.06 -30.50
CA GLU G 54 11.02 -16.45 -29.53
C GLU G 54 9.80 -17.03 -30.22
N THR G 55 9.19 -16.28 -31.14
CA THR G 55 8.03 -16.73 -31.89
C THR G 55 8.38 -17.31 -33.24
N GLY G 56 9.60 -17.09 -33.72
CA GLY G 56 9.99 -17.52 -35.05
C GLY G 56 9.50 -16.63 -36.18
N GLU G 57 8.71 -15.61 -35.87
CA GLU G 57 8.13 -14.76 -36.90
C GLU G 57 9.22 -14.06 -37.71
N PRO G 58 9.35 -14.32 -39.01
CA PRO G 58 10.37 -13.66 -39.81
C PRO G 58 9.86 -12.40 -40.50
N THR G 59 10.81 -11.56 -40.89
CA THR G 59 10.53 -10.36 -41.67
C THR G 59 11.66 -10.18 -42.69
N TYR G 60 11.29 -9.77 -43.90
CA TYR G 60 12.20 -9.77 -45.04
C TYR G 60 12.34 -8.37 -45.62
N ALA G 61 13.49 -8.12 -46.22
CA ALA G 61 13.70 -6.87 -46.96
C ALA G 61 13.07 -6.99 -48.34
N ASP G 62 12.63 -5.84 -48.87
CA ASP G 62 11.86 -5.83 -50.10
C ASP G 62 12.59 -6.47 -51.27
N ASP G 63 13.92 -6.51 -51.23
CA ASP G 63 14.70 -7.15 -52.28
C ASP G 63 14.76 -8.67 -52.13
N PHE G 64 14.39 -9.20 -50.96
CA PHE G 64 14.54 -10.62 -50.66
C PHE G 64 13.22 -11.23 -50.21
N LYS G 65 12.14 -10.92 -50.93
CA LYS G 65 10.82 -11.45 -50.61
C LYS G 65 10.37 -12.41 -51.69
N GLY G 66 9.68 -13.46 -51.27
CA GLY G 66 9.06 -14.39 -52.20
C GLY G 66 9.60 -15.81 -52.14
N ARG G 67 10.91 -15.96 -52.00
CA ARG G 67 11.53 -17.27 -51.98
C ARG G 67 12.33 -17.55 -50.72
N PHE G 68 13.09 -16.58 -50.22
CA PHE G 68 13.90 -16.78 -49.02
C PHE G 68 13.01 -17.04 -47.82
N ALA G 69 13.38 -18.04 -47.03
CA ALA G 69 12.59 -18.44 -45.87
C ALA G 69 13.51 -18.71 -44.69
N PHE G 70 13.21 -18.09 -43.56
CA PHE G 70 14.00 -18.22 -42.34
C PHE G 70 13.35 -19.21 -41.38
N SER G 71 14.18 -19.93 -40.65
CA SER G 71 13.68 -20.92 -39.70
C SER G 71 14.78 -21.24 -38.68
N LEU G 72 14.36 -21.81 -37.55
CA LEU G 72 15.29 -22.08 -36.47
C LEU G 72 14.76 -23.22 -35.61
N GLU G 73 15.65 -23.79 -34.81
CA GLU G 73 15.31 -24.79 -33.80
C GLU G 73 15.77 -24.24 -32.46
N THR G 74 14.82 -23.78 -31.64
CA THR G 74 15.16 -23.19 -30.35
C THR G 74 15.95 -24.16 -29.48
N SER G 75 15.56 -25.44 -29.48
CA SER G 75 16.24 -26.42 -28.64
C SER G 75 17.69 -26.60 -29.06
N ALA G 76 17.93 -26.78 -30.35
CA ALA G 76 19.29 -26.98 -30.85
C ALA G 76 20.14 -25.71 -30.79
N SER G 77 19.52 -24.55 -30.56
CA SER G 77 20.21 -23.26 -30.55
C SER G 77 20.92 -23.02 -31.88
N THR G 78 20.13 -23.02 -32.94
CA THR G 78 20.65 -22.76 -34.28
C THR G 78 19.51 -22.31 -35.18
N ALA G 79 19.84 -21.42 -36.10
CA ALA G 79 18.89 -20.90 -37.06
C ALA G 79 19.43 -21.13 -38.46
N TYR G 80 18.51 -21.35 -39.42
CA TYR G 80 18.92 -21.65 -40.78
C TYR G 80 18.03 -20.92 -41.77
N LEU G 81 18.55 -20.78 -42.98
CA LEU G 81 17.89 -20.11 -44.09
C LEU G 81 17.68 -21.11 -45.22
N GLN G 82 16.66 -20.85 -46.04
CA GLN G 82 16.34 -21.72 -47.16
C GLN G 82 16.06 -20.87 -48.39
N ILE G 83 16.80 -21.11 -49.46
CA ILE G 83 16.66 -20.33 -50.70
C ILE G 83 16.07 -21.22 -51.79
N ASN G 84 14.75 -21.19 -51.93
CA ASN G 84 14.11 -21.99 -52.96
C ASN G 84 14.39 -21.44 -54.35
N ASN G 85 14.33 -22.33 -55.34
CA ASN G 85 14.50 -21.97 -56.75
C ASN G 85 15.76 -21.14 -56.97
N LEU G 86 16.90 -21.77 -56.70
CA LEU G 86 18.18 -21.11 -56.87
C LEU G 86 18.35 -20.61 -58.30
N LYS G 87 19.00 -19.46 -58.44
CA LYS G 87 19.23 -18.83 -59.73
C LYS G 87 20.69 -18.40 -59.82
N ASN G 88 21.12 -18.09 -61.05
CA ASN G 88 22.49 -17.68 -61.29
C ASN G 88 22.84 -16.39 -60.55
N GLU G 89 21.83 -15.61 -60.16
CA GLU G 89 22.05 -14.37 -59.44
C GLU G 89 22.15 -14.55 -57.93
N ASP G 90 21.67 -15.68 -57.41
CA ASP G 90 21.72 -15.94 -55.98
C ASP G 90 23.11 -16.35 -55.50
N THR G 91 24.11 -16.29 -56.36
CA THR G 91 25.46 -16.68 -55.97
C THR G 91 26.12 -15.58 -55.14
N GLY G 92 26.91 -15.99 -54.16
CA GLY G 92 27.61 -15.05 -53.31
C GLY G 92 27.97 -15.67 -51.97
N ILE G 93 27.92 -14.83 -50.94
CA ILE G 93 28.24 -15.23 -49.57
C ILE G 93 27.11 -14.74 -48.67
N TYR G 94 26.57 -15.64 -47.85
CA TYR G 94 25.43 -15.35 -47.00
C TYR G 94 25.86 -15.37 -45.55
N PHE G 95 25.53 -14.31 -44.82
CA PHE G 95 26.01 -14.11 -43.45
C PHE G 95 24.84 -14.15 -42.47
N CYS G 96 25.11 -14.70 -41.29
CA CYS G 96 24.17 -14.68 -40.18
C CYS G 96 24.75 -13.80 -39.08
N ALA G 97 23.93 -12.90 -38.54
CA ALA G 97 24.44 -11.91 -37.61
C ALA G 97 23.36 -11.59 -36.57
N ARG G 98 23.81 -11.02 -35.45
CA ARG G 98 22.93 -10.57 -34.39
C ARG G 98 23.41 -9.21 -33.90
N TYR G 99 22.57 -8.57 -33.09
CA TYR G 99 22.88 -7.23 -32.59
C TYR G 99 23.94 -7.30 -31.51
N TYR G 100 25.12 -6.75 -31.77
CA TYR G 100 26.03 -6.42 -30.69
C TYR G 100 25.59 -5.09 -30.11
N TYR G 101 26.45 -4.44 -29.32
CA TYR G 101 26.04 -3.18 -28.71
C TYR G 101 25.58 -2.18 -29.76
N GLY G 102 26.49 -1.72 -30.61
CA GLY G 102 26.09 -0.96 -31.77
C GLY G 102 26.07 -1.76 -33.06
N PRO G 103 27.20 -2.37 -33.43
CA PRO G 103 27.29 -3.05 -34.72
C PRO G 103 26.82 -4.49 -34.68
N PHE G 104 27.03 -5.22 -35.77
CA PHE G 104 26.67 -6.62 -35.87
C PHE G 104 27.82 -7.50 -35.41
N TYR G 105 27.55 -8.80 -35.35
CA TYR G 105 28.57 -9.82 -35.18
C TYR G 105 28.40 -10.85 -36.29
N TRP G 106 29.43 -10.99 -37.12
CA TRP G 106 29.36 -11.83 -38.31
C TRP G 106 30.05 -13.16 -38.07
N GLY G 107 29.40 -14.24 -38.49
CA GLY G 107 30.07 -15.52 -38.59
C GLY G 107 30.65 -15.74 -39.97
N GLN G 108 31.55 -16.71 -40.07
CA GLN G 108 32.17 -17.00 -41.36
C GLN G 108 31.12 -17.31 -42.41
N GLY G 109 31.41 -16.96 -43.66
CA GLY G 109 30.43 -17.06 -44.71
C GLY G 109 30.30 -18.45 -45.29
N THR G 110 29.27 -18.60 -46.15
CA THR G 110 29.02 -19.83 -46.87
C THR G 110 28.92 -19.47 -48.35
N LEU G 111 30.02 -19.66 -49.09
CA LEU G 111 30.04 -19.34 -50.51
C LEU G 111 29.13 -20.32 -51.24
N VAL G 112 27.97 -19.83 -51.68
CA VAL G 112 26.97 -20.66 -52.35
C VAL G 112 26.93 -20.23 -53.80
N THR G 113 27.59 -20.98 -54.67
CA THR G 113 27.61 -20.71 -56.09
C THR G 113 26.54 -21.53 -56.80
N VAL G 114 25.92 -20.93 -57.81
CA VAL G 114 24.84 -21.57 -58.56
C VAL G 114 25.26 -21.56 -60.02
N SER G 115 25.82 -22.68 -60.47
CA SER G 115 26.24 -22.86 -61.86
C SER G 115 25.58 -24.11 -62.42
N THR G 116 25.75 -24.30 -63.73
CA THR G 116 25.15 -25.45 -64.40
C THR G 116 26.22 -26.45 -64.84
N ASP H 1 14.22 4.13 -45.99
CA ASP H 1 15.16 3.69 -47.01
C ASP H 1 16.34 4.66 -47.08
N ILE H 2 16.99 4.86 -45.93
CA ILE H 2 18.14 5.76 -45.86
C ILE H 2 19.32 5.09 -46.57
N GLN H 3 19.76 5.68 -47.67
CA GLN H 3 20.86 5.16 -48.47
C GLN H 3 22.11 5.99 -48.22
N MET H 4 23.23 5.32 -47.97
CA MET H 4 24.47 5.97 -47.63
C MET H 4 25.49 5.81 -48.75
N THR H 5 26.36 6.81 -48.89
CA THR H 5 27.37 6.82 -49.95
C THR H 5 28.69 7.29 -49.37
N GLN H 6 29.77 6.66 -49.80
CA GLN H 6 31.12 7.03 -49.36
C GLN H 6 31.82 7.80 -50.47
N SER H 7 32.57 8.84 -50.08
CA SER H 7 33.22 9.68 -51.08
C SER H 7 34.45 9.01 -51.69
N PRO H 8 35.39 8.41 -50.92
CA PRO H 8 36.57 7.84 -51.60
C PRO H 8 36.35 6.39 -52.01
N ALA H 9 35.62 6.20 -53.13
CA ALA H 9 35.37 4.85 -53.62
C ALA H 9 36.66 4.08 -53.86
N SER H 10 37.74 4.78 -54.15
CA SER H 10 39.08 4.20 -54.22
C SER H 10 39.98 4.95 -53.24
N LEU H 11 41.16 4.38 -52.99
CA LEU H 11 42.07 4.97 -52.01
C LEU H 11 43.44 4.35 -52.19
N SER H 12 44.45 5.09 -51.75
CA SER H 12 45.84 4.64 -51.80
C SER H 12 46.65 5.52 -50.86
N ALA H 13 47.46 4.91 -50.01
CA ALA H 13 48.19 5.66 -48.99
C ALA H 13 49.51 4.98 -48.70
N SER H 14 50.35 5.69 -47.95
CA SER H 14 51.66 5.21 -47.53
C SER H 14 51.53 4.40 -46.24
N VAL H 15 52.67 4.10 -45.60
CA VAL H 15 52.69 3.35 -44.37
C VAL H 15 52.85 4.27 -43.16
N GLY H 16 52.71 5.59 -43.35
CA GLY H 16 52.82 6.50 -42.24
C GLY H 16 51.84 7.67 -42.28
N GLU H 17 50.98 7.71 -43.29
CA GLU H 17 50.09 8.84 -43.48
C GLU H 17 48.83 8.68 -42.62
N THR H 18 48.11 9.79 -42.45
CA THR H 18 46.81 9.79 -41.78
C THR H 18 45.73 10.02 -42.83
N VAL H 19 44.87 9.02 -43.01
CA VAL H 19 43.84 9.06 -44.05
C VAL H 19 42.48 9.15 -43.38
N THR H 20 41.53 9.74 -44.10
CA THR H 20 40.19 9.99 -43.57
C THR H 20 39.15 9.54 -44.59
N ILE H 21 38.15 8.80 -44.12
CA ILE H 21 37.04 8.33 -44.94
C ILE H 21 35.76 8.98 -44.42
N THR H 22 34.85 9.26 -45.36
CA THR H 22 33.60 9.95 -45.02
C THR H 22 32.41 9.17 -45.57
N CYS H 23 31.29 9.28 -44.87
CA CYS H 23 30.02 8.72 -45.32
C CYS H 23 28.94 9.80 -45.21
N ARG H 24 28.10 9.88 -46.22
CA ARG H 24 27.02 10.87 -46.28
C ARG H 24 25.69 10.14 -46.24
N SER H 25 24.91 10.39 -45.19
CA SER H 25 23.61 9.76 -45.04
C SER H 25 22.54 10.54 -45.81
N SER H 26 21.60 9.80 -46.38
CA SER H 26 20.44 10.40 -47.05
C SER H 26 19.34 10.77 -46.07
N GLY H 27 19.62 10.71 -44.77
CA GLY H 27 18.65 11.07 -43.76
C GLY H 27 19.37 11.38 -42.47
N ASN H 28 18.59 11.81 -41.48
CA ASN H 28 19.15 12.23 -40.19
C ASN H 28 19.25 11.01 -39.28
N ILE H 29 20.30 10.22 -39.47
CA ILE H 29 20.66 9.17 -38.52
C ILE H 29 21.46 9.88 -37.42
N HIS H 30 20.75 10.25 -36.35
CA HIS H 30 21.25 11.19 -35.35
C HIS H 30 22.71 10.96 -34.97
N ASN H 31 23.01 9.76 -34.49
CA ASN H 31 24.35 9.43 -34.06
C ASN H 31 24.79 8.04 -34.49
N PHE H 32 23.87 7.18 -34.91
CA PHE H 32 24.11 5.75 -34.98
C PHE H 32 24.82 5.40 -36.28
N LEU H 33 26.08 4.97 -36.16
CA LEU H 33 26.88 4.56 -37.30
C LEU H 33 27.90 3.54 -36.81
N THR H 34 28.49 2.81 -37.75
CA THR H 34 29.55 1.87 -37.44
C THR H 34 30.39 1.64 -38.68
N TRP H 35 31.66 1.28 -38.47
CA TRP H 35 32.63 1.11 -39.55
C TRP H 35 33.24 -0.27 -39.45
N TYR H 36 32.86 -1.16 -40.36
CA TYR H 36 33.47 -2.47 -40.45
C TYR H 36 34.67 -2.41 -41.38
N GLN H 37 35.56 -3.38 -41.22
CA GLN H 37 36.67 -3.57 -42.16
C GLN H 37 36.81 -5.05 -42.46
N GLN H 38 36.90 -5.37 -43.75
CA GLN H 38 36.93 -6.75 -44.21
C GLN H 38 38.31 -7.06 -44.77
N LYS H 39 38.97 -8.06 -44.18
CA LYS H 39 40.28 -8.47 -44.65
C LYS H 39 40.13 -9.32 -45.91
N GLN H 40 41.22 -9.97 -46.32
CA GLN H 40 41.25 -10.71 -47.59
C GLN H 40 40.45 -12.00 -47.43
N GLY H 41 39.13 -11.87 -47.51
CA GLY H 41 38.25 -13.02 -47.48
C GLY H 41 37.81 -13.43 -46.08
N LYS H 42 37.50 -12.44 -45.24
CA LYS H 42 37.01 -12.68 -43.89
C LYS H 42 35.61 -12.06 -43.75
N SER H 43 35.09 -12.12 -42.53
CA SER H 43 33.83 -11.49 -42.15
C SER H 43 34.08 -10.07 -41.66
N PRO H 44 33.20 -9.12 -42.00
CA PRO H 44 33.46 -7.72 -41.65
C PRO H 44 33.49 -7.49 -40.15
N GLN H 45 34.67 -7.20 -39.60
CA GLN H 45 34.81 -6.91 -38.18
C GLN H 45 34.63 -5.42 -37.94
N PHE H 46 33.82 -5.08 -36.95
CA PHE H 46 33.50 -3.68 -36.69
C PHE H 46 34.64 -3.01 -35.92
N LEU H 47 34.77 -1.70 -36.14
CA LEU H 47 35.80 -0.90 -35.50
C LEU H 47 35.26 0.03 -34.41
N VAL H 48 34.03 0.53 -34.55
CA VAL H 48 33.45 1.46 -33.60
C VAL H 48 32.05 0.98 -33.24
N TYR H 49 31.68 1.16 -31.97
CA TYR H 49 30.31 0.89 -31.56
C TYR H 49 29.35 1.97 -32.00
N ASN H 50 29.85 3.18 -32.24
CA ASN H 50 29.03 4.33 -32.55
C ASN H 50 29.87 5.29 -33.37
N ALA H 51 29.28 6.43 -33.73
CA ALA H 51 30.00 7.40 -34.54
C ALA H 51 31.27 7.87 -33.85
N LYS H 52 31.26 7.99 -32.53
CA LYS H 52 32.38 8.52 -31.77
C LYS H 52 33.10 7.48 -30.93
N THR H 53 32.38 6.77 -30.07
CA THR H 53 33.00 5.84 -29.12
C THR H 53 33.46 4.58 -29.85
N LEU H 54 34.77 4.48 -30.08
CA LEU H 54 35.33 3.33 -30.77
C LEU H 54 35.14 2.07 -29.95
N ALA H 55 35.34 0.92 -30.61
CA ALA H 55 35.12 -0.37 -29.98
C ALA H 55 36.40 -0.88 -29.33
N ASP H 56 36.25 -1.54 -28.18
CA ASP H 56 37.40 -2.12 -27.50
C ASP H 56 38.04 -3.21 -28.34
N GLY H 57 39.36 -3.35 -28.19
CA GLY H 57 40.13 -4.33 -28.92
C GLY H 57 40.87 -3.76 -30.12
N VAL H 58 40.37 -2.68 -30.72
CA VAL H 58 41.04 -2.07 -31.86
C VAL H 58 42.03 -1.03 -31.36
N SER H 59 43.02 -0.74 -32.22
CA SER H 59 44.02 0.26 -31.89
C SER H 59 43.40 1.66 -31.86
N SER H 60 44.08 2.57 -31.16
CA SER H 60 43.54 3.90 -30.90
C SER H 60 43.64 4.85 -32.08
N ARG H 61 44.34 4.46 -33.16
CA ARG H 61 44.50 5.38 -34.28
C ARG H 61 43.19 5.62 -35.02
N PHE H 62 42.28 4.64 -35.02
CA PHE H 62 40.96 4.87 -35.58
C PHE H 62 40.19 5.84 -34.70
N SER H 63 39.63 6.87 -35.31
CA SER H 63 38.91 7.90 -34.55
C SER H 63 37.73 8.37 -35.40
N GLY H 64 36.53 8.00 -34.98
CA GLY H 64 35.33 8.40 -35.69
C GLY H 64 34.77 9.71 -35.16
N SER H 65 34.08 10.42 -36.06
CA SER H 65 33.45 11.68 -35.69
C SER H 65 32.26 11.90 -36.62
N GLY H 66 31.33 12.73 -36.15
CA GLY H 66 30.19 13.13 -36.95
C GLY H 66 28.89 13.00 -36.19
N SER H 67 27.84 13.50 -36.83
CA SER H 67 26.48 13.42 -36.30
C SER H 67 25.51 13.84 -37.39
N GLY H 68 24.36 13.17 -37.43
CA GLY H 68 23.27 13.56 -38.30
C GLY H 68 23.40 13.09 -39.73
N THR H 69 24.20 13.80 -40.54
CA THR H 69 24.30 13.47 -41.96
C THR H 69 25.73 13.57 -42.50
N GLN H 70 26.75 13.58 -41.63
CA GLN H 70 28.12 13.72 -42.11
C GLN H 70 29.05 13.11 -41.07
N PHE H 71 29.69 11.99 -41.41
CA PHE H 71 30.53 11.25 -40.50
C PHE H 71 31.91 11.05 -41.11
N SER H 72 32.89 10.78 -40.25
CA SER H 72 34.28 10.73 -40.69
C SER H 72 35.04 9.71 -39.85
N LEU H 73 35.52 8.66 -40.50
CA LEU H 73 36.49 7.74 -39.90
C LEU H 73 37.89 8.18 -40.28
N LYS H 74 38.78 8.25 -39.30
CA LYS H 74 40.14 8.71 -39.52
C LYS H 74 41.12 7.68 -38.99
N ILE H 75 41.94 7.14 -39.88
CA ILE H 75 43.03 6.25 -39.50
C ILE H 75 44.25 7.12 -39.26
N ASN H 76 44.58 7.34 -37.98
CA ASN H 76 45.63 8.29 -37.62
C ASN H 76 47.02 7.83 -38.02
N SER H 77 47.17 6.59 -38.48
CA SER H 77 48.43 6.09 -39.00
C SER H 77 48.17 4.75 -39.65
N LEU H 78 48.82 4.50 -40.78
CA LEU H 78 48.65 3.23 -41.47
C LEU H 78 49.75 2.25 -41.11
N GLN H 79 49.40 0.98 -41.08
CA GLN H 79 50.32 -0.12 -40.82
C GLN H 79 49.97 -1.24 -41.79
N PRO H 80 50.77 -2.31 -41.88
CA PRO H 80 50.38 -3.44 -42.73
C PRO H 80 49.03 -4.04 -42.37
N GLU H 81 48.58 -3.90 -41.11
CA GLU H 81 47.29 -4.43 -40.72
C GLU H 81 46.14 -3.60 -41.31
N ASP H 82 46.29 -2.27 -41.28
CA ASP H 82 45.19 -1.37 -41.64
C ASP H 82 45.01 -1.28 -43.16
N PHE H 83 44.71 -2.43 -43.77
CA PHE H 83 44.51 -2.50 -45.21
C PHE H 83 43.40 -3.51 -45.51
N GLY H 84 42.40 -3.06 -46.26
CA GLY H 84 41.28 -3.91 -46.63
C GLY H 84 40.19 -3.12 -47.31
N ILE H 85 38.93 -3.40 -46.97
CA ILE H 85 37.78 -2.65 -47.47
C ILE H 85 36.98 -2.17 -46.27
N TYR H 86 36.60 -0.89 -46.29
CA TYR H 86 35.92 -0.27 -45.15
C TYR H 86 34.52 0.13 -45.56
N TYR H 87 33.53 -0.49 -44.94
CA TYR H 87 32.12 -0.15 -45.14
C TYR H 87 31.61 0.66 -43.96
N CYS H 88 30.44 1.27 -44.15
CA CYS H 88 29.80 2.02 -43.09
C CYS H 88 28.30 1.80 -43.19
N GLN H 89 27.67 1.58 -42.04
CA GLN H 89 26.26 1.19 -42.00
C GLN H 89 25.54 1.95 -40.90
N HIS H 90 24.33 2.39 -41.19
CA HIS H 90 23.45 2.94 -40.17
C HIS H 90 22.65 1.83 -39.53
N PHE H 91 22.40 1.97 -38.24
CA PHE H 91 21.50 1.06 -37.54
C PHE H 91 20.43 1.83 -36.80
N TRP H 92 19.90 2.87 -37.45
CA TRP H 92 18.85 3.68 -36.85
C TRP H 92 17.47 3.06 -37.07
N THR H 93 17.15 2.70 -38.30
CA THR H 93 15.89 2.03 -38.59
C THR H 93 16.06 1.11 -39.77
N THR H 94 15.12 0.16 -39.90
CA THR H 94 15.14 -0.88 -40.92
C THR H 94 14.49 -0.37 -42.22
N PRO H 95 14.99 -0.81 -43.38
CA PRO H 95 16.10 -1.74 -43.56
C PRO H 95 17.47 -1.07 -43.50
N TYR H 96 18.47 -1.81 -43.05
CA TYR H 96 19.80 -1.27 -42.91
C TYR H 96 20.51 -1.27 -44.25
N THR H 97 21.38 -0.27 -44.45
CA THR H 97 22.09 -0.09 -45.70
C THR H 97 23.57 0.12 -45.42
N PHE H 98 24.37 -0.13 -46.44
CA PHE H 98 25.82 -0.04 -46.34
C PHE H 98 26.35 0.99 -47.34
N GLY H 99 27.54 1.50 -47.05
CA GLY H 99 28.22 2.34 -48.00
C GLY H 99 28.81 1.53 -49.15
N GLY H 100 29.12 2.24 -50.24
CA GLY H 100 29.63 1.60 -51.43
C GLY H 100 30.88 0.77 -51.21
N GLY H 101 31.63 1.09 -50.18
CA GLY H 101 32.86 0.38 -49.87
C GLY H 101 34.07 1.21 -50.27
N THR H 102 35.07 1.23 -49.39
CA THR H 102 36.29 2.00 -49.61
C THR H 102 37.48 1.03 -49.61
N LYS H 103 38.07 0.84 -50.78
CA LYS H 103 39.22 -0.06 -50.90
C LYS H 103 40.50 0.72 -50.65
N LEU H 104 41.29 0.26 -49.70
CA LEU H 104 42.54 0.92 -49.31
C LEU H 104 43.71 0.01 -49.64
N GLU H 105 44.61 0.51 -50.48
CA GLU H 105 45.80 -0.24 -50.88
C GLU H 105 47.03 0.62 -50.66
N ILE H 106 48.20 -0.01 -50.85
CA ILE H 106 49.46 0.69 -50.63
C ILE H 106 49.66 1.77 -51.69
N LYS H 107 50.46 2.77 -51.34
CA LYS H 107 50.74 3.90 -52.23
C LYS H 107 51.42 3.44 -53.52
N GLN I 1 2.96 32.81 1.25
CA GLN I 1 2.66 32.62 2.67
C GLN I 1 1.67 33.68 3.14
N ASN I 2 0.89 34.21 2.20
CA ASN I 2 -0.11 35.24 2.48
C ASN I 2 -1.52 34.68 2.48
N ILE I 3 -1.69 33.46 3.00
CA ILE I 3 -2.99 32.80 2.95
C ILE I 3 -4.01 33.61 3.74
N THR I 4 -5.20 33.77 3.16
CA THR I 4 -6.30 34.44 3.82
C THR I 4 -7.55 33.56 3.73
N GLU I 5 -8.70 34.10 4.12
CA GLU I 5 -9.95 33.37 4.06
C GLU I 5 -11.10 34.37 4.18
N GLU I 6 -12.28 33.95 3.74
CA GLU I 6 -13.43 34.86 3.70
C GLU I 6 -14.70 34.03 3.80
N PHE I 7 -15.31 34.04 4.99
CA PHE I 7 -16.58 33.36 5.18
C PHE I 7 -17.71 34.24 4.67
N TYR I 8 -18.60 33.66 3.87
CA TYR I 8 -19.75 34.37 3.34
C TYR I 8 -21.00 33.79 3.99
N GLN I 9 -21.55 34.53 4.95
CA GLN I 9 -22.74 34.06 5.67
C GLN I 9 -23.93 33.91 4.74
N SER I 10 -24.02 34.75 3.70
CA SER I 10 -25.17 34.71 2.81
C SER I 10 -25.31 33.37 2.11
N THR I 11 -24.22 32.62 1.98
CA THR I 11 -24.25 31.33 1.32
C THR I 11 -23.54 30.24 2.10
N CYS I 12 -22.98 30.54 3.26
CA CYS I 12 -22.39 29.57 4.17
C CYS I 12 -21.23 28.84 3.49
N SER I 13 -20.23 29.62 3.08
CA SER I 13 -19.05 29.08 2.42
C SER I 13 -17.85 29.93 2.78
N ALA I 14 -16.66 29.40 2.52
CA ALA I 14 -15.42 30.06 2.91
C ALA I 14 -14.35 29.81 1.85
N VAL I 15 -13.75 30.88 1.34
CA VAL I 15 -12.80 30.82 0.24
C VAL I 15 -11.42 31.20 0.76
N SER I 16 -10.51 30.23 0.83
CA SER I 16 -9.10 30.54 1.01
C SER I 16 -8.56 31.14 -0.29
N LYS I 17 -7.54 31.99 -0.18
CA LYS I 17 -7.13 32.76 -1.35
C LYS I 17 -5.64 32.82 -1.63
N GLY I 18 -4.76 32.62 -0.66
CA GLY I 18 -3.36 32.96 -0.89
C GLY I 18 -2.51 31.88 -1.51
N TYR I 19 -3.06 31.12 -2.45
CA TYR I 19 -2.40 29.92 -2.94
C TYR I 19 -1.77 30.14 -4.32
N LEU I 20 -0.94 29.18 -4.71
CA LEU I 20 -0.26 29.14 -6.00
C LEU I 20 -0.71 27.89 -6.75
N SER I 21 -0.06 27.60 -7.88
CA SER I 21 -0.47 26.47 -8.70
C SER I 21 0.74 25.77 -9.29
N ALA I 22 0.69 24.44 -9.32
CA ALA I 22 1.54 23.61 -10.16
C ALA I 22 0.64 22.55 -10.78
N LEU I 23 0.04 22.87 -11.92
CA LEU I 23 -0.95 22.00 -12.56
C LEU I 23 -0.27 21.08 -13.55
N ARG I 24 -0.37 19.78 -13.33
CA ARG I 24 0.18 18.81 -14.26
C ARG I 24 -0.62 18.87 -15.56
N THR I 25 0.04 19.23 -16.66
CA THR I 25 -0.59 19.33 -17.95
C THR I 25 -0.09 18.33 -18.98
N GLY I 26 1.05 17.68 -18.73
CA GLY I 26 1.60 16.73 -19.67
C GLY I 26 2.45 15.69 -18.97
N TRP I 27 2.98 14.77 -19.76
CA TRP I 27 3.84 13.70 -19.28
C TRP I 27 5.18 13.77 -19.99
N TYR I 28 6.20 13.22 -19.34
CA TYR I 28 7.53 13.11 -19.95
C TYR I 28 8.06 11.70 -19.65
N THR I 29 7.94 10.81 -20.63
CA THR I 29 8.31 9.41 -20.43
C THR I 29 9.81 9.24 -20.54
N SER I 30 10.44 8.82 -19.45
CA SER I 30 11.84 8.43 -19.48
C SER I 30 11.96 6.93 -19.77
N VAL I 31 13.19 6.42 -19.76
CA VAL I 31 13.47 5.00 -19.90
C VAL I 31 14.61 4.66 -18.97
N ILE I 32 14.38 3.69 -18.08
CA ILE I 32 15.36 3.32 -17.05
C ILE I 32 15.79 1.89 -17.31
N THR I 33 17.07 1.70 -17.61
CA THR I 33 17.58 0.40 -18.00
C THR I 33 18.45 -0.18 -16.90
N ILE I 34 18.63 -1.51 -16.95
CA ILE I 34 19.45 -2.24 -15.99
C ILE I 34 20.15 -3.35 -16.76
N GLU I 35 21.48 -3.31 -16.80
CA GLU I 35 22.24 -4.32 -17.53
C GLU I 35 22.19 -5.65 -16.78
N LEU I 36 21.40 -6.58 -17.30
CA LEU I 36 21.34 -7.91 -16.72
C LEU I 36 22.49 -8.77 -17.24
N SER I 37 22.65 -9.93 -16.63
CA SER I 37 23.66 -10.89 -17.03
C SER I 37 23.01 -12.20 -17.43
N ASN I 38 23.77 -13.05 -18.10
CA ASN I 38 23.32 -14.39 -18.46
C ASN I 38 23.99 -15.38 -17.52
N ILE I 39 23.18 -16.00 -16.66
CA ILE I 39 23.69 -16.95 -15.68
C ILE I 39 23.99 -18.25 -16.40
N LYS I 40 25.27 -18.48 -16.72
CA LYS I 40 25.68 -19.76 -17.28
C LYS I 40 25.78 -20.77 -16.15
N GLU I 41 25.33 -22.00 -16.43
CA GLU I 41 25.23 -23.03 -15.41
C GLU I 41 26.52 -23.17 -14.64
N ASN I 42 26.44 -22.95 -13.33
CA ASN I 42 27.61 -22.95 -12.45
C ASN I 42 28.04 -24.40 -12.23
N LYS I 43 28.91 -24.89 -13.10
CA LYS I 43 29.40 -26.26 -13.03
C LYS I 43 30.53 -26.31 -12.01
N CYS I 44 30.14 -26.42 -10.74
CA CYS I 44 31.09 -26.57 -9.65
C CYS I 44 30.44 -27.38 -8.54
N ASN I 45 31.21 -28.29 -7.96
CA ASN I 45 30.73 -29.13 -6.87
C ASN I 45 31.47 -28.78 -5.58
N GLY I 46 30.73 -28.73 -4.48
CA GLY I 46 31.24 -28.23 -3.23
C GLY I 46 30.24 -27.28 -2.60
N THR I 47 29.90 -27.51 -1.33
CA THR I 47 28.76 -26.81 -0.74
C THR I 47 29.22 -26.11 0.54
N ASP I 48 30.30 -25.36 0.46
CA ASP I 48 30.69 -24.51 1.57
C ASP I 48 29.61 -23.44 1.82
N ALA I 49 29.60 -22.92 3.05
CA ALA I 49 28.53 -22.00 3.43
C ALA I 49 28.53 -20.75 2.56
N LYS I 50 29.70 -20.20 2.26
CA LYS I 50 29.78 -19.02 1.42
C LYS I 50 29.33 -19.33 -0.01
N VAL I 51 29.80 -20.45 -0.55
CA VAL I 51 29.37 -20.86 -1.88
C VAL I 51 27.87 -21.12 -1.90
N LYS I 52 27.33 -21.69 -0.81
CA LYS I 52 25.90 -21.95 -0.76
C LYS I 52 25.09 -20.67 -0.71
N LEU I 53 25.58 -19.66 0.02
CA LEU I 53 24.88 -18.38 0.07
C LEU I 53 24.94 -17.67 -1.27
N ILE I 54 26.09 -17.72 -1.94
CA ILE I 54 26.21 -17.17 -3.28
C ILE I 54 25.24 -17.86 -4.23
N LYS I 55 25.14 -19.19 -4.13
CA LYS I 55 24.21 -19.93 -4.98
C LYS I 55 22.77 -19.53 -4.70
N GLN I 56 22.41 -19.35 -3.43
CA GLN I 56 21.05 -18.95 -3.10
C GLN I 56 20.74 -17.56 -3.66
N GLU I 57 21.71 -16.64 -3.57
CA GLU I 57 21.48 -15.30 -4.12
C GLU I 57 21.37 -15.34 -5.63
N LEU I 58 22.19 -16.16 -6.30
CA LEU I 58 22.09 -16.30 -7.75
C LEU I 58 20.74 -16.89 -8.15
N ASP I 59 20.24 -17.84 -7.36
CA ASP I 59 18.93 -18.42 -7.65
C ASP I 59 17.83 -17.38 -7.47
N LYS I 60 17.93 -16.53 -6.45
CA LYS I 60 16.96 -15.45 -6.30
C LYS I 60 17.04 -14.47 -7.46
N TYR I 61 18.25 -14.23 -7.96
CA TYR I 61 18.41 -13.34 -9.12
C TYR I 61 17.74 -13.92 -10.36
N LYS I 62 18.04 -15.18 -10.67
CA LYS I 62 17.41 -15.84 -11.81
C LYS I 62 15.90 -15.88 -11.65
N ASN I 63 15.40 -16.10 -10.44
CA ASN I 63 13.97 -16.11 -10.21
C ASN I 63 13.36 -14.73 -10.43
N ALA I 64 14.07 -13.68 -10.04
CA ALA I 64 13.58 -12.33 -10.30
C ALA I 64 13.49 -12.07 -11.79
N VAL I 65 14.53 -12.46 -12.54
CA VAL I 65 14.50 -12.28 -13.99
C VAL I 65 13.33 -13.04 -14.61
N THR I 66 13.10 -14.27 -14.16
CA THR I 66 12.02 -15.08 -14.71
C THR I 66 10.66 -14.46 -14.40
N GLU I 67 10.46 -14.02 -13.15
CA GLU I 67 9.20 -13.38 -12.78
C GLU I 67 8.97 -12.10 -13.56
N LEU I 68 10.05 -11.35 -13.85
CA LEU I 68 9.91 -10.14 -14.65
C LEU I 68 9.53 -10.47 -16.08
N GLN I 69 10.16 -11.51 -16.65
CA GLN I 69 9.79 -11.93 -18.00
C GLN I 69 8.34 -12.38 -18.08
N LEU I 70 7.83 -12.99 -17.02
CA LEU I 70 6.41 -13.34 -17.00
C LEU I 70 5.54 -12.11 -16.77
N LEU I 71 6.07 -11.09 -16.10
CA LEU I 71 5.31 -9.86 -15.90
C LEU I 71 5.13 -9.10 -17.21
N MET I 72 6.18 -9.06 -18.03
CA MET I 72 6.06 -8.45 -19.36
C MET I 72 5.04 -9.21 -20.20
N GLN I 73 5.31 -10.49 -20.46
CA GLN I 73 4.45 -11.30 -21.31
C GLN I 73 3.12 -11.62 -20.62
N PHE I 112 -18.81 16.69 -4.90
CA PHE I 112 -20.21 16.81 -5.30
C PHE I 112 -20.36 16.84 -6.82
N LEU I 113 -19.26 17.09 -7.52
CA LEU I 113 -19.27 17.21 -8.97
C LEU I 113 -18.17 16.39 -9.62
N GLY I 114 -17.87 15.22 -9.06
CA GLY I 114 -16.85 14.35 -9.61
C GLY I 114 -17.32 13.43 -10.71
N PHE I 115 -18.61 13.44 -11.03
CA PHE I 115 -19.17 12.63 -12.10
C PHE I 115 -19.17 13.34 -13.44
N LEU I 116 -18.41 14.42 -13.58
CA LEU I 116 -18.35 15.19 -14.81
C LEU I 116 -16.95 15.27 -15.40
N LEU I 117 -16.04 14.41 -14.94
CA LEU I 117 -14.62 14.57 -15.27
C LEU I 117 -14.30 14.08 -16.68
N GLY I 118 -14.79 12.89 -17.04
CA GLY I 118 -14.39 12.30 -18.28
C GLY I 118 -13.22 11.35 -18.08
N VAL I 119 -13.26 10.19 -18.74
CA VAL I 119 -12.26 9.17 -18.51
C VAL I 119 -11.01 9.46 -19.33
N GLY I 120 -9.87 9.00 -18.84
CA GLY I 120 -8.62 9.15 -19.56
C GLY I 120 -7.57 8.15 -19.14
N SER I 121 -6.94 7.50 -20.12
CA SER I 121 -5.88 6.56 -19.83
C SER I 121 -4.68 7.30 -19.23
N ALA I 122 -4.17 6.78 -18.13
CA ALA I 122 -3.10 7.46 -17.41
C ALA I 122 -1.71 7.00 -17.84
N ILE I 123 -1.57 5.79 -18.37
CA ILE I 123 -0.26 5.30 -18.80
C ILE I 123 -0.24 5.15 -20.31
N ALA I 124 -1.05 5.93 -21.02
CA ALA I 124 -1.09 5.82 -22.47
C ALA I 124 0.26 6.15 -23.09
N SER I 125 0.94 7.17 -22.56
CA SER I 125 2.26 7.53 -23.07
C SER I 125 3.28 6.43 -22.77
N GLY I 126 3.25 5.88 -21.57
CA GLY I 126 4.16 4.80 -21.23
C GLY I 126 3.89 3.54 -22.03
N VAL I 127 2.61 3.22 -22.24
CA VAL I 127 2.26 2.08 -23.08
C VAL I 127 2.77 2.28 -24.49
N ALA I 128 2.58 3.47 -25.06
CA ALA I 128 3.09 3.75 -26.40
C ALA I 128 4.61 3.60 -26.45
N VAL I 129 5.31 4.12 -25.46
CA VAL I 129 6.77 4.03 -25.47
C VAL I 129 7.23 2.59 -25.31
N CYS I 130 6.50 1.79 -24.53
CA CYS I 130 6.85 0.37 -24.41
C CYS I 130 6.66 -0.35 -25.74
N LYS I 131 5.53 -0.08 -26.41
CA LYS I 131 5.31 -0.70 -27.71
C LYS I 131 6.36 -0.26 -28.73
N VAL I 132 6.88 0.96 -28.60
CA VAL I 132 7.93 1.40 -29.52
C VAL I 132 9.25 0.69 -29.21
N LEU I 133 9.61 0.60 -27.93
CA LEU I 133 10.82 -0.14 -27.57
C LEU I 133 10.71 -1.63 -27.84
N HIS I 134 9.51 -2.15 -28.08
CA HIS I 134 9.41 -3.55 -28.48
C HIS I 134 9.74 -3.78 -29.94
N LEU I 135 9.81 -2.72 -30.75
CA LEU I 135 10.24 -2.87 -32.14
C LEU I 135 11.68 -3.34 -32.21
N GLU I 136 12.01 -4.02 -33.30
CA GLU I 136 13.36 -4.56 -33.46
C GLU I 136 14.31 -3.43 -33.82
N GLY I 137 15.35 -3.24 -33.00
CA GLY I 137 16.37 -2.23 -33.21
C GLY I 137 16.38 -1.16 -32.14
N GLU I 138 15.23 -0.88 -31.53
CA GLU I 138 15.13 0.26 -30.62
C GLU I 138 15.89 0.01 -29.32
N VAL I 139 16.04 -1.26 -28.93
CA VAL I 139 16.83 -1.57 -27.74
C VAL I 139 18.32 -1.60 -28.09
N ASN I 140 18.64 -1.92 -29.35
CA ASN I 140 20.04 -1.91 -29.76
C ASN I 140 20.61 -0.50 -29.74
N LYS I 141 19.81 0.49 -30.14
CA LYS I 141 20.28 1.87 -30.14
C LYS I 141 20.40 2.39 -28.71
N ILE I 142 19.41 2.09 -27.87
CA ILE I 142 19.49 2.47 -26.45
C ILE I 142 20.73 1.86 -25.81
N LYS I 143 20.99 0.59 -26.10
CA LYS I 143 22.16 -0.08 -25.51
C LYS I 143 23.46 0.54 -26.00
N SER I 144 23.44 1.19 -27.17
CA SER I 144 24.67 1.77 -27.71
C SER I 144 24.81 3.23 -27.30
N ALA I 145 23.72 3.88 -26.93
CA ALA I 145 23.81 5.24 -26.42
C ALA I 145 24.34 5.27 -25.00
N LEU I 146 23.75 4.48 -24.11
CA LEU I 146 24.22 4.34 -22.74
C LEU I 146 25.41 3.42 -22.63
N LEU I 147 26.47 3.68 -23.38
CA LEU I 147 27.60 2.76 -23.42
C LEU I 147 28.72 3.21 -22.49
N SER I 148 29.27 4.38 -22.74
CA SER I 148 30.34 4.91 -21.91
C SER I 148 29.82 5.73 -20.74
N THR I 149 28.70 6.42 -20.92
CA THR I 149 28.11 7.24 -19.87
C THR I 149 27.08 6.42 -19.10
N ASN I 150 26.31 7.10 -18.24
CA ASN I 150 25.18 6.49 -17.54
C ASN I 150 23.90 7.29 -17.78
N LYS I 151 23.85 8.07 -18.86
CA LYS I 151 22.70 8.89 -19.19
C LYS I 151 22.86 9.39 -20.61
N ALA I 152 21.79 9.31 -21.40
CA ALA I 152 21.80 9.79 -22.77
C ALA I 152 20.41 10.27 -23.12
N VAL I 153 20.29 10.83 -24.33
CA VAL I 153 19.01 11.28 -24.87
C VAL I 153 18.87 10.63 -26.25
N VAL I 154 18.21 9.48 -26.30
CA VAL I 154 18.03 8.74 -27.54
C VAL I 154 16.78 9.24 -28.24
N SER I 155 16.84 9.31 -29.56
CA SER I 155 15.68 9.70 -30.38
C SER I 155 15.13 8.44 -31.02
N LEU I 156 13.91 8.06 -30.63
CA LEU I 156 13.29 6.86 -31.15
C LEU I 156 12.94 7.03 -32.62
N SER I 157 12.62 5.91 -33.27
CA SER I 157 12.41 5.92 -34.71
C SER I 157 11.18 6.70 -35.12
N ASN I 158 10.19 6.81 -34.23
CA ASN I 158 8.95 7.50 -34.55
C ASN I 158 9.00 9.00 -34.27
N GLY I 159 10.18 9.55 -33.99
CA GLY I 159 10.37 10.98 -33.86
C GLY I 159 10.51 11.49 -32.45
N VAL I 160 10.04 10.75 -31.45
CA VAL I 160 10.07 11.23 -30.08
C VAL I 160 11.48 11.10 -29.52
N SER I 161 11.89 12.09 -28.73
CA SER I 161 13.20 12.10 -28.09
C SER I 161 13.00 11.68 -26.64
N VAL I 162 13.55 10.54 -26.26
CA VAL I 162 13.40 10.00 -24.93
C VAL I 162 14.73 10.14 -24.19
N LEU I 163 14.65 10.18 -22.87
CA LEU I 163 15.81 10.42 -22.02
C LEU I 163 16.11 9.13 -21.27
N THR I 164 16.96 8.31 -21.85
CA THR I 164 17.32 7.04 -21.23
C THR I 164 18.22 7.27 -20.02
N PHE I 165 18.51 6.23 -19.26
CA PHE I 165 19.29 6.35 -18.02
C PHE I 165 19.62 4.94 -17.59
N LYS I 166 20.70 4.68 -16.96
CA LYS I 166 21.18 3.37 -16.50
C LYS I 166 21.44 3.49 -15.00
N VAL I 167 20.41 3.18 -14.20
CA VAL I 167 20.51 3.40 -12.75
C VAL I 167 21.28 2.31 -12.04
N LEU I 168 21.36 1.11 -12.61
CA LEU I 168 22.06 0.01 -11.96
C LEU I 168 22.86 -0.75 -12.99
N ASP I 169 24.00 -1.27 -12.57
CA ASP I 169 24.89 -2.08 -13.40
C ASP I 169 25.19 -3.34 -12.59
N LEU I 170 24.42 -4.39 -12.83
CA LEU I 170 24.62 -5.66 -12.13
C LEU I 170 25.35 -6.69 -12.97
N LYS I 171 25.24 -6.61 -14.29
CA LYS I 171 26.05 -7.45 -15.17
C LYS I 171 27.53 -7.30 -14.85
N ASN I 172 28.00 -6.07 -14.68
CA ASN I 172 29.40 -5.83 -14.39
C ASN I 172 29.84 -6.59 -13.15
N TYR I 173 29.19 -6.33 -12.01
CA TYR I 173 29.57 -7.01 -10.78
C TYR I 173 29.48 -8.51 -10.95
N ILE I 174 28.32 -9.02 -11.36
CA ILE I 174 28.11 -10.46 -11.46
C ILE I 174 29.23 -11.10 -12.27
N ASP I 175 29.36 -10.72 -13.54
CA ASP I 175 30.38 -11.33 -14.38
C ASP I 175 31.76 -11.18 -13.76
N LYS I 176 32.28 -9.94 -13.70
CA LYS I 176 33.70 -9.76 -13.41
C LYS I 176 34.08 -10.33 -12.05
N GLN I 177 33.28 -10.05 -11.01
CA GLN I 177 33.65 -10.53 -9.69
C GLN I 177 33.29 -11.99 -9.48
N LEU I 178 32.02 -12.35 -9.68
CA LEU I 178 31.56 -13.67 -9.26
C LEU I 178 32.03 -14.77 -10.20
N LEU I 179 31.85 -14.60 -11.52
CA LEU I 179 31.99 -15.76 -12.41
C LEU I 179 33.39 -16.37 -12.40
N PRO I 180 34.49 -15.62 -12.34
CA PRO I 180 35.81 -16.28 -12.19
C PRO I 180 35.90 -17.12 -10.93
N ILE I 181 35.54 -16.57 -9.77
CA ILE I 181 35.64 -17.31 -8.52
C ILE I 181 34.77 -18.57 -8.56
N LEU I 182 33.65 -18.51 -9.27
CA LEU I 182 32.75 -19.66 -9.31
C LEU I 182 33.26 -20.72 -10.28
N ASN I 183 33.90 -20.30 -11.38
CA ASN I 183 34.24 -21.21 -12.45
C ASN I 183 35.65 -21.79 -12.37
N LYS I 184 36.66 -20.96 -12.10
CA LYS I 184 38.05 -21.43 -12.21
C LYS I 184 38.43 -22.33 -11.03
N GLN I 185 38.38 -21.78 -9.82
CA GLN I 185 38.89 -22.47 -8.64
C GLN I 185 37.95 -23.54 -8.09
N SER I 186 36.97 -23.98 -8.89
CA SER I 186 36.00 -25.00 -8.47
C SER I 186 35.21 -24.55 -7.23
N CYS I 187 34.77 -23.30 -7.25
CA CYS I 187 33.91 -22.73 -6.21
C CYS I 187 34.55 -22.81 -4.83
N SER I 188 35.65 -22.07 -4.70
CA SER I 188 36.34 -21.90 -3.42
C SER I 188 36.44 -20.40 -3.13
N ILE I 189 35.54 -19.89 -2.30
CA ILE I 189 35.47 -18.48 -1.97
C ILE I 189 36.28 -18.23 -0.69
N SER I 190 37.01 -17.12 -0.67
CA SER I 190 37.93 -16.82 0.42
C SER I 190 37.28 -16.03 1.54
N ASN I 191 36.75 -14.85 1.23
CA ASN I 191 36.24 -13.92 2.24
C ASN I 191 34.73 -13.84 2.20
N ILE I 192 34.15 -13.36 3.31
CA ILE I 192 32.71 -13.29 3.48
C ILE I 192 32.14 -11.93 3.10
N GLU I 193 32.98 -10.98 2.71
CA GLU I 193 32.46 -9.68 2.30
C GLU I 193 31.79 -9.74 0.94
N THR I 194 32.18 -10.69 0.09
CA THR I 194 31.66 -10.73 -1.27
C THR I 194 30.17 -11.11 -1.28
N VAL I 195 29.75 -12.00 -0.38
CA VAL I 195 28.35 -12.41 -0.38
C VAL I 195 27.46 -11.27 0.13
N ILE I 196 27.94 -10.52 1.13
CA ILE I 196 27.19 -9.37 1.60
C ILE I 196 27.13 -8.31 0.51
N GLU I 197 28.24 -8.09 -0.20
CA GLU I 197 28.24 -7.15 -1.31
C GLU I 197 27.21 -7.56 -2.37
N PHE I 198 27.18 -8.85 -2.70
CA PHE I 198 26.27 -9.31 -3.76
C PHE I 198 24.82 -9.18 -3.33
N GLN I 199 24.50 -9.53 -2.08
CA GLN I 199 23.11 -9.41 -1.66
C GLN I 199 22.69 -7.94 -1.56
N GLN I 200 23.62 -7.05 -1.17
CA GLN I 200 23.31 -5.63 -1.18
C GLN I 200 23.02 -5.15 -2.59
N LYS I 201 23.85 -5.55 -3.56
CA LYS I 201 23.63 -5.12 -4.94
C LYS I 201 22.35 -5.70 -5.52
N ASN I 202 21.98 -6.91 -5.09
CA ASN I 202 20.83 -7.60 -5.66
C ASN I 202 19.51 -7.23 -5.01
N ASN I 203 19.53 -6.68 -3.79
CA ASN I 203 18.29 -6.37 -3.09
C ASN I 203 17.44 -5.36 -3.85
N ARG I 204 18.06 -4.42 -4.57
CA ARG I 204 17.27 -3.43 -5.29
C ARG I 204 16.52 -4.07 -6.45
N LEU I 205 17.18 -4.96 -7.20
CA LEU I 205 16.50 -5.69 -8.27
C LEU I 205 15.39 -6.57 -7.70
N LEU I 206 15.66 -7.23 -6.57
CA LEU I 206 14.63 -8.08 -5.97
C LEU I 206 13.43 -7.25 -5.53
N GLU I 207 13.66 -6.03 -5.04
CA GLU I 207 12.55 -5.21 -4.58
C GLU I 207 11.77 -4.61 -5.75
N ILE I 208 12.45 -4.24 -6.82
CA ILE I 208 11.75 -3.84 -8.04
C ILE I 208 10.88 -5.00 -8.54
N THR I 209 11.42 -6.21 -8.52
CA THR I 209 10.66 -7.37 -8.94
C THR I 209 9.44 -7.59 -8.06
N ARG I 210 9.60 -7.43 -6.74
CA ARG I 210 8.47 -7.60 -5.83
C ARG I 210 7.39 -6.55 -6.09
N GLU I 211 7.79 -5.30 -6.27
CA GLU I 211 6.81 -4.24 -6.51
C GLU I 211 6.07 -4.47 -7.82
N PHE I 212 6.78 -4.88 -8.87
CA PHE I 212 6.12 -5.18 -10.13
C PHE I 212 5.20 -6.39 -10.01
N SER I 213 5.62 -7.42 -9.26
CA SER I 213 4.79 -8.61 -9.11
C SER I 213 3.50 -8.28 -8.38
N VAL I 214 3.57 -7.42 -7.36
CA VAL I 214 2.37 -7.10 -6.60
C VAL I 214 1.48 -6.14 -7.35
N ASN I 215 2.04 -5.12 -7.99
CA ASN I 215 1.25 -4.07 -8.63
C ASN I 215 0.89 -4.39 -10.08
N ALA I 216 1.15 -5.61 -10.55
CA ALA I 216 0.80 -6.03 -11.90
C ALA I 216 1.54 -5.22 -12.96
N GLY I 217 2.82 -4.93 -12.70
CA GLY I 217 3.67 -4.28 -13.68
C GLY I 217 3.38 -2.82 -13.95
N VAL I 218 2.62 -2.16 -13.08
CA VAL I 218 2.40 -0.71 -13.16
C VAL I 218 2.39 -0.20 -11.72
N THR I 219 3.43 0.56 -11.35
CA THR I 219 3.67 0.95 -9.96
C THR I 219 3.53 2.45 -9.80
N THR I 220 2.60 2.87 -8.96
CA THR I 220 2.49 4.25 -8.51
C THR I 220 2.19 4.23 -7.02
N PRO I 221 2.83 5.12 -6.23
CA PRO I 221 3.84 6.10 -6.63
C PRO I 221 5.21 5.47 -6.87
N VAL I 222 6.05 6.15 -7.64
CA VAL I 222 7.39 5.65 -7.93
C VAL I 222 8.18 5.60 -6.63
N SER I 223 8.53 4.40 -6.18
CA SER I 223 9.21 4.26 -4.90
C SER I 223 10.67 4.66 -5.03
N THR I 224 11.40 4.49 -3.93
CA THR I 224 12.83 4.79 -3.89
C THR I 224 13.66 3.65 -4.44
N TYR I 225 13.04 2.49 -4.71
CA TYR I 225 13.76 1.39 -5.34
C TYR I 225 13.76 1.54 -6.85
N MET I 226 12.64 1.98 -7.42
CA MET I 226 12.60 2.29 -8.85
C MET I 226 13.58 3.40 -9.19
N LEU I 227 13.37 4.57 -8.59
CA LEU I 227 14.12 5.78 -8.94
C LEU I 227 14.48 6.50 -7.66
N THR I 228 15.76 6.45 -7.27
CA THR I 228 16.18 7.07 -6.02
C THR I 228 16.07 8.59 -6.13
N ASN I 229 16.42 9.27 -5.04
CA ASN I 229 16.25 10.72 -5.01
C ASN I 229 17.32 11.42 -5.83
N SER I 230 18.57 10.98 -5.71
CA SER I 230 19.64 11.56 -6.53
C SER I 230 19.38 11.35 -8.01
N GLU I 231 18.90 10.15 -8.39
CA GLU I 231 18.62 9.89 -9.79
C GLU I 231 17.36 10.61 -10.26
N LEU I 232 16.37 10.79 -9.39
CA LEU I 232 15.22 11.60 -9.76
C LEU I 232 15.62 13.04 -10.02
N LEU I 233 16.53 13.58 -9.21
CA LEU I 233 16.99 14.94 -9.43
C LEU I 233 17.87 15.05 -10.67
N SER I 234 18.68 14.02 -10.95
CA SER I 234 19.45 14.00 -12.18
C SER I 234 18.54 13.94 -13.41
N LEU I 235 17.41 13.25 -13.30
CA LEU I 235 16.45 13.26 -14.39
C LEU I 235 15.80 14.62 -14.54
N ILE I 236 15.41 15.24 -13.41
CA ILE I 236 14.73 16.53 -13.47
C ILE I 236 15.65 17.60 -14.05
N ASN I 237 16.94 17.53 -13.76
CA ASN I 237 17.87 18.54 -14.24
C ASN I 237 18.18 18.42 -15.73
N ASP I 238 17.64 17.41 -16.42
CA ASP I 238 17.88 17.23 -17.85
C ASP I 238 16.62 17.22 -18.68
N MET I 239 15.44 17.37 -18.07
CA MET I 239 14.22 17.44 -18.84
C MET I 239 14.17 18.74 -19.64
N PRO I 240 13.52 18.75 -20.80
CA PRO I 240 13.40 19.98 -21.60
C PRO I 240 12.34 20.93 -21.06
N ILE I 241 12.71 21.67 -20.03
CA ILE I 241 11.79 22.54 -19.30
C ILE I 241 12.55 23.79 -18.85
N THR I 242 11.79 24.83 -18.48
CA THR I 242 12.40 26.05 -17.99
C THR I 242 13.12 25.80 -16.67
N ASN I 243 13.89 26.79 -16.24
CA ASN I 243 14.62 26.65 -14.99
C ASN I 243 13.70 26.75 -13.78
N ASP I 244 12.63 27.54 -13.89
CA ASP I 244 11.66 27.62 -12.80
C ASP I 244 11.01 26.28 -12.53
N GLN I 245 10.69 25.53 -13.59
CA GLN I 245 10.07 24.23 -13.42
C GLN I 245 11.06 23.23 -12.84
N LYS I 246 12.32 23.29 -13.27
CA LYS I 246 13.34 22.44 -12.66
C LYS I 246 13.46 22.73 -11.16
N LYS I 247 13.44 24.01 -10.79
CA LYS I 247 13.54 24.38 -9.37
C LYS I 247 12.34 23.86 -8.58
N LEU I 248 11.13 24.07 -9.11
CA LEU I 248 9.94 23.59 -8.44
C LEU I 248 9.97 22.08 -8.27
N MET I 249 10.26 21.35 -9.35
CA MET I 249 10.27 19.89 -9.28
C MET I 249 11.40 19.38 -8.40
N SER I 250 12.47 20.15 -8.24
CA SER I 250 13.55 19.74 -7.35
C SER I 250 13.26 20.08 -5.89
N ASN I 251 12.33 21.00 -5.63
CA ASN I 251 11.96 21.32 -4.27
C ASN I 251 10.83 20.45 -3.73
N ASN I 252 10.14 19.69 -4.58
CA ASN I 252 8.98 18.91 -4.18
C ASN I 252 9.03 17.50 -4.78
N VAL I 253 10.17 16.82 -4.64
CA VAL I 253 10.34 15.52 -5.29
C VAL I 253 9.36 14.49 -4.75
N GLN I 254 8.84 14.69 -3.53
CA GLN I 254 7.86 13.75 -3.00
C GLN I 254 6.52 13.91 -3.71
N ILE I 255 6.15 15.14 -4.07
CA ILE I 255 4.92 15.35 -4.81
C ILE I 255 5.09 14.98 -6.28
N VAL I 256 6.33 14.80 -6.74
CA VAL I 256 6.56 14.30 -8.08
C VAL I 256 6.60 12.77 -8.08
N ARG I 257 6.99 12.15 -6.97
CA ARG I 257 6.79 10.71 -6.84
C ARG I 257 5.32 10.36 -6.72
N GLN I 258 4.56 11.17 -5.97
CA GLN I 258 3.15 10.90 -5.78
C GLN I 258 2.30 11.19 -7.01
N GLN I 259 2.90 11.58 -8.14
CA GLN I 259 2.13 12.01 -9.30
C GLN I 259 2.58 11.36 -10.60
N SER I 260 3.43 10.34 -10.55
CA SER I 260 3.93 9.69 -11.75
C SER I 260 3.60 8.20 -11.69
N TYR I 261 4.07 7.48 -12.71
CA TYR I 261 3.91 6.03 -12.80
C TYR I 261 5.23 5.41 -13.23
N SER I 262 5.36 4.10 -12.98
CA SER I 262 6.54 3.34 -13.38
C SER I 262 6.07 2.09 -14.13
N ILE I 263 5.88 2.23 -15.44
CA ILE I 263 5.46 1.12 -16.28
C ILE I 263 6.63 0.17 -16.49
N MET I 264 6.35 -1.13 -16.48
CA MET I 264 7.35 -2.16 -16.73
C MET I 264 7.28 -2.55 -18.20
N CYS I 265 8.42 -2.48 -18.90
CA CYS I 265 8.39 -2.45 -20.35
C CYS I 265 8.94 -3.71 -21.01
N ILE I 266 10.20 -4.07 -20.79
CA ILE I 266 10.83 -5.06 -21.67
C ILE I 266 11.99 -5.75 -20.95
N ILE I 267 12.21 -7.01 -21.30
CA ILE I 267 13.45 -7.73 -21.06
C ILE I 267 13.83 -8.35 -22.39
N LYS I 268 14.90 -7.85 -23.01
CA LYS I 268 15.26 -8.28 -24.34
C LYS I 268 16.69 -7.83 -24.63
N GLU I 269 17.47 -8.70 -25.27
CA GLU I 269 18.86 -8.41 -25.60
C GLU I 269 19.68 -8.15 -24.34
N GLU I 270 19.34 -8.87 -23.26
CA GLU I 270 20.13 -8.89 -22.02
C GLU I 270 20.12 -7.51 -21.35
N VAL I 271 18.91 -6.97 -21.14
CA VAL I 271 18.75 -5.71 -20.42
C VAL I 271 17.33 -5.66 -19.89
N LEU I 272 17.16 -4.99 -18.75
CA LEU I 272 15.85 -4.79 -18.13
C LEU I 272 15.54 -3.30 -18.19
N ALA I 273 14.41 -2.95 -18.79
CA ALA I 273 14.05 -1.56 -19.00
C ALA I 273 12.61 -1.32 -18.56
N TYR I 274 12.41 -0.28 -17.75
CA TYR I 274 11.07 0.17 -17.38
C TYR I 274 10.97 1.66 -17.63
N VAL I 275 9.74 2.12 -17.87
CA VAL I 275 9.46 3.49 -18.25
C VAL I 275 8.89 4.23 -17.05
N VAL I 276 9.51 5.35 -16.70
CA VAL I 276 9.02 6.22 -15.63
C VAL I 276 8.31 7.39 -16.27
N GLN I 277 7.01 7.52 -15.99
CA GLN I 277 6.16 8.50 -16.65
C GLN I 277 6.05 9.75 -15.79
N LEU I 278 7.15 10.49 -15.73
CA LEU I 278 7.23 11.70 -14.92
C LEU I 278 6.23 12.74 -15.41
N PRO I 279 5.78 13.62 -14.52
CA PRO I 279 4.90 14.72 -14.92
C PRO I 279 5.69 15.96 -15.29
N LEU I 280 5.00 16.88 -15.98
CA LEU I 280 5.54 18.20 -16.24
C LEU I 280 4.42 19.23 -16.10
N TYR I 281 4.69 20.26 -15.33
CA TYR I 281 3.70 21.29 -14.99
C TYR I 281 3.93 22.50 -15.88
N GLY I 282 3.08 22.64 -16.90
CA GLY I 282 3.19 23.79 -17.78
C GLY I 282 2.67 25.08 -17.16
N VAL I 283 1.76 24.97 -16.19
CA VAL I 283 1.17 26.14 -15.53
C VAL I 283 1.74 26.21 -14.12
N ILE I 284 2.30 27.37 -13.78
CA ILE I 284 2.99 27.56 -12.51
C ILE I 284 2.73 28.98 -12.02
N ASP I 285 2.57 29.13 -10.70
CA ASP I 285 2.52 30.43 -10.03
C ASP I 285 1.36 31.28 -10.55
N THR I 286 0.15 30.78 -10.29
CA THR I 286 -1.08 31.49 -10.57
C THR I 286 -1.99 31.41 -9.36
N PRO I 287 -2.98 32.29 -9.26
CA PRO I 287 -3.86 32.29 -8.08
C PRO I 287 -4.84 31.14 -8.09
N CYS I 288 -4.79 30.33 -7.03
CA CYS I 288 -5.77 29.27 -6.78
C CYS I 288 -6.51 29.58 -5.50
N TRP I 289 -7.76 29.10 -5.40
CA TRP I 289 -8.58 29.37 -4.23
C TRP I 289 -9.53 28.20 -3.99
N LYS I 290 -9.52 27.68 -2.77
CA LYS I 290 -10.41 26.59 -2.37
C LYS I 290 -11.73 27.15 -1.85
N LEU I 291 -12.82 26.45 -2.17
CA LEU I 291 -14.16 26.87 -1.75
C LEU I 291 -14.79 25.78 -0.90
N HIS I 292 -14.98 26.06 0.38
CA HIS I 292 -15.57 25.12 1.33
C HIS I 292 -17.05 25.46 1.48
N THR I 293 -17.92 24.51 1.14
CA THR I 293 -19.35 24.73 1.25
C THR I 293 -19.93 23.91 2.39
N SER I 294 -21.17 24.25 2.77
CA SER I 294 -21.84 23.63 3.89
C SER I 294 -23.34 23.87 3.75
N PRO I 295 -24.18 22.99 4.30
CA PRO I 295 -25.63 23.16 4.12
C PRO I 295 -26.15 24.36 4.88
N LEU I 296 -27.00 25.14 4.21
CA LEU I 296 -27.65 26.30 4.79
C LEU I 296 -29.15 26.00 4.87
N CYS I 297 -29.58 25.55 6.05
CA CYS I 297 -30.96 25.11 6.25
C CYS I 297 -31.75 26.16 7.02
N THR I 298 -33.08 26.11 6.86
CA THR I 298 -33.96 26.94 7.66
C THR I 298 -34.02 26.38 9.08
N THR I 299 -34.11 27.28 10.06
CA THR I 299 -33.96 26.92 11.46
C THR I 299 -35.30 26.87 12.19
N ASN I 300 -36.35 26.37 11.53
CA ASN I 300 -37.63 26.20 12.20
C ASN I 300 -37.50 25.19 13.34
N THR I 301 -38.52 25.15 14.20
CA THR I 301 -38.44 24.39 15.44
C THR I 301 -38.68 22.90 15.21
N LYS I 302 -39.64 22.55 14.35
CA LYS I 302 -40.08 21.18 14.21
C LYS I 302 -39.09 20.38 13.34
N GLU I 303 -39.48 19.16 12.97
CA GLU I 303 -38.69 18.36 12.04
C GLU I 303 -39.14 18.54 10.60
N GLY I 304 -40.40 18.94 10.38
CA GLY I 304 -40.89 19.29 9.08
C GLY I 304 -40.88 20.80 8.86
N SER I 305 -41.47 21.20 7.75
CA SER I 305 -41.59 22.60 7.33
C SER I 305 -40.23 23.26 7.11
N ASN I 306 -39.14 22.49 7.11
CA ASN I 306 -37.80 23.00 6.90
C ASN I 306 -37.28 22.58 5.53
N ILE I 307 -36.33 23.37 5.03
CA ILE I 307 -35.72 23.15 3.73
C ILE I 307 -34.25 23.52 3.83
N CYS I 308 -33.40 22.71 3.21
CA CYS I 308 -31.97 22.97 3.20
C CYS I 308 -31.53 23.48 1.84
N LEU I 309 -30.23 23.72 1.71
CA LEU I 309 -29.62 24.27 0.51
C LEU I 309 -28.11 24.14 0.67
N THR I 310 -27.43 23.76 -0.43
CA THR I 310 -26.00 23.55 -0.38
C THR I 310 -25.42 23.78 -1.76
N ARG I 311 -24.42 24.65 -1.84
CA ARG I 311 -23.70 24.83 -3.10
C ARG I 311 -22.79 23.63 -3.32
N THR I 312 -22.79 23.11 -4.54
CA THR I 312 -22.09 21.86 -4.84
C THR I 312 -20.69 22.08 -5.39
N ASP I 313 -20.41 23.24 -5.96
CA ASP I 313 -19.13 23.49 -6.62
C ASP I 313 -18.06 23.78 -5.58
N ARG I 314 -17.77 22.77 -4.76
CA ARG I 314 -16.73 22.85 -3.75
C ARG I 314 -15.47 22.18 -4.27
N GLY I 315 -14.32 22.77 -3.98
CA GLY I 315 -13.07 22.20 -4.42
C GLY I 315 -12.05 23.24 -4.83
N TRP I 316 -10.85 22.77 -5.20
CA TRP I 316 -9.78 23.66 -5.62
C TRP I 316 -10.11 24.27 -6.98
N TYR I 317 -10.13 25.59 -7.06
CA TYR I 317 -10.13 26.29 -8.32
C TYR I 317 -8.72 26.80 -8.58
N CYS I 318 -8.38 26.97 -9.85
CA CYS I 318 -7.08 27.52 -10.21
C CYS I 318 -7.24 28.40 -11.44
N ASP I 319 -6.13 28.75 -12.06
CA ASP I 319 -6.14 29.70 -13.17
C ASP I 319 -4.93 29.39 -14.03
N ASN I 320 -5.17 28.93 -15.26
CA ASN I 320 -4.08 28.49 -16.13
C ASN I 320 -3.88 29.38 -17.34
N ALA I 321 -4.88 29.54 -18.20
CA ALA I 321 -4.73 30.38 -19.40
C ALA I 321 -6.10 30.92 -19.77
N GLY I 322 -6.40 32.14 -19.31
CA GLY I 322 -7.63 32.81 -19.63
C GLY I 322 -8.89 32.15 -19.10
N SER I 323 -8.79 30.99 -18.47
CA SER I 323 -9.95 30.29 -17.94
C SER I 323 -9.59 29.66 -16.60
N VAL I 324 -10.61 29.24 -15.88
CA VAL I 324 -10.47 28.71 -14.53
C VAL I 324 -10.58 27.20 -14.59
N SER I 325 -9.53 26.51 -14.14
CA SER I 325 -9.64 25.08 -13.92
C SER I 325 -10.45 24.81 -12.65
N PHE I 326 -11.09 23.64 -12.62
CA PHE I 326 -11.94 23.27 -11.49
C PHE I 326 -11.70 21.80 -11.20
N PHE I 327 -11.22 21.50 -9.98
CA PHE I 327 -10.87 20.15 -9.58
C PHE I 327 -11.89 19.69 -8.54
N PRO I 328 -12.96 19.01 -8.95
CA PRO I 328 -14.13 18.87 -8.06
C PRO I 328 -13.92 17.97 -6.87
N GLN I 329 -12.90 17.12 -6.87
CA GLN I 329 -12.76 16.18 -5.78
C GLN I 329 -12.06 16.79 -4.57
N ALA I 330 -11.13 17.72 -4.80
CA ALA I 330 -10.28 18.34 -3.79
C ALA I 330 -9.33 17.35 -3.14
N GLU I 331 -9.31 16.09 -3.60
CA GLU I 331 -8.28 15.13 -3.22
C GLU I 331 -7.42 14.73 -4.41
N THR I 332 -7.77 15.19 -5.62
CA THR I 332 -6.89 15.10 -6.76
C THR I 332 -5.73 16.09 -6.67
N CYS I 333 -5.81 17.05 -5.75
CA CYS I 333 -4.81 18.10 -5.60
C CYS I 333 -4.09 17.91 -4.28
N LYS I 334 -2.78 17.70 -4.34
CA LYS I 334 -1.95 17.74 -3.15
C LYS I 334 -1.65 19.18 -2.80
N VAL I 335 -1.40 19.43 -1.51
CA VAL I 335 -1.16 20.78 -1.03
C VAL I 335 0.17 20.79 -0.28
N GLN I 336 0.93 21.85 -0.49
CA GLN I 336 2.20 22.10 0.17
C GLN I 336 2.08 23.39 0.96
N SER I 337 3.22 23.90 1.42
CA SER I 337 3.27 25.14 2.19
C SER I 337 2.33 26.20 1.66
N ASN I 338 2.46 26.54 0.37
CA ASN I 338 1.54 27.48 -0.25
C ASN I 338 1.15 27.12 -1.67
N ARG I 339 1.61 25.98 -2.20
CA ARG I 339 1.40 25.63 -3.60
C ARG I 339 0.53 24.38 -3.70
N VAL I 340 -0.45 24.44 -4.60
CA VAL I 340 -1.39 23.35 -4.81
C VAL I 340 -0.95 22.58 -6.04
N PHE I 341 -0.55 21.32 -5.84
CA PHE I 341 -0.12 20.46 -6.94
C PHE I 341 -1.32 19.69 -7.46
N CYS I 342 -2.03 20.30 -8.39
CA CYS I 342 -3.24 19.73 -8.95
C CYS I 342 -2.90 18.85 -10.16
N ASP I 343 -3.92 18.44 -10.90
CA ASP I 343 -3.74 17.53 -12.03
C ASP I 343 -4.87 17.79 -13.02
N THR I 344 -4.53 18.27 -14.22
CA THR I 344 -5.53 18.68 -15.18
C THR I 344 -6.30 17.51 -15.80
N MET I 345 -5.91 16.27 -15.50
CA MET I 345 -6.68 15.14 -15.99
C MET I 345 -8.02 15.02 -15.26
N ASN I 346 -8.05 15.41 -13.99
CA ASN I 346 -9.24 15.33 -13.15
C ASN I 346 -9.89 16.69 -12.94
N SER I 347 -9.93 17.53 -13.96
CA SER I 347 -10.35 18.92 -13.82
C SER I 347 -11.44 19.26 -14.81
N LEU I 348 -11.99 20.47 -14.65
CA LEU I 348 -12.99 21.03 -15.55
C LEU I 348 -12.61 22.47 -15.84
N THR I 349 -12.71 22.90 -17.09
CA THR I 349 -12.34 24.24 -17.49
C THR I 349 -13.56 25.14 -17.52
N LEU I 350 -13.48 26.27 -16.82
CA LEU I 350 -14.59 27.19 -16.62
C LEU I 350 -14.10 28.62 -16.78
N PRO I 351 -15.00 29.57 -16.95
CA PRO I 351 -14.60 30.98 -16.97
C PRO I 351 -14.39 31.54 -15.56
N SER I 352 -14.09 32.84 -15.50
CA SER I 352 -13.89 33.52 -14.22
C SER I 352 -15.21 33.85 -13.52
N GLU I 353 -16.32 33.64 -14.19
CA GLU I 353 -17.59 33.86 -13.50
C GLU I 353 -17.82 32.83 -12.40
N VAL I 354 -16.96 31.81 -12.26
CA VAL I 354 -16.98 31.00 -11.04
C VAL I 354 -16.55 31.84 -9.85
N ASN I 355 -15.46 32.60 -10.00
CA ASN I 355 -15.10 33.57 -8.96
C ASN I 355 -16.19 34.60 -8.80
N LEU I 356 -16.89 34.95 -9.89
CA LEU I 356 -18.03 35.85 -9.75
C LEU I 356 -19.09 35.26 -8.82
N CYS I 357 -19.42 33.97 -9.01
CA CYS I 357 -20.33 33.29 -8.09
C CYS I 357 -19.80 33.33 -6.67
N ASN I 358 -18.48 33.15 -6.51
CA ASN I 358 -17.88 33.25 -5.18
C ASN I 358 -18.17 34.59 -4.54
N VAL I 359 -18.09 35.68 -5.31
CA VAL I 359 -18.35 37.01 -4.75
C VAL I 359 -19.85 37.20 -4.53
N ASP I 360 -20.64 37.17 -5.60
CA ASP I 360 -22.09 37.29 -5.54
C ASP I 360 -22.71 36.07 -6.20
N ILE I 361 -23.85 35.61 -5.65
CA ILE I 361 -24.42 34.34 -6.09
C ILE I 361 -25.65 34.51 -6.98
N PHE I 362 -26.26 35.69 -7.01
CA PHE I 362 -27.38 35.94 -7.92
C PHE I 362 -26.94 36.71 -9.16
N ASN I 363 -25.65 36.69 -9.48
CA ASN I 363 -25.16 37.39 -10.66
C ASN I 363 -25.75 36.78 -11.92
N PRO I 364 -26.00 37.58 -12.96
CA PRO I 364 -26.58 37.04 -14.18
C PRO I 364 -25.59 36.35 -15.10
N LYS I 365 -24.29 36.55 -14.92
CA LYS I 365 -23.29 36.04 -15.83
C LYS I 365 -22.82 34.63 -15.48
N TYR I 366 -23.51 33.95 -14.58
CA TYR I 366 -23.19 32.57 -14.24
C TYR I 366 -24.35 31.97 -13.46
N ASP I 367 -24.55 30.67 -13.63
CA ASP I 367 -25.57 29.91 -12.92
C ASP I 367 -24.85 29.11 -11.83
N CYS I 368 -24.88 29.61 -10.60
CA CYS I 368 -24.18 28.95 -9.51
C CYS I 368 -24.90 27.66 -9.15
N LYS I 369 -24.12 26.62 -8.85
CA LYS I 369 -24.63 25.26 -8.72
C LYS I 369 -24.94 24.95 -7.25
N ILE I 370 -26.23 24.74 -6.95
CA ILE I 370 -26.69 24.44 -5.61
C ILE I 370 -27.46 23.13 -5.63
N MET I 371 -27.54 22.49 -4.46
CA MET I 371 -28.38 21.32 -4.26
C MET I 371 -29.30 21.55 -3.07
N THR I 372 -30.49 20.97 -3.14
CA THR I 372 -31.51 21.12 -2.10
C THR I 372 -31.65 19.83 -1.31
N SER I 373 -32.39 19.92 -0.22
CA SER I 373 -32.69 18.79 0.66
C SER I 373 -33.77 19.23 1.65
N LYS I 374 -34.11 18.33 2.57
CA LYS I 374 -34.97 18.64 3.69
C LYS I 374 -34.41 18.11 5.00
N THR I 375 -33.18 17.62 5.00
CA THR I 375 -32.59 16.95 6.16
C THR I 375 -31.73 17.94 6.93
N ASP I 376 -32.28 18.49 8.00
CA ASP I 376 -31.51 19.36 8.90
C ASP I 376 -30.61 18.47 9.74
N VAL I 377 -29.39 18.24 9.26
CA VAL I 377 -28.38 17.48 9.97
C VAL I 377 -27.27 18.43 10.38
N SER I 378 -26.71 18.21 11.56
CA SER I 378 -25.66 19.07 12.09
C SER I 378 -24.29 18.53 11.69
N SER I 379 -23.41 19.42 11.28
CA SER I 379 -22.10 19.05 10.79
C SER I 379 -21.19 20.27 10.85
N SER I 380 -19.96 20.11 10.38
CA SER I 380 -18.99 21.20 10.37
C SER I 380 -17.92 20.91 9.34
N VAL I 381 -17.59 21.91 8.54
CA VAL I 381 -16.61 21.77 7.46
C VAL I 381 -15.34 22.48 7.91
N ILE I 382 -14.36 21.72 8.41
CA ILE I 382 -13.10 22.31 8.83
C ILE I 382 -12.41 22.92 7.62
N THR I 383 -12.24 24.23 7.63
CA THR I 383 -11.57 24.95 6.56
C THR I 383 -10.09 25.09 6.90
N SER I 384 -9.37 25.95 6.17
CA SER I 384 -7.93 26.11 6.35
C SER I 384 -7.59 27.10 7.45
N LEU I 385 -8.37 28.16 7.61
CA LEU I 385 -8.18 29.17 8.65
C LEU I 385 -9.49 29.44 9.36
N GLY I 386 -10.19 28.38 9.73
CA GLY I 386 -11.47 28.51 10.39
C GLY I 386 -12.16 27.17 10.46
N ALA I 387 -13.46 27.22 10.77
CA ALA I 387 -14.28 26.02 10.76
C ALA I 387 -15.73 26.44 10.64
N ILE I 388 -16.35 26.14 9.50
CA ILE I 388 -17.79 26.33 9.36
C ILE I 388 -18.50 25.38 10.30
N VAL I 389 -19.57 25.84 10.93
CA VAL I 389 -20.30 25.05 11.92
C VAL I 389 -21.79 25.25 11.65
N SER I 390 -22.44 24.24 11.10
CA SER I 390 -23.89 24.24 10.94
C SER I 390 -24.51 23.41 12.06
N CYS I 391 -25.46 24.01 12.78
CA CYS I 391 -26.02 23.41 13.99
C CYS I 391 -27.54 23.54 13.95
N TYR I 392 -28.21 22.53 13.42
CA TYR I 392 -29.65 22.54 13.25
C TYR I 392 -30.31 21.52 14.17
N GLY I 393 -31.62 21.68 14.34
CA GLY I 393 -32.38 20.76 15.17
C GLY I 393 -32.19 21.05 16.64
N LYS I 394 -32.05 19.98 17.42
CA LYS I 394 -31.77 20.08 18.86
C LYS I 394 -30.37 19.57 19.18
N THR I 395 -29.45 19.68 18.23
CA THR I 395 -28.07 19.31 18.47
C THR I 395 -27.35 20.44 19.23
N LYS I 396 -26.36 20.05 20.03
CA LYS I 396 -25.62 21.00 20.86
C LYS I 396 -24.21 21.13 20.30
N CYS I 397 -23.91 22.28 19.71
CA CYS I 397 -22.62 22.55 19.11
C CYS I 397 -21.90 23.64 19.89
N THR I 398 -20.57 23.53 19.95
CA THR I 398 -19.76 24.48 20.70
C THR I 398 -18.43 24.65 19.99
N ALA I 399 -17.71 25.71 20.36
CA ALA I 399 -16.37 25.98 19.88
C ALA I 399 -15.47 26.15 21.11
N SER I 400 -14.60 25.17 21.34
CA SER I 400 -13.86 25.09 22.59
C SER I 400 -12.40 25.44 22.37
N ASN I 401 -11.84 26.23 23.29
CA ASN I 401 -10.41 26.48 23.36
C ASN I 401 -9.75 25.30 24.09
N LYS I 402 -8.47 25.46 24.46
CA LYS I 402 -7.78 24.44 25.22
C LYS I 402 -7.43 24.87 26.63
N ASN I 403 -7.10 26.14 26.84
CA ASN I 403 -6.74 26.63 28.16
C ASN I 403 -7.95 27.06 28.98
N ARG I 404 -8.94 27.68 28.32
CA ARG I 404 -10.12 28.19 29.02
C ARG I 404 -11.28 27.21 28.99
N GLY I 405 -11.59 26.64 27.82
CA GLY I 405 -12.71 25.74 27.66
C GLY I 405 -13.66 26.23 26.58
N ILE I 406 -14.96 26.02 26.80
CA ILE I 406 -15.98 26.32 25.80
C ILE I 406 -16.19 27.82 25.72
N ILE I 407 -15.62 28.45 24.70
CA ILE I 407 -15.70 29.91 24.55
C ILE I 407 -16.91 30.36 23.76
N LYS I 408 -17.59 29.46 23.05
CA LYS I 408 -18.72 29.85 22.22
C LYS I 408 -19.73 28.71 22.18
N THR I 409 -21.01 29.09 22.04
CA THR I 409 -22.12 28.15 21.96
C THR I 409 -22.95 28.54 20.74
N PHE I 410 -22.78 27.82 19.64
CA PHE I 410 -23.51 28.13 18.42
C PHE I 410 -25.00 27.88 18.62
N SER I 411 -25.81 28.73 18.01
CA SER I 411 -27.26 28.59 18.02
C SER I 411 -27.71 27.97 16.70
N ASN I 412 -29.02 27.92 16.49
CA ASN I 412 -29.54 27.36 15.25
C ASN I 412 -29.10 28.22 14.07
N GLY I 413 -28.55 27.56 13.05
CA GLY I 413 -28.00 28.26 11.91
C GLY I 413 -26.53 27.93 11.73
N CYS I 414 -26.00 28.10 10.53
CA CYS I 414 -24.59 27.81 10.27
C CYS I 414 -23.76 29.06 10.53
N ASP I 415 -22.70 28.91 11.31
CA ASP I 415 -21.85 30.03 11.68
C ASP I 415 -20.41 29.67 11.36
N TYR I 416 -19.46 30.52 11.75
CA TYR I 416 -18.07 30.32 11.37
C TYR I 416 -17.18 30.99 12.41
N VAL I 417 -16.21 30.25 12.92
CA VAL I 417 -15.22 30.79 13.84
C VAL I 417 -13.83 30.62 13.24
N SER I 418 -12.96 31.58 13.53
CA SER I 418 -11.59 31.55 13.04
C SER I 418 -10.79 30.55 13.86
N ASN I 419 -9.48 30.51 13.64
CA ASN I 419 -8.58 29.63 14.38
C ASN I 419 -7.63 30.41 15.29
N LYS I 420 -8.00 31.64 15.66
CA LYS I 420 -7.19 32.40 16.60
C LYS I 420 -7.44 31.95 18.03
N GLY I 421 -8.68 32.07 18.49
CA GLY I 421 -9.02 31.68 19.84
C GLY I 421 -9.78 30.38 19.93
N VAL I 422 -9.61 29.52 18.94
CA VAL I 422 -10.28 28.22 18.89
C VAL I 422 -9.22 27.16 18.60
N ASP I 423 -9.34 26.01 19.25
CA ASP I 423 -8.45 24.89 19.03
C ASP I 423 -9.18 23.61 18.65
N THR I 424 -10.41 23.41 19.13
CA THR I 424 -11.27 22.32 18.70
C THR I 424 -12.67 22.87 18.50
N VAL I 425 -13.46 22.13 17.72
CA VAL I 425 -14.87 22.45 17.50
C VAL I 425 -15.66 21.18 17.74
N SER I 426 -16.65 21.25 18.63
CA SER I 426 -17.46 20.11 19.01
C SER I 426 -18.87 20.29 18.48
N VAL I 427 -19.26 19.47 17.52
CA VAL I 427 -20.63 19.42 17.02
C VAL I 427 -21.20 18.06 17.40
N GLY I 428 -22.37 18.06 18.05
CA GLY I 428 -22.99 16.84 18.53
C GLY I 428 -22.05 15.98 19.36
N ASN I 429 -21.82 14.75 18.91
CA ASN I 429 -20.90 13.83 19.57
C ASN I 429 -19.58 13.70 18.82
N THR I 430 -19.30 14.60 17.88
CA THR I 430 -18.13 14.52 17.01
C THR I 430 -17.23 15.71 17.28
N LEU I 431 -16.13 15.50 17.98
CA LEU I 431 -15.16 16.55 18.27
C LEU I 431 -14.30 16.78 17.04
N TYR I 432 -14.39 17.95 16.43
CA TYR I 432 -13.54 18.33 15.31
C TYR I 432 -12.40 19.21 15.78
N TYR I 433 -11.21 18.94 15.30
CA TYR I 433 -10.06 19.81 15.55
C TYR I 433 -9.91 20.81 14.41
N VAL I 434 -9.21 21.90 14.71
CA VAL I 434 -9.06 23.01 13.78
C VAL I 434 -7.58 23.15 13.40
N ASN I 435 -7.33 23.62 12.19
CA ASN I 435 -5.97 23.77 11.71
C ASN I 435 -5.37 25.08 12.21
N LYS I 436 -4.11 25.00 12.63
CA LYS I 436 -3.40 26.15 13.19
C LYS I 436 -2.54 26.88 12.18
N GLN I 437 -2.97 26.88 10.91
CA GLN I 437 -2.29 27.70 9.91
C GLN I 437 -2.55 29.18 10.19
N GLU I 438 -1.57 30.01 9.86
CA GLU I 438 -1.61 31.43 10.18
C GLU I 438 -2.05 32.23 8.97
N GLY I 439 -3.04 33.10 9.16
CA GLY I 439 -3.54 33.93 8.08
C GLY I 439 -4.50 34.96 8.64
N LYS I 440 -5.12 35.69 7.73
CA LYS I 440 -6.08 36.74 8.08
C LYS I 440 -7.48 36.26 7.70
N SER I 441 -8.12 35.55 8.62
CA SER I 441 -9.50 35.14 8.40
C SER I 441 -10.43 36.36 8.49
N LEU I 442 -11.47 36.35 7.67
CA LEU I 442 -12.43 37.45 7.62
C LEU I 442 -13.81 36.91 7.95
N TYR I 443 -14.82 37.78 7.80
CA TYR I 443 -16.22 37.41 8.00
C TYR I 443 -17.06 38.42 7.25
N VAL I 444 -17.88 37.93 6.33
CA VAL I 444 -18.71 38.78 5.48
C VAL I 444 -20.17 38.51 5.85
N LYS I 445 -20.72 39.37 6.69
CA LYS I 445 -22.10 39.18 7.15
C LYS I 445 -23.09 39.39 6.02
N GLY I 446 -24.21 38.68 6.12
CA GLY I 446 -25.24 38.77 5.10
C GLY I 446 -26.42 37.90 5.50
N GLU I 447 -27.48 38.02 4.73
CA GLU I 447 -28.67 37.25 5.05
C GLU I 447 -28.61 35.88 4.37
N PRO I 448 -28.98 34.82 5.08
CA PRO I 448 -29.04 33.49 4.46
C PRO I 448 -30.07 33.48 3.34
N ILE I 449 -29.60 33.18 2.12
CA ILE I 449 -30.44 33.27 0.93
C ILE I 449 -31.67 32.38 1.03
N ILE I 450 -31.64 31.35 1.88
CA ILE I 450 -32.80 30.46 2.02
C ILE I 450 -33.96 31.12 2.73
N ASN I 451 -33.78 32.32 3.25
CA ASN I 451 -34.88 33.10 3.81
C ASN I 451 -35.61 33.92 2.76
N PHE I 452 -35.47 33.55 1.49
CA PHE I 452 -36.21 34.17 0.40
C PHE I 452 -37.15 33.20 -0.31
N TYR I 453 -36.94 31.90 -0.17
CA TYR I 453 -37.78 30.90 -0.81
C TYR I 453 -38.92 30.53 0.14
N ASP I 454 -40.16 30.69 -0.31
CA ASP I 454 -41.29 30.21 0.47
C ASP I 454 -41.27 28.69 0.46
N PRO I 455 -41.28 28.02 1.62
CA PRO I 455 -41.06 26.57 1.64
C PRO I 455 -42.17 25.77 0.96
N LEU I 456 -43.30 26.39 0.65
CA LEU I 456 -44.41 25.66 0.02
C LEU I 456 -44.14 25.31 -1.43
N VAL I 457 -43.11 25.88 -2.05
CA VAL I 457 -42.81 25.63 -3.46
C VAL I 457 -41.35 25.27 -3.70
N PHE I 458 -40.51 25.29 -2.66
CA PHE I 458 -39.09 25.00 -2.78
C PHE I 458 -38.87 23.58 -3.26
N PRO I 459 -38.31 23.39 -4.46
CA PRO I 459 -38.05 22.03 -4.95
C PRO I 459 -36.95 21.36 -4.14
N SER I 460 -37.34 20.37 -3.33
CA SER I 460 -36.52 19.87 -2.24
C SER I 460 -35.89 18.50 -2.53
N ASP I 461 -35.51 18.26 -3.78
CA ASP I 461 -34.75 17.05 -4.11
C ASP I 461 -33.91 17.34 -5.35
N GLU I 462 -32.63 17.60 -5.16
CA GLU I 462 -31.72 17.93 -6.25
C GLU I 462 -30.31 17.47 -5.88
N PHE I 463 -29.51 17.20 -6.91
CA PHE I 463 -28.08 17.00 -6.73
C PHE I 463 -27.24 17.70 -7.78
N ASP I 464 -27.82 18.11 -8.91
CA ASP I 464 -27.11 18.88 -9.93
C ASP I 464 -27.96 20.05 -10.38
N ALA I 465 -28.57 20.75 -9.43
CA ALA I 465 -29.41 21.89 -9.75
C ALA I 465 -28.58 23.15 -9.82
N SER I 466 -29.26 24.28 -10.00
CA SER I 466 -28.64 25.59 -9.98
C SER I 466 -29.66 26.58 -9.44
N ILE I 467 -29.39 27.87 -9.60
CA ILE I 467 -30.33 28.88 -9.14
C ILE I 467 -31.33 29.24 -10.22
N SER I 468 -30.91 29.25 -11.49
CA SER I 468 -31.88 29.49 -12.55
C SER I 468 -32.80 28.29 -12.74
N GLN I 469 -32.27 27.08 -12.56
CA GLN I 469 -33.12 25.89 -12.62
C GLN I 469 -34.15 25.90 -11.50
N VAL I 470 -33.72 26.18 -10.27
CA VAL I 470 -34.64 26.23 -9.15
C VAL I 470 -35.65 27.35 -9.33
N ASN I 471 -35.21 28.49 -9.87
CA ASN I 471 -36.13 29.59 -10.13
C ASN I 471 -37.17 29.22 -11.20
N GLU I 472 -36.76 28.48 -12.23
CA GLU I 472 -37.72 28.04 -13.22
C GLU I 472 -38.71 27.03 -12.64
N LYS I 473 -38.22 26.13 -11.79
CA LYS I 473 -39.12 25.20 -11.12
C LYS I 473 -40.14 25.94 -10.27
N ILE I 474 -39.66 26.94 -9.53
CA ILE I 474 -40.56 27.68 -8.64
C ILE I 474 -41.61 28.40 -9.49
N ASN I 475 -41.21 29.00 -10.61
CA ASN I 475 -42.21 29.77 -11.39
C ASN I 475 -43.26 28.80 -11.93
N GLN I 476 -42.83 27.75 -12.62
CA GLN I 476 -43.80 26.81 -13.20
C GLN I 476 -44.71 26.35 -12.07
N SER I 477 -44.15 26.12 -10.88
CA SER I 477 -45.03 25.75 -9.77
C SER I 477 -46.06 26.84 -9.51
N LEU I 478 -45.60 28.09 -9.41
CA LEU I 478 -46.52 29.20 -9.18
C LEU I 478 -47.47 29.39 -10.36
N ALA I 479 -47.02 29.09 -11.58
CA ALA I 479 -47.90 29.12 -12.73
C ALA I 479 -49.01 28.08 -12.58
N PHE I 480 -48.65 26.86 -12.16
CA PHE I 480 -49.65 25.84 -11.91
C PHE I 480 -50.63 26.27 -10.84
N ILE I 481 -50.14 26.90 -9.77
CA ILE I 481 -51.02 27.33 -8.69
C ILE I 481 -51.98 28.41 -9.19
N ARG I 482 -51.48 29.38 -9.96
CA ARG I 482 -52.35 30.46 -10.43
C ARG I 482 -53.35 29.94 -11.45
N LYS I 483 -52.95 28.98 -12.29
CA LYS I 483 -53.88 28.41 -13.24
C LYS I 483 -54.93 27.55 -12.53
N SER I 484 -54.57 26.93 -11.40
CA SER I 484 -55.54 26.15 -10.67
C SER I 484 -56.53 27.05 -9.93
N ASP I 485 -56.08 28.17 -9.38
CA ASP I 485 -56.95 28.99 -8.56
C ASP I 485 -57.70 30.06 -9.35
N GLU I 486 -57.31 30.34 -10.60
CA GLU I 486 -58.10 31.24 -11.43
C GLU I 486 -59.05 30.51 -12.37
N LEU I 487 -58.97 29.18 -12.44
CA LEU I 487 -59.93 28.39 -13.21
C LEU I 487 -60.98 27.77 -12.30
#